data_2L27
#
_entry.id   2L27
#
loop_
_entity.id
_entity.type
_entity.pdbx_description
1 polymer 'Corticotropin-releasing factor receptor 1'
2 polymer 'peptide agonist'
#
loop_
_entity_poly.entity_id
_entity_poly.type
_entity_poly.pdbx_seq_one_letter_code
_entity_poly.pdbx_strand_id
1 'polypeptide(L)'
;LQDQHCESLSLASNISGLQCNASVDLIGTCWPRSPAGQLVVRPCPAFFYGVRYNTTNNGYRECLANGSWAARVNYSECQE
ILNE
;
A
2 'polypeptide(L)' PPISLDLTFNLLREVLEIAKAEQEAEEAAKNRLLLEEA B
#
# COMPACT_ATOMS: atom_id res chain seq x y z
N LEU A 1 21.18 -6.49 -0.28
CA LEU A 1 20.44 -7.03 -1.46
C LEU A 1 19.32 -6.09 -1.92
N GLN A 2 18.37 -5.81 -1.03
CA GLN A 2 17.25 -4.92 -1.37
C GLN A 2 17.73 -3.48 -1.55
N ASP A 3 18.55 -2.98 -0.62
CA ASP A 3 19.07 -1.62 -0.67
C ASP A 3 19.59 -1.27 -2.08
N GLN A 4 20.65 -1.95 -2.53
CA GLN A 4 21.21 -1.69 -3.86
C GLN A 4 20.10 -1.64 -4.93
N HIS A 5 19.18 -2.59 -4.86
CA HIS A 5 18.06 -2.64 -5.81
C HIS A 5 17.18 -1.40 -5.67
N CYS A 6 16.92 -1.00 -4.41
CA CYS A 6 16.13 0.20 -4.14
C CYS A 6 16.91 1.45 -4.51
N GLU A 7 18.20 1.47 -4.15
CA GLU A 7 19.09 2.60 -4.45
C GLU A 7 19.28 2.75 -5.96
N SER A 8 19.67 1.65 -6.61
CA SER A 8 19.89 1.66 -8.06
C SER A 8 18.57 1.75 -8.84
N LEU A 9 17.44 1.61 -8.14
CA LEU A 9 16.12 1.67 -8.77
C LEU A 9 15.97 2.93 -9.64
N SER A 10 16.53 4.05 -9.18
CA SER A 10 16.46 5.30 -9.93
C SER A 10 17.76 5.55 -10.70
N LEU A 11 18.89 5.57 -9.98
CA LEU A 11 20.21 5.79 -10.58
C LEU A 11 20.39 7.25 -11.03
N ALA A 12 21.66 7.67 -11.14
CA ALA A 12 22.02 9.03 -11.57
C ALA A 12 21.10 10.11 -10.96
N SER A 13 21.10 10.21 -9.63
CA SER A 13 20.28 11.20 -8.92
C SER A 13 21.05 12.51 -8.74
N ASN A 14 22.25 12.41 -8.15
CA ASN A 14 23.12 13.57 -7.91
C ASN A 14 22.40 14.69 -7.14
N ILE A 15 21.76 14.32 -6.02
CA ILE A 15 21.06 15.29 -5.19
C ILE A 15 22.00 15.93 -4.17
N SER A 16 22.32 17.21 -4.37
CA SER A 16 23.22 17.95 -3.47
C SER A 16 22.58 18.19 -2.10
N GLY A 17 22.26 17.11 -1.39
CA GLY A 17 21.65 17.22 -0.07
C GLY A 17 20.13 17.19 -0.10
N LEU A 18 19.52 17.01 1.07
CA LEU A 18 18.06 16.96 1.20
C LEU A 18 17.44 15.84 0.36
N GLN A 19 17.44 14.62 0.89
CA GLN A 19 16.88 13.47 0.18
C GLN A 19 16.61 12.30 1.12
N CYS A 20 15.85 11.33 0.63
CA CYS A 20 15.50 10.13 1.41
C CYS A 20 16.31 8.92 0.92
N ASN A 21 16.56 7.98 1.83
CA ASN A 21 17.33 6.77 1.50
C ASN A 21 16.45 5.75 0.77
N ALA A 22 16.92 5.28 -0.39
CA ALA A 22 16.19 4.31 -1.20
C ALA A 22 16.31 2.89 -0.65
N SER A 23 15.29 2.48 0.10
CA SER A 23 15.25 1.13 0.70
C SER A 23 13.82 0.71 1.02
N VAL A 24 13.64 -0.13 2.04
CA VAL A 24 12.30 -0.60 2.44
C VAL A 24 11.82 0.11 3.71
N ASP A 25 10.50 0.26 3.82
CA ASP A 25 9.89 0.93 4.97
C ASP A 25 9.06 -0.06 5.80
N LEU A 26 8.02 -0.62 5.19
CA LEU A 26 7.14 -1.58 5.87
C LEU A 26 7.14 -2.92 5.15
N ILE A 27 6.43 -3.00 4.02
CA ILE A 27 6.34 -4.23 3.23
C ILE A 27 7.53 -4.37 2.27
N GLY A 28 7.59 -5.49 1.56
CA GLY A 28 8.68 -5.72 0.61
C GLY A 28 8.57 -4.87 -0.64
N THR A 29 8.60 -3.56 -0.47
CA THR A 29 8.52 -2.62 -1.60
C THR A 29 9.82 -1.84 -1.74
N CYS A 30 10.37 -1.82 -2.95
CA CYS A 30 11.61 -1.10 -3.20
C CYS A 30 11.34 0.35 -3.58
N TRP A 31 11.64 1.27 -2.67
CA TRP A 31 11.43 2.70 -2.91
C TRP A 31 12.72 3.37 -3.38
N PRO A 32 12.66 4.12 -4.50
CA PRO A 32 13.84 4.81 -5.06
C PRO A 32 14.18 6.10 -4.32
N ARG A 33 15.40 6.59 -4.52
CA ARG A 33 15.84 7.82 -3.87
C ARG A 33 15.24 9.05 -4.55
N SER A 34 14.81 10.02 -3.74
CA SER A 34 14.22 11.24 -4.25
C SER A 34 14.59 12.44 -3.38
N PRO A 35 14.56 13.66 -3.94
CA PRO A 35 14.90 14.88 -3.19
C PRO A 35 13.91 15.15 -2.06
N ALA A 36 14.41 15.74 -0.98
CA ALA A 36 13.57 16.06 0.18
C ALA A 36 12.39 16.95 -0.21
N GLY A 37 11.22 16.61 0.30
CA GLY A 37 10.01 17.38 -0.01
C GLY A 37 9.39 16.99 -1.32
N GLN A 38 9.18 15.68 -1.51
CA GLN A 38 8.59 15.17 -2.75
C GLN A 38 7.56 14.08 -2.44
N LEU A 39 6.40 14.18 -3.08
CA LEU A 39 5.34 13.19 -2.89
C LEU A 39 5.66 11.90 -3.64
N VAL A 40 6.52 11.06 -3.02
CA VAL A 40 6.94 9.79 -3.62
C VAL A 40 5.75 8.85 -3.87
N VAL A 41 5.07 9.07 -5.00
CA VAL A 41 3.91 8.28 -5.38
C VAL A 41 4.31 7.00 -6.13
N ARG A 42 3.71 5.88 -5.73
CA ARG A 42 3.98 4.57 -6.35
C ARG A 42 3.28 3.45 -5.58
N PRO A 43 2.18 2.90 -6.14
CA PRO A 43 1.42 1.82 -5.50
C PRO A 43 2.18 0.49 -5.50
N CYS A 44 1.50 -0.57 -5.04
CA CYS A 44 2.10 -1.91 -4.99
C CYS A 44 2.00 -2.62 -6.33
N PRO A 45 2.88 -3.61 -6.59
CA PRO A 45 2.87 -4.37 -7.85
C PRO A 45 1.64 -5.26 -8.00
N ALA A 46 1.51 -5.89 -9.17
CA ALA A 46 0.38 -6.78 -9.42
C ALA A 46 0.52 -8.07 -8.62
N PHE A 47 -0.46 -8.32 -7.74
CA PHE A 47 -0.45 -9.51 -6.87
C PHE A 47 0.43 -9.28 -5.65
N PHE A 48 -0.08 -9.67 -4.48
CA PHE A 48 0.65 -9.51 -3.23
C PHE A 48 0.63 -10.79 -2.39
N TYR A 49 1.78 -11.45 -2.29
CA TYR A 49 1.93 -12.68 -1.52
C TYR A 49 1.06 -13.82 -2.07
N GLY A 50 -0.25 -13.75 -1.83
CA GLY A 50 -1.15 -14.79 -2.31
C GLY A 50 -2.46 -14.27 -2.87
N VAL A 51 -2.49 -12.98 -3.24
CA VAL A 51 -3.70 -12.38 -3.79
C VAL A 51 -3.37 -11.28 -4.79
N ARG A 52 -4.26 -11.08 -5.77
CA ARG A 52 -4.07 -10.05 -6.81
C ARG A 52 -3.98 -8.65 -6.17
N TYR A 53 -5.02 -8.30 -5.41
CA TYR A 53 -5.10 -6.99 -4.74
C TYR A 53 -5.26 -5.84 -5.74
N ASN A 54 -5.98 -4.81 -5.31
CA ASN A 54 -6.23 -3.63 -6.15
C ASN A 54 -4.93 -2.92 -6.50
N THR A 55 -4.79 -2.53 -7.76
CA THR A 55 -3.60 -1.81 -8.22
C THR A 55 -3.96 -0.63 -9.13
N THR A 56 -5.18 -0.10 -8.99
CA THR A 56 -5.61 1.04 -9.81
C THR A 56 -5.27 2.36 -9.12
N ASN A 57 -5.37 2.38 -7.78
CA ASN A 57 -5.05 3.57 -6.99
C ASN A 57 -3.54 3.79 -6.90
N ASN A 58 -3.11 5.04 -6.72
CA ASN A 58 -1.69 5.37 -6.62
C ASN A 58 -1.30 5.96 -5.26
N GLY A 59 -0.68 5.14 -4.41
CA GLY A 59 -0.26 5.59 -3.10
C GLY A 59 1.05 6.39 -3.15
N TYR A 60 1.36 7.09 -2.07
CA TYR A 60 2.58 7.90 -2.00
C TYR A 60 3.32 7.72 -0.66
N ARG A 61 4.62 7.49 -0.76
CA ARG A 61 5.47 7.29 0.40
C ARG A 61 5.94 8.62 0.99
N GLU A 62 6.02 9.65 0.14
CA GLU A 62 6.43 11.01 0.56
C GLU A 62 7.88 11.05 1.06
N CYS A 63 8.68 11.96 0.46
CA CYS A 63 10.08 12.13 0.86
C CYS A 63 10.23 13.31 1.82
N LEU A 64 10.59 13.02 3.06
CA LEU A 64 10.77 14.05 4.10
C LEU A 64 11.57 15.25 3.57
N ALA A 65 11.03 16.45 3.76
CA ALA A 65 11.67 17.68 3.31
C ALA A 65 12.86 18.07 4.21
N ASN A 66 13.88 17.24 4.24
CA ASN A 66 15.07 17.49 5.06
C ASN A 66 16.17 16.46 4.78
N GLY A 67 15.87 15.20 5.08
CA GLY A 67 16.83 14.12 4.87
C GLY A 67 16.44 12.85 5.60
N SER A 68 15.26 12.34 5.31
CA SER A 68 14.75 11.12 5.95
C SER A 68 13.47 10.64 5.25
N TRP A 69 12.65 9.86 5.96
CA TRP A 69 11.40 9.34 5.39
C TRP A 69 10.18 9.84 6.17
N ALA A 70 9.00 9.72 5.55
CA ALA A 70 7.75 10.15 6.18
C ALA A 70 7.09 8.99 6.96
N ALA A 71 5.91 9.24 7.50
CA ALA A 71 5.20 8.23 8.27
C ALA A 71 4.08 7.52 7.48
N ARG A 72 3.48 8.22 6.51
CA ARG A 72 2.39 7.63 5.72
C ARG A 72 2.78 7.34 4.28
N VAL A 73 2.50 6.11 3.84
CA VAL A 73 2.76 5.67 2.47
C VAL A 73 1.46 5.55 1.67
N ASN A 74 0.31 5.71 2.36
CA ASN A 74 -1.00 5.62 1.74
C ASN A 74 -1.12 4.36 0.86
N TYR A 75 -0.64 3.24 1.38
CA TYR A 75 -0.70 1.97 0.65
C TYR A 75 -2.11 1.39 0.64
N SER A 76 -3.03 1.99 1.42
CA SER A 76 -4.43 1.57 1.47
C SER A 76 -4.98 1.32 0.06
N GLU A 77 -4.49 2.13 -0.89
CA GLU A 77 -4.88 2.03 -2.30
C GLU A 77 -4.93 0.57 -2.76
N CYS A 78 -3.97 -0.24 -2.29
CA CYS A 78 -3.91 -1.67 -2.65
C CYS A 78 -4.80 -2.51 -1.74
N GLN A 79 -6.11 -2.44 -1.96
CA GLN A 79 -7.07 -3.21 -1.16
C GLN A 79 -7.59 -4.42 -1.93
N GLU A 80 -8.51 -5.17 -1.31
CA GLU A 80 -9.07 -6.37 -1.92
C GLU A 80 -9.94 -6.02 -3.14
N ILE A 81 -10.10 -6.98 -4.06
CA ILE A 81 -10.91 -6.76 -5.26
C ILE A 81 -11.90 -7.91 -5.48
N LEU A 82 -12.59 -8.30 -4.40
CA LEU A 82 -13.57 -9.39 -4.46
C LEU A 82 -15.00 -8.84 -4.50
N ASN A 83 -15.94 -9.67 -4.91
CA ASN A 83 -17.35 -9.28 -4.98
C ASN A 83 -18.11 -9.79 -3.77
N GLU A 84 -17.93 -9.12 -2.63
CA GLU A 84 -18.59 -9.49 -1.36
C GLU A 84 -18.05 -10.81 -0.80
N PRO B 1 -41.46 14.61 5.72
CA PRO B 1 -41.30 14.13 7.13
C PRO B 1 -39.99 13.35 7.31
N PRO B 2 -39.55 13.15 8.57
CA PRO B 2 -38.32 12.43 8.86
C PRO B 2 -38.46 10.91 8.69
N ILE B 3 -37.82 10.38 7.64
CA ILE B 3 -37.87 8.94 7.35
C ILE B 3 -36.46 8.34 7.28
N SER B 4 -36.33 7.10 7.74
CA SER B 4 -35.03 6.42 7.72
C SER B 4 -35.20 4.90 7.69
N LEU B 5 -34.28 4.21 7.03
CA LEU B 5 -34.31 2.76 6.91
C LEU B 5 -32.98 2.14 7.36
N ASP B 6 -31.91 2.45 6.62
CA ASP B 6 -30.57 1.94 6.93
C ASP B 6 -30.21 2.17 8.41
N LEU B 7 -30.51 3.36 8.92
CA LEU B 7 -30.24 3.70 10.31
C LEU B 7 -30.74 2.59 11.24
N THR B 8 -31.96 2.12 11.00
CA THR B 8 -32.56 1.06 11.81
C THR B 8 -32.09 -0.33 11.33
N PHE B 9 -31.89 -0.47 10.02
CA PHE B 9 -31.45 -1.73 9.43
C PHE B 9 -29.96 -2.03 9.70
N ASN B 10 -29.21 -0.99 10.09
CA ASN B 10 -27.78 -1.12 10.37
C ASN B 10 -27.43 -2.45 11.04
N LEU B 11 -28.23 -2.85 12.04
CA LEU B 11 -28.03 -4.11 12.77
C LEU B 11 -27.73 -5.27 11.82
N LEU B 12 -28.53 -5.39 10.76
CA LEU B 12 -28.34 -6.46 9.77
C LEU B 12 -27.44 -5.97 8.63
N ARG B 13 -27.52 -4.68 8.30
CA ARG B 13 -26.70 -4.09 7.25
C ARG B 13 -25.21 -4.27 7.55
N GLU B 14 -24.80 -3.95 8.77
CA GLU B 14 -23.40 -4.08 9.17
C GLU B 14 -23.00 -5.56 9.23
N VAL B 15 -23.81 -6.38 9.90
CA VAL B 15 -23.55 -7.81 10.01
C VAL B 15 -23.32 -8.42 8.64
N LEU B 16 -24.17 -8.04 7.67
CA LEU B 16 -24.05 -8.54 6.30
C LEU B 16 -22.63 -8.34 5.75
N GLU B 17 -22.19 -7.08 5.65
CA GLU B 17 -20.85 -6.77 5.15
C GLU B 17 -19.76 -7.23 6.13
N ILE B 18 -20.05 -7.15 7.43
CA ILE B 18 -19.09 -7.57 8.47
C ILE B 18 -18.86 -9.08 8.41
N ALA B 19 -19.93 -9.86 8.45
CA ALA B 19 -19.83 -11.31 8.40
C ALA B 19 -19.15 -11.77 7.11
N LYS B 20 -19.64 -11.30 5.97
CA LYS B 20 -19.06 -11.66 4.67
C LYS B 20 -17.59 -11.21 4.59
N ALA B 21 -17.22 -10.22 5.43
CA ALA B 21 -15.85 -9.72 5.46
C ALA B 21 -14.89 -10.72 6.13
N GLU B 22 -15.43 -11.63 6.94
CA GLU B 22 -14.61 -12.64 7.63
C GLU B 22 -13.54 -13.22 6.72
N GLN B 23 -13.93 -13.54 5.48
CA GLN B 23 -13.01 -14.09 4.48
C GLN B 23 -11.76 -13.22 4.33
N GLU B 24 -11.90 -11.91 4.56
CA GLU B 24 -10.79 -10.98 4.46
C GLU B 24 -10.17 -10.68 5.85
N ALA B 25 -10.43 -11.56 6.83
CA ALA B 25 -9.91 -11.37 8.19
C ALA B 25 -8.84 -12.41 8.55
N GLU B 26 -9.14 -13.68 8.32
CA GLU B 26 -8.21 -14.77 8.65
C GLU B 26 -6.83 -14.57 8.00
N GLU B 27 -6.81 -14.10 6.74
CA GLU B 27 -5.54 -13.89 6.03
C GLU B 27 -5.45 -12.49 5.42
N ALA B 28 -6.39 -12.15 4.53
CA ALA B 28 -6.39 -10.84 3.85
C ALA B 28 -6.02 -9.70 4.79
N ALA B 29 -6.68 -9.65 5.95
CA ALA B 29 -6.41 -8.60 6.95
C ALA B 29 -4.91 -8.32 7.13
N LYS B 30 -4.12 -9.39 7.26
CA LYS B 30 -2.67 -9.26 7.43
C LYS B 30 -2.06 -8.40 6.32
N ASN B 31 -2.54 -8.58 5.10
CA ASN B 31 -2.06 -7.80 3.96
C ASN B 31 -2.62 -6.38 4.04
N ARG B 32 -3.94 -6.26 4.11
CA ARG B 32 -4.59 -4.94 4.19
C ARG B 32 -4.04 -4.15 5.37
N LEU B 33 -3.97 -4.78 6.56
CA LEU B 33 -3.44 -4.12 7.75
C LEU B 33 -2.10 -3.47 7.42
N LEU B 34 -1.19 -4.28 6.88
CA LEU B 34 0.13 -3.80 6.48
C LEU B 34 -0.01 -2.69 5.43
N LEU B 35 -0.82 -2.96 4.40
CA LEU B 35 -1.07 -2.00 3.31
C LEU B 35 -1.63 -0.68 3.87
N GLU B 36 -2.74 -0.77 4.60
CA GLU B 36 -3.36 0.42 5.18
C GLU B 36 -2.38 1.11 6.13
N GLU B 37 -1.72 0.33 6.97
CA GLU B 37 -0.73 0.86 7.92
C GLU B 37 0.39 1.57 7.17
N ALA B 38 0.97 0.89 6.18
CA ALA B 38 2.06 1.46 5.39
C ALA B 38 1.67 2.82 4.81
N LEU A 1 18.48 -6.35 5.33
CA LEU A 1 18.13 -6.68 3.92
C LEU A 1 17.21 -5.62 3.33
N GLN A 2 17.06 -5.63 1.99
CA GLN A 2 16.22 -4.66 1.29
C GLN A 2 16.85 -3.26 1.32
N ASP A 3 16.88 -2.66 2.52
CA ASP A 3 17.47 -1.33 2.68
C ASP A 3 18.92 -1.33 2.19
N GLN A 4 19.73 -2.25 2.72
CA GLN A 4 21.13 -2.37 2.32
C GLN A 4 21.23 -2.50 0.79
N HIS A 5 20.33 -3.30 0.22
CA HIS A 5 20.29 -3.49 -1.23
C HIS A 5 19.90 -2.18 -1.92
N CYS A 6 18.83 -1.55 -1.44
CA CYS A 6 18.36 -0.28 -1.99
C CYS A 6 19.45 0.78 -1.93
N GLU A 7 20.07 0.93 -0.75
CA GLU A 7 21.15 1.90 -0.56
C GLU A 7 22.22 1.74 -1.63
N SER A 8 22.55 0.49 -1.97
CA SER A 8 23.56 0.19 -2.99
C SER A 8 23.27 0.90 -4.31
N LEU A 9 22.00 0.95 -4.71
CA LEU A 9 21.59 1.61 -5.95
C LEU A 9 22.19 3.01 -6.07
N SER A 10 22.32 3.70 -4.92
CA SER A 10 22.89 5.04 -4.87
C SER A 10 24.24 5.08 -5.59
N LEU A 11 25.02 4.01 -5.46
CA LEU A 11 26.33 3.92 -6.10
C LEU A 11 26.27 4.30 -7.58
N ALA A 12 25.13 3.98 -8.23
CA ALA A 12 24.94 4.30 -9.64
C ALA A 12 24.10 5.57 -9.83
N SER A 13 24.02 6.40 -8.79
CA SER A 13 23.24 7.65 -8.86
C SER A 13 24.11 8.87 -8.53
N ASN A 14 24.76 9.43 -9.55
CA ASN A 14 25.61 10.61 -9.36
C ASN A 14 24.77 11.86 -9.08
N ILE A 15 24.03 11.83 -7.96
CA ILE A 15 23.18 12.95 -7.57
C ILE A 15 23.39 13.32 -6.10
N SER A 16 23.46 14.62 -5.81
CA SER A 16 23.66 15.10 -4.45
C SER A 16 23.09 16.51 -4.27
N GLY A 17 21.76 16.60 -4.15
CA GLY A 17 21.10 17.88 -3.98
C GLY A 17 19.78 17.77 -3.26
N LEU A 18 19.83 17.56 -1.94
CA LEU A 18 18.64 17.44 -1.11
C LEU A 18 17.80 16.20 -1.47
N GLN A 19 18.29 15.03 -1.09
CA GLN A 19 17.58 13.77 -1.37
C GLN A 19 17.26 13.02 -0.08
N CYS A 20 16.27 12.13 -0.14
CA CYS A 20 15.88 11.35 1.04
C CYS A 20 16.47 9.94 1.04
N ASN A 21 17.35 9.65 0.06
CA ASN A 21 17.98 8.33 -0.05
C ASN A 21 16.98 7.24 -0.45
N ALA A 22 17.49 6.00 -0.62
CA ALA A 22 16.65 4.87 -1.01
C ALA A 22 16.56 3.81 0.09
N SER A 23 15.40 3.70 0.73
CA SER A 23 15.16 2.73 1.80
C SER A 23 13.69 2.31 1.86
N VAL A 24 13.37 1.35 2.72
CA VAL A 24 12.00 0.86 2.86
C VAL A 24 11.24 1.61 3.96
N ASP A 25 10.05 1.10 4.32
CA ASP A 25 9.22 1.71 5.35
C ASP A 25 8.77 0.67 6.38
N LEU A 26 8.08 -0.37 5.91
CA LEU A 26 7.59 -1.43 6.79
C LEU A 26 7.53 -2.77 6.04
N ILE A 27 6.70 -2.81 5.00
CA ILE A 27 6.52 -4.03 4.20
C ILE A 27 7.60 -4.15 3.11
N GLY A 28 7.55 -5.23 2.33
CA GLY A 28 8.52 -5.44 1.27
C GLY A 28 8.32 -4.51 0.08
N THR A 29 8.39 -3.20 0.35
CA THR A 29 8.21 -2.19 -0.70
C THR A 29 9.14 -0.99 -0.45
N CYS A 30 10.42 -1.16 -0.77
CA CYS A 30 11.42 -0.11 -0.57
C CYS A 30 11.19 1.08 -1.49
N TRP A 31 11.53 2.27 -1.01
CA TRP A 31 11.39 3.51 -1.78
C TRP A 31 12.76 3.96 -2.29
N PRO A 32 12.88 4.20 -3.61
CA PRO A 32 14.15 4.63 -4.23
C PRO A 32 14.55 6.06 -3.85
N ARG A 33 15.80 6.42 -4.15
CA ARG A 33 16.32 7.76 -3.87
C ARG A 33 15.49 8.82 -4.59
N SER A 34 15.24 9.94 -3.91
CA SER A 34 14.44 11.02 -4.50
C SER A 34 14.68 12.36 -3.80
N PRO A 35 14.48 13.49 -4.51
CA PRO A 35 14.69 14.83 -3.97
C PRO A 35 13.75 15.13 -2.79
N ALA A 36 14.30 15.74 -1.75
CA ALA A 36 13.54 16.10 -0.55
C ALA A 36 12.41 17.08 -0.88
N GLY A 37 11.22 16.81 -0.34
CA GLY A 37 10.07 17.67 -0.59
C GLY A 37 9.31 17.30 -1.85
N GLN A 38 9.30 16.01 -2.17
CA GLN A 38 8.61 15.51 -3.35
C GLN A 38 7.68 14.34 -3.00
N LEU A 39 6.51 14.29 -3.65
CA LEU A 39 5.54 13.23 -3.41
C LEU A 39 5.70 12.11 -4.43
N VAL A 40 6.47 11.09 -4.06
CA VAL A 40 6.70 9.94 -4.94
C VAL A 40 5.59 8.91 -4.77
N VAL A 41 5.17 8.30 -5.88
CA VAL A 41 4.11 7.29 -5.85
C VAL A 41 4.66 5.88 -5.99
N ARG A 42 4.08 4.94 -5.23
CA ARG A 42 4.50 3.54 -5.25
C ARG A 42 3.30 2.61 -5.11
N PRO A 43 2.66 2.25 -6.23
CA PRO A 43 1.50 1.35 -6.22
C PRO A 43 1.90 -0.13 -6.13
N CYS A 44 1.05 -0.92 -5.47
CA CYS A 44 1.32 -2.36 -5.33
C CYS A 44 1.10 -3.06 -6.66
N PRO A 45 2.05 -3.94 -7.07
CA PRO A 45 1.95 -4.68 -8.34
C PRO A 45 0.81 -5.71 -8.35
N ALA A 46 -0.40 -5.26 -8.00
CA ALA A 46 -1.58 -6.11 -7.97
C ALA A 46 -1.44 -7.23 -6.94
N PHE A 47 -0.51 -8.16 -7.18
CA PHE A 47 -0.29 -9.28 -6.27
C PHE A 47 0.80 -8.94 -5.23
N PHE A 48 0.53 -9.31 -3.98
CA PHE A 48 1.46 -9.08 -2.87
C PHE A 48 2.23 -10.36 -2.54
N TYR A 49 1.48 -11.46 -2.40
CA TYR A 49 2.05 -12.77 -2.09
C TYR A 49 0.95 -13.84 -1.96
N GLY A 50 -0.18 -13.43 -1.38
CA GLY A 50 -1.31 -14.34 -1.20
C GLY A 50 -2.54 -13.89 -1.98
N VAL A 51 -2.96 -12.64 -1.76
CA VAL A 51 -4.13 -12.08 -2.45
C VAL A 51 -3.70 -11.09 -3.53
N ARG A 52 -4.57 -10.90 -4.54
CA ARG A 52 -4.28 -9.99 -5.64
C ARG A 52 -5.18 -8.74 -5.57
N TYR A 53 -4.54 -7.58 -5.49
CA TYR A 53 -5.27 -6.31 -5.43
C TYR A 53 -5.40 -5.70 -6.83
N ASN A 54 -6.32 -4.76 -6.98
CA ASN A 54 -6.54 -4.11 -8.27
C ASN A 54 -5.90 -2.72 -8.29
N THR A 55 -5.35 -2.35 -9.45
CA THR A 55 -4.72 -1.04 -9.60
C THR A 55 -5.79 0.05 -9.76
N THR A 56 -5.45 1.26 -9.31
CA THR A 56 -6.36 2.41 -9.38
C THR A 56 -5.72 3.64 -8.75
N ASN A 57 -5.28 3.49 -7.50
CA ASN A 57 -4.64 4.56 -6.78
C ASN A 57 -3.16 4.25 -6.56
N ASN A 58 -2.34 5.29 -6.49
CA ASN A 58 -0.90 5.12 -6.30
C ASN A 58 -0.48 5.44 -4.86
N GLY A 59 0.08 4.43 -4.18
CA GLY A 59 0.54 4.63 -2.81
C GLY A 59 1.62 5.67 -2.71
N TYR A 60 1.42 6.68 -1.86
CA TYR A 60 2.39 7.75 -1.69
C TYR A 60 2.96 7.78 -0.26
N ARG A 61 4.28 7.89 -0.17
CA ARG A 61 4.95 7.94 1.13
C ARG A 61 5.52 9.33 1.41
N GLU A 62 5.81 10.08 0.33
CA GLU A 62 6.34 11.45 0.43
C GLU A 62 7.83 11.44 0.81
N CYS A 63 8.62 12.25 0.11
CA CYS A 63 10.05 12.34 0.39
C CYS A 63 10.33 13.51 1.34
N LEU A 64 10.60 13.18 2.61
CA LEU A 64 10.87 14.18 3.65
C LEU A 64 11.72 15.34 3.11
N ALA A 65 11.16 16.55 3.17
CA ALA A 65 11.86 17.74 2.69
C ALA A 65 13.03 18.14 3.61
N ASN A 66 14.04 17.25 3.68
CA ASN A 66 15.22 17.51 4.50
C ASN A 66 16.33 16.50 4.17
N GLY A 67 16.11 15.23 4.51
CA GLY A 67 17.10 14.20 4.26
C GLY A 67 16.74 12.84 4.84
N SER A 68 15.51 12.40 4.58
CA SER A 68 15.04 11.09 5.07
C SER A 68 13.67 10.75 4.49
N TRP A 69 13.06 9.66 4.97
CA TRP A 69 11.75 9.24 4.49
C TRP A 69 10.71 9.24 5.61
N ALA A 70 9.43 9.16 5.24
CA ALA A 70 8.35 9.15 6.22
C ALA A 70 8.02 7.73 6.68
N ALA A 71 8.13 7.49 8.00
CA ALA A 71 7.84 6.18 8.58
C ALA A 71 6.34 5.86 8.55
N ARG A 72 5.79 5.82 7.33
CA ARG A 72 4.37 5.54 7.10
C ARG A 72 4.01 5.81 5.63
N VAL A 73 3.32 4.88 4.99
CA VAL A 73 2.93 5.03 3.59
C VAL A 73 1.43 4.78 3.39
N ASN A 74 0.82 5.56 2.50
CA ASN A 74 -0.62 5.42 2.21
C ASN A 74 -0.87 4.16 1.37
N TYR A 75 -0.78 3.00 2.01
CA TYR A 75 -1.00 1.72 1.34
C TYR A 75 -2.49 1.43 1.13
N SER A 76 -3.34 1.97 2.01
CA SER A 76 -4.80 1.78 1.94
C SER A 76 -5.31 1.86 0.50
N GLU A 77 -4.70 2.75 -0.30
CA GLU A 77 -5.06 2.92 -1.71
C GLU A 77 -5.14 1.57 -2.44
N CYS A 78 -4.36 0.58 -1.96
CA CYS A 78 -4.38 -0.76 -2.54
C CYS A 78 -5.45 -1.62 -1.85
N GLN A 79 -6.71 -1.27 -2.05
CA GLN A 79 -7.84 -1.99 -1.44
C GLN A 79 -8.07 -3.35 -2.08
N GLU A 80 -8.74 -4.23 -1.33
CA GLU A 80 -9.05 -5.57 -1.80
C GLU A 80 -10.25 -5.56 -2.75
N ILE A 81 -10.21 -6.41 -3.77
CA ILE A 81 -11.30 -6.49 -4.75
C ILE A 81 -11.74 -7.93 -5.00
N LEU A 82 -13.01 -8.11 -5.34
CA LEU A 82 -13.56 -9.44 -5.60
C LEU A 82 -13.93 -9.62 -7.07
N ASN A 83 -14.01 -10.87 -7.51
CA ASN A 83 -14.35 -11.19 -8.90
C ASN A 83 -15.78 -11.73 -9.00
N GLU A 84 -16.76 -10.89 -8.63
CA GLU A 84 -18.17 -11.29 -8.69
C GLU A 84 -18.79 -10.92 -10.03
N PRO B 1 -22.09 6.27 -9.72
CA PRO B 1 -22.19 5.08 -10.58
C PRO B 1 -23.55 4.97 -11.27
N PRO B 2 -23.56 4.50 -12.54
CA PRO B 2 -24.80 4.35 -13.31
C PRO B 2 -25.65 3.18 -12.82
N ILE B 3 -26.93 3.47 -12.52
CA ILE B 3 -27.91 2.48 -12.03
C ILE B 3 -27.47 1.76 -10.75
N SER B 4 -26.25 1.22 -10.72
CA SER B 4 -25.74 0.51 -9.53
C SER B 4 -26.48 -0.80 -9.29
N LEU B 5 -27.81 -0.72 -9.16
CA LEU B 5 -28.65 -1.90 -8.92
C LEU B 5 -28.49 -2.48 -7.50
N ASP B 6 -27.82 -1.71 -6.62
CA ASP B 6 -27.62 -2.14 -5.23
C ASP B 6 -28.92 -2.12 -4.43
N LEU B 7 -29.91 -2.86 -4.92
CA LEU B 7 -31.23 -2.94 -4.28
C LEU B 7 -31.94 -4.23 -4.69
N THR B 8 -32.44 -4.27 -5.92
CA THR B 8 -33.12 -5.46 -6.44
C THR B 8 -32.14 -6.65 -6.54
N PHE B 9 -30.85 -6.34 -6.70
CA PHE B 9 -29.82 -7.37 -6.81
C PHE B 9 -29.07 -7.57 -5.48
N ASN B 10 -29.62 -7.02 -4.39
CA ASN B 10 -28.99 -7.16 -3.08
C ASN B 10 -29.15 -8.57 -2.52
N LEU B 11 -30.26 -9.24 -2.86
CA LEU B 11 -30.55 -10.61 -2.40
C LEU B 11 -29.32 -11.52 -2.50
N LEU B 12 -28.62 -11.44 -3.63
CA LEU B 12 -27.42 -12.24 -3.84
C LEU B 12 -26.20 -11.60 -3.16
N ARG B 13 -26.14 -10.27 -3.21
CA ARG B 13 -25.04 -9.52 -2.59
C ARG B 13 -25.01 -9.76 -1.08
N GLU B 14 -26.17 -9.63 -0.42
CA GLU B 14 -26.26 -9.85 1.03
C GLU B 14 -25.65 -11.20 1.41
N VAL B 15 -25.95 -12.24 0.63
CA VAL B 15 -25.41 -13.57 0.88
C VAL B 15 -23.94 -13.62 0.45
N LEU B 16 -23.65 -13.04 -0.72
CA LEU B 16 -22.30 -13.00 -1.25
C LEU B 16 -21.33 -12.30 -0.29
N GLU B 17 -21.73 -11.11 0.18
CA GLU B 17 -20.90 -10.34 1.11
C GLU B 17 -20.59 -11.15 2.38
N ILE B 18 -21.61 -11.86 2.89
CA ILE B 18 -21.45 -12.69 4.08
C ILE B 18 -20.28 -13.66 3.90
N ALA B 19 -20.28 -14.37 2.78
CA ALA B 19 -19.21 -15.33 2.47
C ALA B 19 -17.89 -14.60 2.21
N LYS B 20 -17.97 -13.49 1.47
CA LYS B 20 -16.78 -12.68 1.15
C LYS B 20 -16.08 -12.21 2.43
N ALA B 21 -16.87 -11.82 3.43
CA ALA B 21 -16.34 -11.35 4.72
C ALA B 21 -15.25 -12.28 5.25
N GLU B 22 -15.53 -13.59 5.26
CA GLU B 22 -14.56 -14.58 5.72
C GLU B 22 -13.27 -14.46 4.93
N GLN B 23 -13.39 -14.47 3.60
CA GLN B 23 -12.23 -14.32 2.71
C GLN B 23 -11.49 -13.02 3.00
N GLU B 24 -12.24 -11.93 3.17
CA GLU B 24 -11.66 -10.62 3.47
C GLU B 24 -10.75 -10.69 4.71
N ALA B 25 -11.06 -11.62 5.62
CA ALA B 25 -10.26 -11.80 6.83
C ALA B 25 -9.30 -12.99 6.71
N GLU B 26 -9.84 -14.17 6.37
CA GLU B 26 -9.03 -15.39 6.22
C GLU B 26 -7.82 -15.13 5.32
N GLU B 27 -6.62 -15.12 5.92
CA GLU B 27 -5.38 -14.87 5.17
C GLU B 27 -5.23 -13.38 4.82
N ALA B 28 -6.28 -12.81 4.23
CA ALA B 28 -6.28 -11.39 3.83
C ALA B 28 -6.07 -10.45 5.03
N ALA B 29 -6.56 -10.84 6.22
CA ALA B 29 -6.43 -10.02 7.42
C ALA B 29 -5.06 -9.35 7.53
N LYS B 30 -4.01 -10.15 7.70
CA LYS B 30 -2.65 -9.63 7.80
C LYS B 30 -2.34 -8.66 6.66
N ASN B 31 -2.78 -9.01 5.45
CA ASN B 31 -2.58 -8.17 4.27
C ASN B 31 -3.37 -6.87 4.40
N ARG B 32 -4.70 -7.01 4.53
CA ARG B 32 -5.59 -5.86 4.67
C ARG B 32 -5.14 -4.96 5.82
N LEU B 33 -4.82 -5.57 6.96
CA LEU B 33 -4.35 -4.83 8.13
C LEU B 33 -3.02 -4.15 7.81
N LEU B 34 -2.05 -4.94 7.34
CA LEU B 34 -0.73 -4.40 6.96
C LEU B 34 -0.89 -3.23 6.00
N LEU B 35 -1.86 -3.34 5.08
CA LEU B 35 -2.14 -2.29 4.10
C LEU B 35 -2.44 -0.96 4.81
N GLU B 36 -3.15 -1.03 5.93
CA GLU B 36 -3.48 0.17 6.70
C GLU B 36 -2.35 0.50 7.69
N GLU B 37 -1.81 -0.55 8.33
CA GLU B 37 -0.72 -0.38 9.30
C GLU B 37 0.53 0.24 8.64
N ALA B 38 0.86 -0.23 7.44
CA ALA B 38 2.03 0.28 6.72
C ALA B 38 1.70 1.58 5.98
N LEU A 1 18.23 -8.17 -1.20
CA LEU A 1 19.10 -7.35 -2.10
C LEU A 1 18.28 -6.41 -3.00
N GLN A 2 17.38 -5.64 -2.40
CA GLN A 2 16.53 -4.71 -3.14
C GLN A 2 17.08 -3.29 -3.09
N ASP A 3 17.42 -2.83 -1.89
CA ASP A 3 17.96 -1.49 -1.68
C ASP A 3 19.04 -1.18 -2.72
N GLN A 4 20.12 -1.98 -2.72
CA GLN A 4 21.20 -1.78 -3.68
C GLN A 4 20.66 -1.72 -5.12
N HIS A 5 19.86 -2.72 -5.49
CA HIS A 5 19.25 -2.77 -6.83
C HIS A 5 18.59 -1.42 -7.15
N CYS A 6 17.87 -0.87 -6.18
CA CYS A 6 17.19 0.42 -6.34
C CYS A 6 18.21 1.57 -6.26
N GLU A 7 19.11 1.51 -5.27
CA GLU A 7 20.13 2.54 -5.09
C GLU A 7 20.98 2.68 -6.36
N SER A 8 21.36 1.55 -6.96
CA SER A 8 22.18 1.58 -8.19
C SER A 8 21.31 1.73 -9.44
N LEU A 9 20.23 2.51 -9.34
CA LEU A 9 19.32 2.76 -10.45
C LEU A 9 19.13 4.25 -10.69
N SER A 10 18.60 4.95 -9.67
CA SER A 10 18.38 6.40 -9.77
C SER A 10 19.69 7.17 -9.57
N LEU A 11 20.72 6.79 -10.32
CA LEU A 11 22.03 7.44 -10.23
C LEU A 11 22.17 8.62 -11.19
N ALA A 12 21.38 8.63 -12.26
CA ALA A 12 21.44 9.71 -13.25
C ALA A 12 20.92 11.04 -12.68
N SER A 13 21.72 11.65 -11.81
CA SER A 13 21.35 12.93 -11.18
C SER A 13 22.48 13.44 -10.27
N ASN A 14 22.10 14.19 -9.21
CA ASN A 14 23.09 14.73 -8.28
C ASN A 14 22.45 15.00 -6.90
N ILE A 15 21.63 16.05 -6.81
CA ILE A 15 20.95 16.41 -5.56
C ILE A 15 21.91 17.05 -4.57
N SER A 16 21.40 17.93 -3.71
CA SER A 16 22.22 18.61 -2.70
C SER A 16 21.37 19.44 -1.74
N GLY A 17 21.31 19.01 -0.48
CA GLY A 17 20.53 19.73 0.53
C GLY A 17 19.20 19.04 0.82
N LEU A 18 19.24 18.01 1.68
CA LEU A 18 18.04 17.26 2.05
C LEU A 18 17.56 16.35 0.91
N GLN A 19 17.40 15.06 1.19
CA GLN A 19 16.96 14.10 0.17
C GLN A 19 16.43 12.81 0.80
N CYS A 20 15.92 11.91 -0.06
CA CYS A 20 15.39 10.62 0.39
C CYS A 20 16.10 9.46 -0.32
N ASN A 21 16.79 8.63 0.46
CA ASN A 21 17.53 7.49 -0.08
C ASN A 21 16.58 6.42 -0.64
N ALA A 22 17.16 5.33 -1.16
CA ALA A 22 16.37 4.23 -1.70
C ALA A 22 16.31 3.08 -0.71
N SER A 23 15.20 2.31 -0.73
CA SER A 23 15.04 1.17 0.19
C SER A 23 13.70 0.46 -0.01
N VAL A 24 13.31 -0.32 1.00
CA VAL A 24 12.06 -1.09 0.96
C VAL A 24 11.19 -0.78 2.20
N ASP A 25 9.87 -0.84 2.03
CA ASP A 25 8.95 -0.57 3.14
C ASP A 25 8.49 -1.89 3.80
N LEU A 26 7.34 -1.84 4.49
CA LEU A 26 6.80 -3.01 5.19
C LEU A 26 6.59 -4.21 4.25
N ILE A 27 6.35 -3.95 2.96
CA ILE A 27 6.13 -5.03 1.99
C ILE A 27 7.24 -5.04 0.94
N GLY A 28 7.14 -5.96 -0.02
CA GLY A 28 8.15 -6.05 -1.07
C GLY A 28 8.10 -4.90 -2.06
N THR A 29 8.14 -3.67 -1.55
CA THR A 29 8.10 -2.49 -2.39
C THR A 29 9.43 -1.74 -2.33
N CYS A 30 10.18 -1.81 -3.43
CA CYS A 30 11.49 -1.14 -3.50
C CYS A 30 11.36 0.28 -4.05
N TRP A 31 11.87 1.25 -3.28
CA TRP A 31 11.82 2.66 -3.68
C TRP A 31 13.17 3.09 -4.25
N PRO A 32 13.19 3.62 -5.49
CA PRO A 32 14.43 4.08 -6.15
C PRO A 32 14.85 5.49 -5.74
N ARG A 33 14.86 5.75 -4.43
CA ARG A 33 15.26 7.05 -3.85
C ARG A 33 14.42 8.22 -4.38
N SER A 34 14.52 9.36 -3.71
CA SER A 34 13.78 10.57 -4.10
C SER A 34 14.33 11.82 -3.41
N PRO A 35 13.93 13.02 -3.86
CA PRO A 35 14.40 14.28 -3.27
C PRO A 35 13.55 14.73 -2.09
N ALA A 36 14.07 15.68 -1.32
CA ALA A 36 13.34 16.20 -0.15
C ALA A 36 12.15 17.05 -0.58
N GLY A 37 10.96 16.66 -0.14
CA GLY A 37 9.75 17.39 -0.50
C GLY A 37 9.01 16.81 -1.69
N GLN A 38 9.25 15.53 -1.99
CA GLN A 38 8.59 14.87 -3.11
C GLN A 38 7.53 13.87 -2.63
N LEU A 39 6.42 13.80 -3.36
CA LEU A 39 5.33 12.89 -3.02
C LEU A 39 5.74 11.42 -3.21
N VAL A 40 6.51 11.16 -4.27
CA VAL A 40 6.98 9.80 -4.57
C VAL A 40 5.84 8.80 -4.61
N VAL A 41 5.18 8.69 -5.77
CA VAL A 41 4.06 7.77 -5.94
C VAL A 41 4.54 6.37 -6.35
N ARG A 42 3.97 5.35 -5.71
CA ARG A 42 4.33 3.96 -5.98
C ARG A 42 3.12 3.04 -5.82
N PRO A 43 2.37 2.82 -6.92
CA PRO A 43 1.18 1.95 -6.90
C PRO A 43 1.51 0.53 -6.42
N CYS A 44 0.50 -0.14 -5.87
CA CYS A 44 0.65 -1.51 -5.36
C CYS A 44 1.21 -2.46 -6.42
N PRO A 45 1.86 -3.55 -5.97
CA PRO A 45 2.43 -4.55 -6.89
C PRO A 45 1.35 -5.44 -7.53
N ALA A 46 1.77 -6.52 -8.19
CA ALA A 46 0.84 -7.44 -8.83
C ALA A 46 0.48 -8.60 -7.90
N PHE A 47 -0.59 -8.41 -7.11
CA PHE A 47 -1.06 -9.43 -6.16
C PHE A 47 -0.12 -9.57 -4.96
N PHE A 48 -0.61 -10.24 -3.91
CA PHE A 48 0.17 -10.44 -2.68
C PHE A 48 0.43 -11.93 -2.44
N TYR A 49 0.92 -12.26 -1.24
CA TYR A 49 1.21 -13.66 -0.87
C TYR A 49 0.05 -14.57 -1.25
N GLY A 50 -1.15 -14.25 -0.76
CA GLY A 50 -2.33 -15.04 -1.05
C GLY A 50 -3.55 -14.18 -1.30
N VAL A 51 -3.42 -13.19 -2.18
CA VAL A 51 -4.54 -12.29 -2.50
C VAL A 51 -4.20 -11.34 -3.66
N ARG A 52 -5.24 -10.96 -4.42
CA ARG A 52 -5.06 -10.06 -5.56
C ARG A 52 -5.36 -8.60 -5.17
N TYR A 53 -4.29 -7.85 -4.91
CA TYR A 53 -4.41 -6.44 -4.52
C TYR A 53 -4.60 -5.52 -5.72
N ASN A 54 -5.29 -4.41 -5.50
CA ASN A 54 -5.54 -3.42 -6.55
C ASN A 54 -4.34 -2.51 -6.74
N THR A 55 -3.71 -2.61 -7.91
CA THR A 55 -2.55 -1.78 -8.25
C THR A 55 -2.97 -0.47 -8.92
N THR A 56 -4.23 -0.40 -9.36
CA THR A 56 -4.76 0.80 -10.03
C THR A 56 -5.02 1.95 -9.04
N ASN A 57 -4.04 2.22 -8.17
CA ASN A 57 -4.16 3.28 -7.18
C ASN A 57 -2.79 3.94 -6.96
N ASN A 58 -2.69 5.23 -7.32
CA ASN A 58 -1.43 5.96 -7.18
C ASN A 58 -1.11 6.30 -5.72
N GLY A 59 -0.48 5.35 -5.02
CA GLY A 59 -0.10 5.56 -3.63
C GLY A 59 1.20 6.34 -3.50
N TYR A 60 1.13 7.50 -2.86
CA TYR A 60 2.32 8.35 -2.68
C TYR A 60 2.91 8.26 -1.26
N ARG A 61 4.04 8.93 -1.06
CA ARG A 61 4.73 8.96 0.23
C ARG A 61 4.82 10.40 0.75
N GLU A 62 5.33 10.58 1.97
CA GLU A 62 5.46 11.91 2.56
C GLU A 62 6.89 12.16 3.08
N CYS A 63 7.80 12.56 2.18
CA CYS A 63 9.17 12.82 2.57
C CYS A 63 9.32 14.21 3.17
N LEU A 64 9.04 14.31 4.47
CA LEU A 64 9.14 15.59 5.20
C LEU A 64 10.58 16.12 5.13
N ALA A 65 10.71 17.41 4.83
CA ALA A 65 12.03 18.05 4.73
C ALA A 65 12.74 18.05 6.09
N ASN A 66 13.47 16.98 6.38
CA ASN A 66 14.20 16.85 7.64
C ASN A 66 15.38 15.88 7.51
N GLY A 67 15.09 14.57 7.53
CA GLY A 67 16.16 13.58 7.41
C GLY A 67 15.66 12.16 7.62
N SER A 68 14.81 11.68 6.71
CA SER A 68 14.27 10.33 6.79
C SER A 68 13.44 10.00 5.54
N TRP A 69 13.31 8.72 5.23
CA TRP A 69 12.55 8.30 4.06
C TRP A 69 11.04 8.47 4.27
N ALA A 70 10.63 9.73 4.43
CA ALA A 70 9.20 10.06 4.63
C ALA A 70 8.66 9.64 5.98
N ALA A 71 7.39 9.99 6.22
CA ALA A 71 6.72 9.66 7.47
C ALA A 71 5.68 8.55 7.28
N ARG A 72 4.91 8.62 6.19
CA ARG A 72 3.88 7.62 5.91
C ARG A 72 3.79 7.28 4.41
N VAL A 73 3.20 6.13 4.12
CA VAL A 73 3.01 5.67 2.74
C VAL A 73 1.53 5.55 2.40
N ASN A 74 1.10 6.26 1.37
CA ASN A 74 -0.30 6.23 0.95
C ASN A 74 -0.62 4.89 0.26
N TYR A 75 -0.55 3.81 1.03
CA TYR A 75 -0.83 2.46 0.51
C TYR A 75 -2.25 2.00 0.84
N SER A 76 -2.91 2.69 1.80
CA SER A 76 -4.28 2.34 2.19
C SER A 76 -5.17 2.11 0.96
N GLU A 77 -4.89 2.83 -0.13
CA GLU A 77 -5.65 2.68 -1.38
C GLU A 77 -5.76 1.19 -1.76
N CYS A 78 -4.73 0.41 -1.40
CA CYS A 78 -4.72 -1.02 -1.69
C CYS A 78 -5.71 -1.73 -0.77
N GLN A 79 -6.71 -2.39 -1.36
CA GLN A 79 -7.73 -3.09 -0.57
C GLN A 79 -8.16 -4.42 -1.23
N GLU A 80 -7.39 -4.90 -2.21
CA GLU A 80 -7.69 -6.16 -2.91
C GLU A 80 -8.95 -6.04 -3.78
N ILE A 81 -9.00 -6.87 -4.82
CA ILE A 81 -10.15 -6.89 -5.73
C ILE A 81 -10.55 -8.32 -6.07
N LEU A 82 -10.36 -9.23 -5.11
CA LEU A 82 -10.70 -10.64 -5.30
C LEU A 82 -12.18 -10.81 -5.63
N ASN A 83 -13.02 -9.96 -5.03
CA ASN A 83 -14.46 -10.02 -5.27
C ASN A 83 -14.94 -8.78 -6.02
N GLU A 84 -14.77 -7.61 -5.41
CA GLU A 84 -15.19 -6.34 -6.02
C GLU A 84 -13.98 -5.45 -6.32
N PRO B 1 -36.34 -16.41 -10.66
CA PRO B 1 -37.45 -16.52 -11.62
C PRO B 1 -38.33 -15.27 -11.64
N PRO B 2 -39.27 -15.18 -12.62
CA PRO B 2 -40.17 -14.03 -12.75
C PRO B 2 -40.85 -13.65 -11.42
N ILE B 3 -41.19 -14.67 -10.62
CA ILE B 3 -41.82 -14.45 -9.32
C ILE B 3 -40.93 -14.94 -8.19
N SER B 4 -40.63 -14.06 -7.23
CA SER B 4 -39.77 -14.40 -6.09
C SER B 4 -38.35 -14.74 -6.53
N LEU B 5 -37.65 -13.75 -7.08
CA LEU B 5 -36.29 -13.93 -7.56
C LEU B 5 -35.26 -13.57 -6.47
N ASP B 6 -34.91 -12.28 -6.35
CA ASP B 6 -33.94 -11.83 -5.34
C ASP B 6 -34.45 -12.10 -3.93
N LEU B 7 -35.68 -11.66 -3.65
CA LEU B 7 -36.27 -11.84 -2.32
C LEU B 7 -36.15 -13.29 -1.84
N THR B 8 -36.60 -14.23 -2.66
CA THR B 8 -36.52 -15.65 -2.32
C THR B 8 -35.06 -16.10 -2.16
N PHE B 9 -34.18 -15.55 -2.99
CA PHE B 9 -32.76 -15.90 -2.95
C PHE B 9 -32.01 -15.14 -1.84
N ASN B 10 -32.64 -14.13 -1.24
CA ASN B 10 -32.00 -13.34 -0.18
C ASN B 10 -31.29 -14.22 0.83
N LEU B 11 -31.99 -15.27 1.31
CA LEU B 11 -31.41 -16.21 2.28
C LEU B 11 -30.01 -16.65 1.84
N LEU B 12 -29.87 -16.91 0.53
CA LEU B 12 -28.59 -17.31 -0.04
C LEU B 12 -27.74 -16.08 -0.36
N ARG B 13 -28.37 -15.09 -1.00
CA ARG B 13 -27.70 -13.85 -1.38
C ARG B 13 -27.00 -13.21 -0.17
N GLU B 14 -27.72 -13.13 0.95
CA GLU B 14 -27.17 -12.55 2.17
C GLU B 14 -25.99 -13.38 2.68
N VAL B 15 -26.24 -14.67 2.95
CA VAL B 15 -25.20 -15.59 3.43
C VAL B 15 -24.00 -15.57 2.48
N LEU B 16 -24.27 -15.63 1.18
CA LEU B 16 -23.20 -15.63 0.17
C LEU B 16 -22.30 -14.40 0.36
N GLU B 17 -22.92 -13.22 0.43
CA GLU B 17 -22.18 -11.97 0.63
C GLU B 17 -21.40 -12.02 1.95
N ILE B 18 -22.08 -12.47 3.01
CA ILE B 18 -21.47 -12.59 4.34
C ILE B 18 -20.25 -13.53 4.29
N ALA B 19 -20.45 -14.74 3.75
CA ALA B 19 -19.37 -15.72 3.63
C ALA B 19 -18.18 -15.12 2.87
N LYS B 20 -18.49 -14.40 1.78
CA LYS B 20 -17.47 -13.77 0.95
C LYS B 20 -16.55 -12.88 1.79
N ALA B 21 -17.10 -12.22 2.81
CA ALA B 21 -16.32 -11.34 3.68
C ALA B 21 -15.56 -12.12 4.76
N GLU B 22 -16.13 -13.23 5.23
CA GLU B 22 -15.52 -14.06 6.28
C GLU B 22 -14.05 -14.37 5.95
N GLN B 23 -13.79 -14.84 4.73
CA GLN B 23 -12.44 -15.19 4.30
C GLN B 23 -11.44 -14.05 4.58
N GLU B 24 -11.84 -12.81 4.28
CA GLU B 24 -10.97 -11.65 4.50
C GLU B 24 -10.40 -11.62 5.92
N ALA B 25 -11.14 -12.15 6.90
CA ALA B 25 -10.69 -12.18 8.29
C ALA B 25 -9.24 -12.65 8.41
N GLU B 26 -8.87 -13.66 7.62
CA GLU B 26 -7.51 -14.19 7.64
C GLU B 26 -6.72 -13.73 6.41
N GLU B 27 -5.43 -13.47 6.61
CA GLU B 27 -4.54 -13.03 5.54
C GLU B 27 -4.94 -11.64 5.03
N ALA B 28 -6.08 -11.55 4.34
CA ALA B 28 -6.57 -10.27 3.81
C ALA B 28 -6.57 -9.19 4.89
N ALA B 29 -7.17 -9.50 6.04
CA ALA B 29 -7.22 -8.57 7.16
C ALA B 29 -5.83 -8.04 7.50
N LYS B 30 -4.92 -8.95 7.87
CA LYS B 30 -3.55 -8.56 8.19
C LYS B 30 -2.88 -7.90 6.97
N ASN B 31 -3.12 -8.46 5.79
CA ASN B 31 -2.58 -7.90 4.55
C ASN B 31 -3.00 -6.44 4.41
N ARG B 32 -4.29 -6.16 4.59
CA ARG B 32 -4.80 -4.80 4.50
C ARG B 32 -4.22 -3.92 5.60
N LEU B 33 -4.15 -4.48 6.82
CA LEU B 33 -3.62 -3.76 7.97
C LEU B 33 -2.25 -3.14 7.65
N LEU B 34 -1.29 -3.99 7.27
CA LEU B 34 0.05 -3.50 6.92
C LEU B 34 -0.02 -2.50 5.76
N LEU B 35 -0.97 -2.73 4.84
CA LEU B 35 -1.16 -1.83 3.69
C LEU B 35 -1.52 -0.42 4.17
N GLU B 36 -2.47 -0.34 5.11
CA GLU B 36 -2.89 0.95 5.66
C GLU B 36 -1.90 1.45 6.73
N GLU B 37 -1.34 0.52 7.51
CA GLU B 37 -0.36 0.87 8.54
C GLU B 37 0.82 1.63 7.94
N ALA B 38 1.39 1.08 6.86
CA ALA B 38 2.53 1.71 6.19
C ALA B 38 2.09 2.94 5.39
N LEU A 1 16.66 -9.88 -0.88
CA LEU A 1 17.84 -8.96 -1.02
C LEU A 1 17.55 -7.74 -1.92
N GLN A 2 16.27 -7.38 -2.06
CA GLN A 2 15.89 -6.23 -2.88
C GLN A 2 16.31 -4.91 -2.23
N ASP A 3 16.18 -4.84 -0.90
CA ASP A 3 16.54 -3.64 -0.14
C ASP A 3 17.97 -3.20 -0.51
N GLN A 4 18.95 -4.03 -0.15
CA GLN A 4 20.36 -3.74 -0.46
C GLN A 4 20.53 -3.44 -1.96
N HIS A 5 19.84 -4.22 -2.79
CA HIS A 5 19.90 -4.03 -4.24
C HIS A 5 19.41 -2.61 -4.59
N CYS A 6 18.22 -2.27 -4.10
CA CYS A 6 17.65 -0.94 -4.33
C CYS A 6 18.51 0.13 -3.65
N GLU A 7 18.85 -0.10 -2.38
CA GLU A 7 19.69 0.82 -1.62
C GLU A 7 20.97 1.15 -2.37
N SER A 8 21.59 0.12 -2.96
CA SER A 8 22.82 0.28 -3.72
C SER A 8 22.72 1.41 -4.75
N LEU A 9 21.57 1.50 -5.43
CA LEU A 9 21.35 2.55 -6.44
C LEU A 9 21.57 3.95 -5.86
N SER A 10 21.26 4.13 -4.57
CA SER A 10 21.42 5.42 -3.91
C SER A 10 22.86 5.93 -4.00
N LEU A 11 23.82 5.05 -3.69
CA LEU A 11 25.25 5.40 -3.74
C LEU A 11 25.63 6.04 -5.07
N ALA A 12 25.05 5.54 -6.16
CA ALA A 12 25.32 6.08 -7.49
C ALA A 12 24.23 7.06 -7.94
N SER A 13 23.48 7.61 -6.96
CA SER A 13 22.41 8.56 -7.25
C SER A 13 22.63 9.88 -6.51
N ASN A 14 23.65 10.63 -6.91
CA ASN A 14 23.94 11.92 -6.26
C ASN A 14 22.74 12.87 -6.38
N ILE A 15 22.18 12.96 -7.59
CA ILE A 15 21.02 13.82 -7.85
C ILE A 15 21.35 15.30 -7.65
N SER A 16 21.68 15.68 -6.42
CA SER A 16 22.03 17.08 -6.11
C SER A 16 22.57 17.21 -4.69
N GLY A 17 21.82 16.71 -3.70
CA GLY A 17 22.26 16.78 -2.32
C GLY A 17 21.26 16.14 -1.35
N LEU A 18 20.25 16.91 -0.94
CA LEU A 18 19.23 16.41 -0.03
C LEU A 18 18.28 15.45 -0.75
N GLN A 19 18.74 14.20 -0.92
CA GLN A 19 17.94 13.18 -1.60
C GLN A 19 17.79 11.93 -0.73
N CYS A 20 16.65 11.25 -0.85
CA CYS A 20 16.39 10.04 -0.06
C CYS A 20 16.91 8.80 -0.79
N ASN A 21 17.29 7.79 -0.01
CA ASN A 21 17.80 6.53 -0.56
C ASN A 21 16.67 5.71 -1.23
N ALA A 22 16.65 4.39 -1.06
CA ALA A 22 15.61 3.56 -1.68
C ALA A 22 15.38 2.27 -0.89
N SER A 23 14.91 2.40 0.35
CA SER A 23 14.65 1.24 1.20
C SER A 23 13.22 0.73 1.02
N VAL A 24 12.78 -0.08 1.98
CA VAL A 24 11.44 -0.66 1.95
C VAL A 24 10.57 -0.11 3.10
N ASP A 25 9.52 -0.85 3.46
CA ASP A 25 8.62 -0.45 4.54
C ASP A 25 8.29 -1.66 5.42
N LEU A 26 7.27 -2.42 5.02
CA LEU A 26 6.87 -3.61 5.75
C LEU A 26 6.66 -4.80 4.79
N ILE A 27 7.13 -4.64 3.54
CA ILE A 27 7.01 -5.69 2.54
C ILE A 27 8.19 -5.69 1.56
N GLY A 28 8.25 -6.71 0.71
CA GLY A 28 9.33 -6.80 -0.27
C GLY A 28 9.16 -5.82 -1.41
N THR A 29 9.45 -4.54 -1.15
CA THR A 29 9.31 -3.49 -2.16
C THR A 29 10.04 -2.22 -1.72
N CYS A 30 10.80 -1.61 -2.64
CA CYS A 30 11.54 -0.39 -2.33
C CYS A 30 10.90 0.82 -3.03
N TRP A 31 11.32 2.04 -2.64
CA TRP A 31 10.78 3.26 -3.22
C TRP A 31 11.83 4.05 -4.00
N PRO A 32 11.40 4.75 -5.07
CA PRO A 32 12.30 5.54 -5.91
C PRO A 32 12.98 6.68 -5.15
N ARG A 33 14.30 6.78 -5.29
CA ARG A 33 15.09 7.81 -4.62
C ARG A 33 14.65 9.21 -5.08
N SER A 34 14.06 9.96 -4.15
CA SER A 34 13.58 11.31 -4.43
C SER A 34 14.27 12.35 -3.54
N PRO A 35 14.26 13.62 -3.94
CA PRO A 35 14.87 14.70 -3.16
C PRO A 35 14.03 15.10 -1.94
N ALA A 36 14.69 15.66 -0.92
CA ALA A 36 14.00 16.08 0.30
C ALA A 36 12.95 17.16 -0.01
N GLY A 37 11.74 16.97 0.52
CA GLY A 37 10.66 17.92 0.27
C GLY A 37 9.86 17.58 -0.97
N GLN A 38 9.62 16.28 -1.19
CA GLN A 38 8.87 15.83 -2.35
C GLN A 38 7.91 14.70 -1.98
N LEU A 39 6.80 14.60 -2.70
CA LEU A 39 5.80 13.57 -2.45
C LEU A 39 6.06 12.32 -3.30
N VAL A 40 6.91 11.43 -2.79
CA VAL A 40 7.25 10.19 -3.50
C VAL A 40 6.03 9.27 -3.58
N VAL A 41 5.49 9.09 -4.78
CA VAL A 41 4.32 8.25 -4.99
C VAL A 41 4.59 7.12 -5.97
N ARG A 42 4.08 5.92 -5.68
CA ARG A 42 4.29 4.76 -6.54
C ARG A 42 3.04 3.86 -6.58
N PRO A 43 2.65 3.41 -7.80
CA PRO A 43 1.50 2.52 -7.98
C PRO A 43 1.73 1.16 -7.32
N CYS A 44 0.76 0.71 -6.53
CA CYS A 44 0.90 -0.58 -5.85
C CYS A 44 1.03 -1.71 -6.87
N PRO A 45 1.89 -2.71 -6.59
CA PRO A 45 2.12 -3.85 -7.50
C PRO A 45 0.97 -4.87 -7.50
N ALA A 46 -0.08 -4.62 -6.69
CA ALA A 46 -1.22 -5.54 -6.59
C ALA A 46 -0.86 -6.83 -5.87
N PHE A 47 0.16 -7.53 -6.37
CA PHE A 47 0.61 -8.80 -5.77
C PHE A 47 1.13 -8.59 -4.35
N PHE A 48 0.34 -9.02 -3.36
CA PHE A 48 0.71 -8.89 -1.95
C PHE A 48 0.99 -10.27 -1.34
N TYR A 49 1.32 -10.30 -0.05
CA TYR A 49 1.64 -11.56 0.66
C TYR A 49 0.62 -12.66 0.35
N GLY A 50 -0.57 -12.56 0.96
CA GLY A 50 -1.61 -13.54 0.75
C GLY A 50 -2.86 -12.93 0.15
N VAL A 51 -2.67 -12.03 -0.80
CA VAL A 51 -3.78 -11.35 -1.47
C VAL A 51 -3.30 -10.58 -2.70
N ARG A 52 -4.24 -10.19 -3.56
CA ARG A 52 -3.92 -9.44 -4.78
C ARG A 52 -4.80 -8.19 -4.88
N TYR A 53 -4.16 -7.03 -4.86
CA TYR A 53 -4.88 -5.76 -4.91
C TYR A 53 -4.98 -5.22 -6.35
N ASN A 54 -5.58 -4.04 -6.49
CA ASN A 54 -5.76 -3.41 -7.80
C ASN A 54 -4.58 -2.48 -8.11
N THR A 55 -3.65 -2.96 -8.96
CA THR A 55 -2.48 -2.16 -9.34
C THR A 55 -2.88 -1.00 -10.27
N THR A 56 -3.71 -0.10 -9.75
CA THR A 56 -4.18 1.07 -10.51
C THR A 56 -3.90 2.37 -9.76
N ASN A 57 -4.02 2.34 -8.43
CA ASN A 57 -3.77 3.52 -7.60
C ASN A 57 -2.29 3.65 -7.24
N ASN A 58 -1.89 4.85 -6.84
CA ASN A 58 -0.49 5.11 -6.49
C ASN A 58 -0.35 5.54 -5.02
N GLY A 59 0.46 4.81 -4.28
CA GLY A 59 0.72 5.13 -2.89
C GLY A 59 1.87 6.11 -2.74
N TYR A 60 1.69 7.14 -1.91
CA TYR A 60 2.73 8.14 -1.71
C TYR A 60 3.36 8.04 -0.32
N ARG A 61 4.69 8.21 -0.29
CA ARG A 61 5.46 8.14 0.96
C ARG A 61 5.91 9.52 1.42
N GLU A 62 6.32 10.35 0.45
CA GLU A 62 6.79 11.73 0.72
C GLU A 62 8.20 11.72 1.34
N CYS A 63 9.06 12.57 0.82
CA CYS A 63 10.43 12.69 1.31
C CYS A 63 10.55 13.88 2.25
N LEU A 64 10.65 13.60 3.55
CA LEU A 64 10.75 14.63 4.59
C LEU A 64 11.67 15.78 4.16
N ALA A 65 11.14 17.00 4.14
CA ALA A 65 11.89 18.19 3.74
C ALA A 65 13.30 18.20 4.34
N ASN A 66 13.40 17.91 5.64
CA ASN A 66 14.68 17.86 6.33
C ASN A 66 15.65 16.86 5.70
N GLY A 67 15.11 15.83 5.05
CA GLY A 67 15.95 14.82 4.40
C GLY A 67 15.73 13.43 4.97
N SER A 68 14.56 12.86 4.73
CA SER A 68 14.24 11.52 5.24
C SER A 68 12.96 10.96 4.60
N TRP A 69 12.50 9.82 5.12
CA TRP A 69 11.28 9.17 4.62
C TRP A 69 10.13 9.33 5.61
N ALA A 70 8.92 9.48 5.09
CA ALA A 70 7.74 9.60 5.94
C ALA A 70 7.22 8.22 6.35
N ALA A 71 7.15 7.99 7.66
CA ALA A 71 6.70 6.71 8.20
C ALA A 71 5.39 6.22 7.58
N ARG A 72 4.41 7.13 7.47
CA ARG A 72 3.10 6.77 6.91
C ARG A 72 3.05 6.96 5.39
N VAL A 73 2.55 5.93 4.70
CA VAL A 73 2.40 5.95 3.26
C VAL A 73 0.99 5.52 2.86
N ASN A 74 0.33 6.29 2.00
CA ASN A 74 -1.03 5.96 1.57
C ASN A 74 -1.03 4.77 0.60
N TYR A 75 -0.82 3.57 1.14
CA TYR A 75 -0.81 2.34 0.34
C TYR A 75 -2.21 1.72 0.29
N SER A 76 -3.05 2.03 1.27
CA SER A 76 -4.42 1.51 1.34
C SER A 76 -5.19 1.78 0.04
N GLU A 77 -4.77 2.80 -0.72
CA GLU A 77 -5.42 3.15 -1.99
C GLU A 77 -5.79 1.91 -2.80
N CYS A 78 -4.92 0.90 -2.78
CA CYS A 78 -5.18 -0.35 -3.48
C CYS A 78 -5.81 -1.37 -2.54
N GLN A 79 -7.11 -1.18 -2.28
CA GLN A 79 -7.88 -2.05 -1.38
C GLN A 79 -8.00 -3.48 -1.91
N GLU A 80 -8.45 -4.38 -1.02
CA GLU A 80 -8.65 -5.79 -1.37
C GLU A 80 -9.80 -5.97 -2.35
N ILE A 81 -9.62 -6.90 -3.29
CA ILE A 81 -10.64 -7.17 -4.30
C ILE A 81 -10.75 -8.67 -4.59
N LEU A 82 -11.95 -9.23 -4.43
CA LEU A 82 -12.16 -10.66 -4.66
C LEU A 82 -13.53 -10.91 -5.30
N ASN A 83 -13.70 -12.07 -5.92
CA ASN A 83 -14.97 -12.43 -6.55
C ASN A 83 -16.03 -12.80 -5.50
N GLU A 84 -16.29 -11.85 -4.59
CA GLU A 84 -17.26 -12.06 -3.52
C GLU A 84 -18.01 -10.76 -3.19
N PRO B 1 -33.04 10.08 14.44
CA PRO B 1 -33.66 11.40 14.30
C PRO B 1 -32.86 12.37 13.43
N PRO B 2 -31.55 12.57 13.72
CA PRO B 2 -30.70 13.48 12.96
C PRO B 2 -30.36 12.93 11.56
N ILE B 3 -31.39 12.75 10.73
CA ILE B 3 -31.25 12.24 9.36
C ILE B 3 -30.25 11.07 9.27
N SER B 4 -28.97 11.38 9.00
CA SER B 4 -27.91 10.35 8.90
C SER B 4 -28.05 9.49 7.64
N LEU B 5 -29.24 8.94 7.41
CA LEU B 5 -29.51 8.08 6.24
C LEU B 5 -28.75 6.75 6.35
N ASP B 6 -27.42 6.81 6.27
CA ASP B 6 -26.58 5.61 6.38
C ASP B 6 -26.93 4.78 7.61
N LEU B 7 -27.19 5.45 8.73
CA LEU B 7 -27.55 4.77 9.98
C LEU B 7 -28.75 3.83 9.79
N THR B 8 -29.63 4.15 8.84
CA THR B 8 -30.80 3.32 8.57
C THR B 8 -30.39 1.99 7.91
N PHE B 9 -29.23 1.97 7.27
CA PHE B 9 -28.73 0.77 6.60
C PHE B 9 -27.46 0.25 7.29
N ASN B 10 -27.58 -0.08 8.57
CA ASN B 10 -26.45 -0.59 9.35
C ASN B 10 -26.52 -2.11 9.52
N LEU B 11 -27.57 -2.59 10.19
CA LEU B 11 -27.76 -4.03 10.42
C LEU B 11 -27.66 -4.85 9.12
N LEU B 12 -28.56 -4.56 8.18
CA LEU B 12 -28.59 -5.27 6.90
C LEU B 12 -27.27 -5.12 6.12
N ARG B 13 -26.63 -3.95 6.24
CA ARG B 13 -25.37 -3.69 5.56
C ARG B 13 -24.21 -4.40 6.25
N GLU B 14 -24.05 -4.17 7.55
CA GLU B 14 -22.98 -4.80 8.32
C GLU B 14 -22.98 -6.31 8.08
N VAL B 15 -24.15 -6.92 8.18
CA VAL B 15 -24.29 -8.37 7.94
C VAL B 15 -23.68 -8.76 6.60
N LEU B 16 -24.21 -8.18 5.52
CA LEU B 16 -23.71 -8.48 4.17
C LEU B 16 -22.24 -8.08 4.04
N GLU B 17 -21.88 -6.90 4.56
CA GLU B 17 -20.50 -6.41 4.52
C GLU B 17 -19.55 -7.39 5.19
N ILE B 18 -19.92 -7.81 6.40
CA ILE B 18 -19.12 -8.77 7.17
C ILE B 18 -19.18 -10.16 6.53
N ALA B 19 -20.41 -10.61 6.20
CA ALA B 19 -20.61 -11.91 5.57
C ALA B 19 -19.73 -12.08 4.33
N LYS B 20 -19.75 -11.09 3.43
CA LYS B 20 -18.93 -11.13 2.21
C LYS B 20 -17.44 -11.00 2.55
N ALA B 21 -17.13 -10.37 3.68
CA ALA B 21 -15.76 -10.18 4.11
C ALA B 21 -15.19 -11.47 4.73
N GLU B 22 -15.85 -11.96 5.78
CA GLU B 22 -15.47 -13.19 6.51
C GLU B 22 -14.27 -13.92 5.88
N GLN B 23 -14.48 -14.53 4.72
CA GLN B 23 -13.43 -15.27 4.01
C GLN B 23 -12.07 -14.55 4.06
N GLU B 24 -12.07 -13.24 3.82
CA GLU B 24 -10.84 -12.44 3.83
C GLU B 24 -10.13 -12.48 5.18
N ALA B 25 -10.88 -12.70 6.26
CA ALA B 25 -10.30 -12.76 7.61
C ALA B 25 -9.35 -13.95 7.77
N GLU B 26 -9.59 -15.03 7.03
CA GLU B 26 -8.74 -16.22 7.11
C GLU B 26 -7.27 -15.91 6.78
N GLU B 27 -7.05 -14.93 5.90
CA GLU B 27 -5.69 -14.55 5.50
C GLU B 27 -5.61 -13.09 5.04
N ALA B 28 -6.47 -12.75 4.07
CA ALA B 28 -6.52 -11.40 3.50
C ALA B 28 -6.42 -10.31 4.57
N ALA B 29 -7.20 -10.44 5.65
CA ALA B 29 -7.21 -9.46 6.74
C ALA B 29 -5.80 -8.96 7.10
N LYS B 30 -4.90 -9.89 7.44
CA LYS B 30 -3.52 -9.53 7.79
C LYS B 30 -2.85 -8.74 6.67
N ASN B 31 -3.28 -8.99 5.43
CA ASN B 31 -2.76 -8.29 4.27
C ASN B 31 -3.37 -6.90 4.17
N ARG B 32 -4.72 -6.86 4.25
CA ARG B 32 -5.48 -5.60 4.17
C ARG B 32 -4.96 -4.55 5.14
N LEU B 33 -4.91 -4.87 6.43
CA LEU B 33 -4.45 -3.93 7.47
C LEU B 33 -3.08 -3.33 7.12
N LEU B 34 -2.14 -4.19 6.76
CA LEU B 34 -0.78 -3.76 6.40
C LEU B 34 -0.79 -2.55 5.44
N LEU B 35 -1.69 -2.59 4.46
CA LEU B 35 -1.81 -1.50 3.48
C LEU B 35 -2.08 -0.15 4.16
N GLU B 36 -3.01 -0.14 5.11
CA GLU B 36 -3.36 1.09 5.84
C GLU B 36 -2.42 1.32 7.04
N GLU B 37 -1.98 0.22 7.66
CA GLU B 37 -1.07 0.31 8.81
C GLU B 37 0.19 1.10 8.46
N ALA B 38 0.80 0.76 7.32
CA ALA B 38 2.01 1.43 6.86
C ALA B 38 1.66 2.54 5.87
N LEU A 1 19.63 -8.53 -1.78
CA LEU A 1 18.50 -8.72 -2.74
C LEU A 1 17.52 -7.55 -2.68
N GLN A 2 17.24 -6.92 -3.83
CA GLN A 2 16.34 -5.77 -3.89
C GLN A 2 17.03 -4.54 -3.28
N ASP A 3 17.44 -4.67 -2.01
CA ASP A 3 18.15 -3.60 -1.31
C ASP A 3 19.30 -3.07 -2.16
N GLN A 4 20.24 -3.98 -2.50
CA GLN A 4 21.40 -3.63 -3.33
C GLN A 4 20.96 -2.87 -4.57
N HIS A 5 20.01 -3.45 -5.32
CA HIS A 5 19.49 -2.82 -6.54
C HIS A 5 19.02 -1.40 -6.23
N CYS A 6 18.20 -1.27 -5.18
CA CYS A 6 17.68 0.02 -4.76
C CYS A 6 18.82 1.00 -4.43
N GLU A 7 19.74 0.56 -3.56
CA GLU A 7 20.87 1.41 -3.18
C GLU A 7 21.80 1.67 -4.37
N SER A 8 22.02 0.64 -5.19
CA SER A 8 22.87 0.76 -6.38
C SER A 8 24.28 1.29 -6.03
N LEU A 9 24.76 0.93 -4.84
CA LEU A 9 26.09 1.35 -4.38
C LEU A 9 26.27 2.88 -4.40
N SER A 10 25.16 3.62 -4.22
CA SER A 10 25.21 5.09 -4.22
C SER A 10 26.00 5.63 -5.42
N LEU A 11 25.73 5.07 -6.60
CA LEU A 11 26.41 5.50 -7.84
C LEU A 11 26.16 6.98 -8.13
N ALA A 12 26.89 7.50 -9.12
CA ALA A 12 26.76 8.91 -9.52
C ALA A 12 25.30 9.35 -9.60
N SER A 13 24.93 10.35 -8.81
CA SER A 13 23.55 10.85 -8.79
C SER A 13 23.53 12.39 -8.73
N ASN A 14 22.33 12.96 -8.90
CA ASN A 14 22.17 14.41 -8.86
C ASN A 14 21.65 14.89 -7.51
N ILE A 15 20.44 14.46 -7.15
CA ILE A 15 19.80 14.86 -5.89
C ILE A 15 19.98 16.36 -5.62
N SER A 16 20.19 16.75 -4.36
CA SER A 16 20.36 18.17 -4.01
C SER A 16 20.64 18.34 -2.51
N GLY A 17 21.79 17.83 -2.06
CA GLY A 17 22.16 17.94 -0.66
C GLY A 17 21.33 17.03 0.23
N LEU A 18 20.03 17.31 0.32
CA LEU A 18 19.12 16.51 1.13
C LEU A 18 18.20 15.67 0.24
N GLN A 19 18.24 14.35 0.45
CA GLN A 19 17.41 13.43 -0.34
C GLN A 19 17.20 12.09 0.38
N CYS A 20 16.26 11.31 -0.12
CA CYS A 20 15.94 10.01 0.47
C CYS A 20 16.37 8.88 -0.48
N ASN A 21 17.21 7.97 0.03
CA ASN A 21 17.72 6.84 -0.77
C ASN A 21 16.63 5.81 -1.09
N ALA A 22 16.96 4.86 -1.96
CA ALA A 22 16.03 3.82 -2.36
C ALA A 22 15.85 2.78 -1.23
N SER A 23 14.70 2.84 -0.57
CA SER A 23 14.39 1.92 0.53
C SER A 23 13.10 1.12 0.27
N VAL A 24 12.82 0.18 1.16
CA VAL A 24 11.62 -0.66 1.06
C VAL A 24 10.49 -0.14 1.97
N ASP A 25 10.81 0.85 2.81
CA ASP A 25 9.84 1.45 3.72
C ASP A 25 9.36 0.48 4.80
N LEU A 26 8.65 -0.57 4.39
CA LEU A 26 8.12 -1.56 5.33
C LEU A 26 7.62 -2.80 4.59
N ILE A 27 6.71 -2.60 3.63
CA ILE A 27 6.15 -3.69 2.85
C ILE A 27 7.07 -4.07 1.68
N GLY A 28 6.70 -5.12 0.95
CA GLY A 28 7.52 -5.56 -0.18
C GLY A 28 7.49 -4.60 -1.37
N THR A 29 7.93 -3.37 -1.15
CA THR A 29 7.96 -2.37 -2.23
C THR A 29 9.22 -1.49 -2.13
N CYS A 30 10.16 -1.71 -3.05
CA CYS A 30 11.41 -0.95 -3.08
C CYS A 30 11.21 0.39 -3.78
N TRP A 31 11.43 1.48 -3.05
CA TRP A 31 11.29 2.83 -3.61
C TRP A 31 12.63 3.37 -4.08
N PRO A 32 12.64 4.22 -5.12
CA PRO A 32 13.86 4.81 -5.66
C PRO A 32 14.29 6.06 -4.89
N ARG A 33 15.54 6.48 -5.08
CA ARG A 33 16.06 7.67 -4.40
C ARG A 33 15.30 8.92 -4.84
N SER A 34 15.04 9.82 -3.89
CA SER A 34 14.30 11.05 -4.18
C SER A 34 14.81 12.23 -3.36
N PRO A 35 14.65 13.46 -3.89
CA PRO A 35 15.09 14.68 -3.18
C PRO A 35 14.19 15.03 -2.00
N ALA A 36 14.77 15.69 -1.00
CA ALA A 36 14.01 16.09 0.20
C ALA A 36 12.84 17.01 -0.16
N GLY A 37 11.66 16.72 0.37
CA GLY A 37 10.48 17.53 0.08
C GLY A 37 9.87 17.20 -1.26
N GLN A 38 9.15 16.08 -1.33
CA GLN A 38 8.50 15.64 -2.57
C GLN A 38 7.63 14.41 -2.34
N LEU A 39 6.50 14.36 -3.03
CA LEU A 39 5.56 13.24 -2.91
C LEU A 39 5.73 12.27 -4.09
N VAL A 40 6.29 11.11 -3.82
CA VAL A 40 6.50 10.09 -4.85
C VAL A 40 5.38 9.05 -4.85
N VAL A 41 4.75 8.87 -6.02
CA VAL A 41 3.65 7.92 -6.15
C VAL A 41 4.13 6.55 -6.64
N ARG A 42 3.67 5.50 -5.97
CA ARG A 42 4.03 4.13 -6.31
C ARG A 42 3.03 3.13 -5.71
N PRO A 43 2.17 2.54 -6.56
CA PRO A 43 1.16 1.57 -6.10
C PRO A 43 1.76 0.25 -5.62
N CYS A 44 0.90 -0.75 -5.41
CA CYS A 44 1.35 -2.06 -4.95
C CYS A 44 1.93 -2.87 -6.11
N PRO A 45 2.93 -3.74 -5.83
CA PRO A 45 3.56 -4.58 -6.86
C PRO A 45 2.61 -5.67 -7.39
N ALA A 46 1.49 -5.24 -7.98
CA ALA A 46 0.48 -6.16 -8.52
C ALA A 46 -0.23 -6.91 -7.40
N PHE A 47 0.52 -7.67 -6.62
CA PHE A 47 -0.03 -8.44 -5.50
C PHE A 47 0.90 -8.41 -4.29
N PHE A 48 0.55 -9.17 -3.25
CA PHE A 48 1.35 -9.24 -2.03
C PHE A 48 1.92 -10.65 -1.83
N TYR A 49 1.04 -11.60 -1.51
CA TYR A 49 1.45 -13.00 -1.31
C TYR A 49 0.23 -13.93 -1.11
N GLY A 50 -0.68 -13.54 -0.21
CA GLY A 50 -1.87 -14.36 0.06
C GLY A 50 -3.15 -13.65 -0.35
N VAL A 51 -3.07 -12.90 -1.45
CA VAL A 51 -4.22 -12.16 -1.96
C VAL A 51 -3.83 -11.36 -3.21
N ARG A 52 -4.73 -11.27 -4.18
CA ARG A 52 -4.46 -10.54 -5.41
C ARG A 52 -4.42 -9.03 -5.16
N TYR A 53 -5.44 -8.52 -4.47
CA TYR A 53 -5.51 -7.09 -4.14
C TYR A 53 -5.75 -6.23 -5.38
N ASN A 54 -6.16 -4.98 -5.17
CA ASN A 54 -6.42 -4.06 -6.26
C ASN A 54 -5.23 -3.15 -6.53
N THR A 55 -4.66 -3.24 -7.73
CA THR A 55 -3.52 -2.42 -8.13
C THR A 55 -3.95 -1.20 -8.95
N THR A 56 -5.26 -0.93 -9.01
CA THR A 56 -5.77 0.22 -9.76
C THR A 56 -5.50 1.54 -9.04
N ASN A 57 -5.48 1.50 -7.71
CA ASN A 57 -5.23 2.69 -6.89
C ASN A 57 -3.72 2.93 -6.73
N ASN A 58 -3.33 4.20 -6.74
CA ASN A 58 -1.92 4.56 -6.59
C ASN A 58 -1.60 5.10 -5.20
N GLY A 59 -0.42 4.73 -4.68
CA GLY A 59 -0.01 5.18 -3.36
C GLY A 59 1.10 6.21 -3.42
N TYR A 60 0.93 7.33 -2.73
CA TYR A 60 1.93 8.39 -2.74
C TYR A 60 2.71 8.45 -1.42
N ARG A 61 4.03 8.59 -1.52
CA ARG A 61 4.92 8.66 -0.36
C ARG A 61 5.80 9.92 -0.43
N GLU A 62 5.84 10.67 0.68
CA GLU A 62 6.63 11.90 0.73
C GLU A 62 8.11 11.66 1.10
N CYS A 63 8.96 12.63 0.76
CA CYS A 63 10.38 12.57 1.04
C CYS A 63 10.74 13.56 2.16
N LEU A 64 10.45 13.15 3.40
CA LEU A 64 10.70 14.00 4.59
C LEU A 64 12.06 14.70 4.53
N ALA A 65 12.03 15.97 4.12
CA ALA A 65 13.26 16.78 4.01
C ALA A 65 14.10 16.75 5.29
N ASN A 66 13.44 16.70 6.45
CA ASN A 66 14.14 16.66 7.75
C ASN A 66 15.25 15.61 7.77
N GLY A 67 15.06 14.51 7.03
CA GLY A 67 16.06 13.45 6.99
C GLY A 67 15.46 12.07 7.21
N SER A 68 14.51 11.71 6.38
CA SER A 68 13.84 10.41 6.48
C SER A 68 13.04 10.10 5.20
N TRP A 69 12.19 9.09 5.27
CA TRP A 69 11.36 8.70 4.13
C TRP A 69 9.87 8.82 4.46
N ALA A 70 9.54 9.74 5.37
CA ALA A 70 8.15 9.97 5.77
C ALA A 70 7.63 8.84 6.67
N ALA A 71 6.71 9.18 7.56
CA ALA A 71 6.14 8.20 8.48
C ALA A 71 4.79 7.65 7.98
N ARG A 72 4.12 8.40 7.10
CA ARG A 72 2.82 7.97 6.57
C ARG A 72 2.80 7.94 5.04
N VAL A 73 2.35 6.82 4.49
CA VAL A 73 2.23 6.63 3.05
C VAL A 73 0.87 6.02 2.69
N ASN A 74 0.19 6.59 1.70
CA ASN A 74 -1.12 6.09 1.30
C ASN A 74 -1.02 4.80 0.47
N TYR A 75 -0.61 3.72 1.13
CA TYR A 75 -0.47 2.42 0.47
C TYR A 75 -1.73 1.55 0.68
N SER A 76 -2.64 2.00 1.56
CA SER A 76 -3.88 1.27 1.83
C SER A 76 -4.82 1.29 0.62
N GLU A 77 -4.58 2.22 -0.32
CA GLU A 77 -5.40 2.35 -1.52
C GLU A 77 -5.60 1.00 -2.23
N CYS A 78 -4.53 0.21 -2.27
CA CYS A 78 -4.59 -1.12 -2.91
C CYS A 78 -5.42 -2.08 -2.06
N GLN A 79 -6.74 -1.83 -2.02
CA GLN A 79 -7.64 -2.67 -1.23
C GLN A 79 -7.92 -4.01 -1.92
N GLU A 80 -8.90 -4.75 -1.42
CA GLU A 80 -9.25 -6.07 -1.96
C GLU A 80 -10.38 -5.99 -2.99
N ILE A 81 -10.45 -6.98 -3.87
CA ILE A 81 -11.49 -7.05 -4.90
C ILE A 81 -11.72 -8.50 -5.34
N LEU A 82 -12.99 -8.87 -5.54
CA LEU A 82 -13.33 -10.22 -5.97
C LEU A 82 -14.75 -10.28 -6.55
N ASN A 83 -15.16 -11.47 -7.01
CA ASN A 83 -16.48 -11.66 -7.61
C ASN A 83 -17.60 -11.65 -6.55
N GLU A 84 -17.27 -12.08 -5.32
CA GLU A 84 -18.24 -12.12 -4.21
C GLU A 84 -19.60 -12.64 -4.68
N PRO B 1 -34.71 3.08 16.16
CA PRO B 1 -36.10 3.29 16.57
C PRO B 1 -36.88 4.16 15.59
N PRO B 2 -38.23 4.10 15.62
CA PRO B 2 -39.08 4.89 14.73
C PRO B 2 -39.03 6.40 15.03
N ILE B 3 -37.83 6.97 14.95
CA ILE B 3 -37.64 8.40 15.21
C ILE B 3 -36.41 8.94 14.48
N SER B 4 -35.25 8.33 14.75
CA SER B 4 -34.00 8.74 14.10
C SER B 4 -33.27 7.54 13.51
N LEU B 5 -32.99 7.60 12.21
CA LEU B 5 -32.30 6.52 11.52
C LEU B 5 -31.01 7.02 10.84
N ASP B 6 -30.72 6.53 9.63
CA ASP B 6 -29.51 6.92 8.88
C ASP B 6 -28.25 6.40 9.58
N LEU B 7 -27.98 6.91 10.79
CA LEU B 7 -26.83 6.49 11.57
C LEU B 7 -26.86 4.99 11.82
N THR B 8 -28.06 4.48 12.15
CA THR B 8 -28.26 3.06 12.40
C THR B 8 -27.85 2.23 11.17
N PHE B 9 -28.43 2.57 10.02
CA PHE B 9 -28.14 1.88 8.77
C PHE B 9 -26.64 1.92 8.49
N ASN B 10 -26.03 3.09 8.66
CA ASN B 10 -24.59 3.25 8.44
C ASN B 10 -23.81 2.36 9.40
N LEU B 11 -24.13 2.45 10.70
CA LEU B 11 -23.46 1.66 11.73
C LEU B 11 -23.52 0.17 11.39
N LEU B 12 -24.71 -0.35 11.08
CA LEU B 12 -24.85 -1.76 10.72
C LEU B 12 -24.18 -2.05 9.38
N ARG B 13 -24.32 -1.12 8.43
CA ARG B 13 -23.72 -1.28 7.10
C ARG B 13 -22.19 -1.32 7.19
N GLU B 14 -21.59 -0.34 7.88
CA GLU B 14 -20.14 -0.28 8.03
C GLU B 14 -19.61 -1.58 8.66
N VAL B 15 -20.34 -2.10 9.65
CA VAL B 15 -19.95 -3.33 10.32
C VAL B 15 -20.18 -4.54 9.40
N LEU B 16 -21.32 -4.52 8.69
CA LEU B 16 -21.66 -5.61 7.77
C LEU B 16 -20.52 -5.86 6.77
N GLU B 17 -19.97 -4.78 6.20
CA GLU B 17 -18.88 -4.91 5.24
C GLU B 17 -17.66 -5.58 5.90
N ILE B 18 -17.41 -5.28 7.17
CA ILE B 18 -16.29 -5.87 7.90
C ILE B 18 -16.40 -7.40 7.88
N ALA B 19 -17.51 -7.92 8.43
CA ALA B 19 -17.76 -9.36 8.45
C ALA B 19 -17.89 -9.90 7.02
N LYS B 20 -18.50 -9.11 6.14
CA LYS B 20 -18.67 -9.50 4.75
C LYS B 20 -17.31 -9.66 4.05
N ALA B 21 -16.41 -8.70 4.27
CA ALA B 21 -15.08 -8.74 3.68
C ALA B 21 -14.10 -9.62 4.48
N GLU B 22 -14.60 -10.29 5.52
CA GLU B 22 -13.75 -11.16 6.34
C GLU B 22 -13.32 -12.41 5.57
N GLN B 23 -14.24 -12.95 4.75
CA GLN B 23 -13.94 -14.14 3.93
C GLN B 23 -12.61 -14.00 3.19
N GLU B 24 -12.46 -12.92 2.42
CA GLU B 24 -11.21 -12.68 1.69
C GLU B 24 -10.10 -12.21 2.64
N ALA B 25 -10.50 -11.56 3.74
CA ALA B 25 -9.55 -11.08 4.74
C ALA B 25 -8.87 -12.24 5.47
N GLU B 26 -9.59 -13.34 5.67
CA GLU B 26 -9.08 -14.54 6.37
C GLU B 26 -7.54 -14.55 6.47
N GLU B 27 -6.87 -14.61 5.31
CA GLU B 27 -5.41 -14.63 5.26
C GLU B 27 -4.83 -13.25 4.93
N ALA B 28 -5.52 -12.50 4.07
CA ALA B 28 -5.06 -11.16 3.65
C ALA B 28 -5.21 -10.09 4.74
N ALA B 29 -6.11 -10.33 5.71
CA ALA B 29 -6.36 -9.38 6.81
C ALA B 29 -5.08 -8.73 7.33
N LYS B 30 -4.16 -9.56 7.84
CA LYS B 30 -2.90 -9.06 8.39
C LYS B 30 -2.18 -8.08 7.43
N ASN B 31 -2.38 -8.27 6.13
CA ASN B 31 -1.76 -7.40 5.12
C ASN B 31 -2.31 -5.98 5.20
N ARG B 32 -3.62 -5.85 5.41
CA ARG B 32 -4.25 -4.54 5.50
C ARG B 32 -3.58 -3.66 6.57
N LEU B 33 -3.40 -4.23 7.77
CA LEU B 33 -2.77 -3.51 8.88
C LEU B 33 -1.50 -2.79 8.43
N LEU B 34 -0.44 -3.55 8.14
CA LEU B 34 0.83 -2.96 7.69
C LEU B 34 0.61 -1.97 6.54
N LEU B 35 -0.30 -2.31 5.62
CA LEU B 35 -0.61 -1.46 4.47
C LEU B 35 -1.27 -0.14 4.92
N GLU B 36 -2.32 -0.24 5.73
CA GLU B 36 -3.02 0.95 6.22
C GLU B 36 -2.22 1.67 7.32
N GLU B 37 -1.56 0.89 8.19
CA GLU B 37 -0.76 1.46 9.26
C GLU B 37 0.28 2.43 8.70
N ALA B 38 1.10 1.95 7.77
CA ALA B 38 2.11 2.78 7.13
C ALA B 38 1.47 3.73 6.12
N LEU A 1 13.70 -8.96 -3.64
CA LEU A 1 15.11 -8.50 -3.44
C LEU A 1 15.34 -7.14 -4.12
N GLN A 2 14.57 -6.14 -3.72
CA GLN A 2 14.66 -4.81 -4.32
C GLN A 2 15.47 -3.84 -3.45
N ASP A 3 15.61 -4.15 -2.16
CA ASP A 3 16.37 -3.30 -1.23
C ASP A 3 17.70 -2.88 -1.85
N GLN A 4 18.57 -3.86 -2.11
CA GLN A 4 19.89 -3.60 -2.70
C GLN A 4 19.75 -2.79 -3.99
N HIS A 5 18.83 -3.20 -4.87
CA HIS A 5 18.59 -2.48 -6.12
C HIS A 5 18.18 -1.04 -5.81
N CYS A 6 17.26 -0.89 -4.85
CA CYS A 6 16.78 0.43 -4.43
C CYS A 6 17.93 1.22 -3.78
N GLU A 7 18.58 0.61 -2.79
CA GLU A 7 19.69 1.24 -2.09
C GLU A 7 20.82 1.62 -3.06
N SER A 8 21.12 0.73 -4.01
CA SER A 8 22.17 1.00 -5.01
C SER A 8 22.01 2.39 -5.61
N LEU A 9 20.76 2.77 -5.89
CA LEU A 9 20.44 4.09 -6.45
C LEU A 9 20.91 5.22 -5.54
N SER A 10 20.97 4.94 -4.23
CA SER A 10 21.41 5.94 -3.25
C SER A 10 22.92 6.14 -3.33
N LEU A 11 23.66 5.03 -3.42
CA LEU A 11 25.12 5.08 -3.53
C LEU A 11 25.53 5.59 -4.92
N ALA A 12 24.90 5.02 -5.95
CA ALA A 12 25.19 5.43 -7.33
C ALA A 12 24.29 6.61 -7.73
N SER A 13 24.58 7.77 -7.15
CA SER A 13 23.80 8.97 -7.42
C SER A 13 24.66 10.23 -7.49
N ASN A 14 24.00 11.36 -7.77
CA ASN A 14 24.69 12.64 -7.86
C ASN A 14 24.22 13.59 -6.74
N ILE A 15 22.94 13.52 -6.39
CA ILE A 15 22.37 14.36 -5.33
C ILE A 15 22.88 13.94 -3.94
N SER A 16 24.17 14.16 -3.70
CA SER A 16 24.78 13.82 -2.41
C SER A 16 24.54 14.92 -1.38
N GLY A 17 23.27 15.12 -1.01
CA GLY A 17 22.92 16.14 -0.04
C GLY A 17 21.56 15.91 0.60
N LEU A 18 20.76 16.97 0.70
CA LEU A 18 19.42 16.88 1.29
C LEU A 18 18.49 16.01 0.45
N GLN A 19 18.47 14.72 0.74
CA GLN A 19 17.63 13.77 0.01
C GLN A 19 17.22 12.59 0.89
N CYS A 20 16.28 11.79 0.39
CA CYS A 20 15.80 10.61 1.10
C CYS A 20 16.39 9.34 0.48
N ASN A 21 17.29 8.71 1.22
CA ASN A 21 17.94 7.47 0.75
C ASN A 21 16.91 6.37 0.45
N ALA A 22 17.27 5.46 -0.44
CA ALA A 22 16.37 4.35 -0.81
C ALA A 22 16.02 3.49 0.41
N SER A 23 14.76 3.05 0.48
CA SER A 23 14.32 2.22 1.62
C SER A 23 13.06 1.41 1.30
N VAL A 24 12.58 0.68 2.30
CA VAL A 24 11.37 -0.15 2.17
C VAL A 24 10.52 -0.07 3.44
N ASP A 25 9.64 0.94 3.49
CA ASP A 25 8.77 1.14 4.66
C ASP A 25 8.04 -0.15 5.06
N LEU A 26 7.20 -0.67 4.17
CA LEU A 26 6.45 -1.90 4.46
C LEU A 26 6.19 -2.72 3.19
N ILE A 27 5.74 -3.96 3.38
CA ILE A 27 5.42 -4.89 2.27
C ILE A 27 6.58 -5.00 1.26
N GLY A 28 6.30 -5.64 0.12
CA GLY A 28 7.32 -5.82 -0.90
C GLY A 28 7.41 -4.65 -1.86
N THR A 29 7.59 -3.45 -1.33
CA THR A 29 7.69 -2.24 -2.15
C THR A 29 8.83 -1.34 -1.69
N CYS A 30 9.95 -1.37 -2.40
CA CYS A 30 11.11 -0.55 -2.07
C CYS A 30 10.99 0.83 -2.72
N TRP A 31 11.34 1.86 -1.97
CA TRP A 31 11.28 3.23 -2.49
C TRP A 31 12.69 3.79 -2.70
N PRO A 32 13.07 4.02 -3.96
CA PRO A 32 14.40 4.53 -4.34
C PRO A 32 14.69 5.92 -3.77
N ARG A 33 15.98 6.24 -3.70
CA ARG A 33 16.43 7.53 -3.18
C ARG A 33 15.79 8.69 -3.95
N SER A 34 15.35 9.71 -3.21
CA SER A 34 14.72 10.88 -3.81
C SER A 34 15.13 12.15 -3.07
N PRO A 35 15.16 13.31 -3.76
CA PRO A 35 15.53 14.59 -3.15
C PRO A 35 14.56 15.00 -2.05
N ALA A 36 15.06 15.73 -1.06
CA ALA A 36 14.23 16.20 0.06
C ALA A 36 13.20 17.22 -0.41
N GLY A 37 11.95 17.07 0.04
CA GLY A 37 10.90 17.98 -0.36
C GLY A 37 10.32 17.63 -1.72
N GLN A 38 9.96 16.37 -1.90
CA GLN A 38 9.40 15.90 -3.15
C GLN A 38 8.28 14.86 -2.94
N LEU A 39 7.49 14.64 -3.98
CA LEU A 39 6.39 13.68 -3.92
C LEU A 39 6.63 12.51 -4.87
N VAL A 40 7.32 11.49 -4.38
CA VAL A 40 7.63 10.30 -5.19
C VAL A 40 6.48 9.30 -5.18
N VAL A 41 5.67 9.33 -6.24
CA VAL A 41 4.53 8.43 -6.37
C VAL A 41 4.86 7.20 -7.24
N ARG A 42 4.27 6.06 -6.88
CA ARG A 42 4.50 4.81 -7.61
C ARG A 42 3.33 3.84 -7.44
N PRO A 43 2.94 3.11 -8.51
CA PRO A 43 1.84 2.14 -8.46
C PRO A 43 2.20 0.88 -7.68
N CYS A 44 1.19 0.15 -7.23
CA CYS A 44 1.42 -1.09 -6.48
C CYS A 44 1.35 -2.30 -7.40
N PRO A 45 2.32 -3.25 -7.25
CA PRO A 45 2.37 -4.47 -8.07
C PRO A 45 1.15 -5.38 -7.91
N ALA A 46 0.27 -5.06 -6.94
CA ALA A 46 -0.93 -5.84 -6.69
C ALA A 46 -0.61 -7.20 -6.07
N PHE A 47 0.04 -8.07 -6.84
CA PHE A 47 0.42 -9.41 -6.36
C PHE A 47 1.11 -9.34 -5.00
N PHE A 48 0.37 -9.61 -3.93
CA PHE A 48 0.92 -9.57 -2.57
C PHE A 48 0.82 -10.94 -1.89
N TYR A 49 1.94 -11.67 -1.87
CA TYR A 49 2.00 -13.00 -1.25
C TYR A 49 1.12 -14.00 -2.01
N GLY A 50 -0.20 -13.82 -1.90
CA GLY A 50 -1.14 -14.70 -2.59
C GLY A 50 -2.45 -14.03 -2.94
N VAL A 51 -2.41 -12.71 -3.14
CA VAL A 51 -3.61 -11.94 -3.48
C VAL A 51 -3.38 -11.04 -4.69
N ARG A 52 -4.46 -10.71 -5.39
CA ARG A 52 -4.39 -9.86 -6.59
C ARG A 52 -4.29 -8.38 -6.22
N TYR A 53 -5.13 -7.92 -5.29
CA TYR A 53 -5.14 -6.51 -4.85
C TYR A 53 -5.68 -5.58 -5.93
N ASN A 54 -6.54 -4.64 -5.51
CA ASN A 54 -7.13 -3.67 -6.43
C ASN A 54 -6.16 -2.53 -6.74
N THR A 55 -5.13 -2.84 -7.55
CA THR A 55 -4.12 -1.83 -7.92
C THR A 55 -4.71 -0.80 -8.90
N THR A 56 -5.72 -0.07 -8.44
CA THR A 56 -6.37 0.96 -9.26
C THR A 56 -5.78 2.35 -8.98
N ASN A 57 -5.45 2.59 -7.71
CA ASN A 57 -4.87 3.88 -7.30
C ASN A 57 -3.40 3.73 -6.91
N ASN A 58 -2.61 4.75 -7.20
CA ASN A 58 -1.18 4.73 -6.87
C ASN A 58 -0.96 4.88 -5.37
N GLY A 59 0.24 4.52 -4.92
CA GLY A 59 0.57 4.62 -3.50
C GLY A 59 1.85 5.40 -3.28
N TYR A 60 1.93 6.11 -2.16
CA TYR A 60 3.13 6.91 -1.85
C TYR A 60 3.02 7.63 -0.51
N ARG A 61 3.98 8.52 -0.24
CA ARG A 61 4.00 9.29 1.00
C ARG A 61 4.53 10.71 0.74
N GLU A 62 5.85 10.87 0.80
CA GLU A 62 6.52 12.16 0.57
C GLU A 62 8.01 12.05 0.89
N CYS A 63 8.81 12.97 0.34
CA CYS A 63 10.25 12.96 0.60
C CYS A 63 10.61 14.03 1.62
N LEU A 64 10.76 13.59 2.88
CA LEU A 64 11.09 14.48 4.00
C LEU A 64 12.07 15.58 3.58
N ALA A 65 11.56 16.82 3.46
CA ALA A 65 12.38 17.96 3.07
C ALA A 65 13.60 18.11 3.98
N ASN A 66 13.45 17.75 5.25
CA ASN A 66 14.54 17.85 6.22
C ASN A 66 15.64 16.80 5.95
N GLY A 67 15.36 15.83 5.07
CA GLY A 67 16.35 14.80 4.76
C GLY A 67 16.11 13.52 5.53
N SER A 68 15.06 12.80 5.19
CA SER A 68 14.73 11.55 5.86
C SER A 68 13.53 10.84 5.20
N TRP A 69 12.78 10.07 5.99
CA TRP A 69 11.61 9.35 5.48
C TRP A 69 10.40 9.55 6.41
N ALA A 70 9.21 9.23 5.90
CA ALA A 70 7.99 9.38 6.69
C ALA A 70 7.28 8.03 6.86
N ALA A 71 7.09 7.61 8.11
CA ALA A 71 6.42 6.34 8.41
C ALA A 71 4.90 6.46 8.23
N ARG A 72 4.48 6.89 7.05
CA ARG A 72 3.06 7.05 6.72
C ARG A 72 2.88 7.00 5.20
N VAL A 73 2.81 5.79 4.66
CA VAL A 73 2.65 5.59 3.22
C VAL A 73 1.21 5.23 2.84
N ASN A 74 0.73 5.81 1.74
CA ASN A 74 -0.63 5.56 1.26
C ASN A 74 -0.68 4.23 0.48
N TYR A 75 -0.83 3.13 1.21
CA TYR A 75 -0.88 1.81 0.61
C TYR A 75 -2.32 1.27 0.54
N SER A 76 -3.21 1.81 1.38
CA SER A 76 -4.63 1.39 1.42
C SER A 76 -5.21 1.23 0.01
N GLU A 77 -4.88 2.16 -0.89
CA GLU A 77 -5.37 2.13 -2.27
C GLU A 77 -5.37 0.71 -2.85
N CYS A 78 -4.30 -0.04 -2.58
CA CYS A 78 -4.19 -1.41 -3.07
C CYS A 78 -4.90 -2.38 -2.12
N GLN A 79 -6.22 -2.20 -1.97
CA GLN A 79 -7.00 -3.05 -1.08
C GLN A 79 -7.34 -4.39 -1.73
N GLU A 80 -7.67 -5.39 -0.90
CA GLU A 80 -8.01 -6.72 -1.37
C GLU A 80 -9.47 -6.77 -1.84
N ILE A 81 -9.72 -7.57 -2.88
CA ILE A 81 -11.09 -7.72 -3.41
C ILE A 81 -11.48 -9.18 -3.58
N LEU A 82 -12.72 -9.49 -3.22
CA LEU A 82 -13.25 -10.86 -3.32
C LEU A 82 -14.51 -10.90 -4.18
N ASN A 83 -15.30 -11.97 -4.06
CA ASN A 83 -16.53 -12.12 -4.84
C ASN A 83 -17.64 -11.19 -4.31
N GLU A 84 -18.80 -11.22 -4.96
CA GLU A 84 -19.94 -10.39 -4.57
C GLU A 84 -19.65 -8.91 -4.85
N PRO B 1 -21.19 13.54 17.21
CA PRO B 1 -20.81 14.45 16.13
C PRO B 1 -21.99 15.27 15.59
N PRO B 2 -21.70 16.34 14.83
CA PRO B 2 -22.75 17.21 14.26
C PRO B 2 -23.58 16.50 13.17
N ILE B 3 -24.36 15.51 13.60
CA ILE B 3 -25.22 14.74 12.70
C ILE B 3 -24.41 13.71 11.88
N SER B 4 -24.65 12.43 12.16
CA SER B 4 -23.95 11.34 11.46
C SER B 4 -24.87 10.13 11.29
N LEU B 5 -25.50 10.03 10.12
CA LEU B 5 -26.42 8.93 9.80
C LEU B 5 -25.95 7.58 10.34
N ASP B 6 -24.66 7.26 10.12
CA ASP B 6 -24.10 6.00 10.58
C ASP B 6 -24.46 5.69 12.05
N LEU B 7 -24.65 6.74 12.86
CA LEU B 7 -25.03 6.57 14.27
C LEU B 7 -26.37 5.82 14.40
N THR B 8 -27.20 5.89 13.36
CA THR B 8 -28.50 5.22 13.36
C THR B 8 -28.53 4.03 12.38
N PHE B 9 -27.36 3.64 11.86
CA PHE B 9 -27.25 2.53 10.91
C PHE B 9 -25.90 1.83 11.01
N ASN B 10 -25.44 1.61 12.24
CA ASN B 10 -24.14 0.96 12.49
C ASN B 10 -24.28 -0.56 12.61
N LEU B 11 -24.67 -1.05 13.79
CA LEU B 11 -24.82 -2.49 14.05
C LEU B 11 -25.15 -3.31 12.79
N LEU B 12 -26.34 -3.10 12.23
CA LEU B 12 -26.78 -3.82 11.04
C LEU B 12 -25.71 -3.81 9.94
N ARG B 13 -25.26 -2.61 9.55
CA ARG B 13 -24.24 -2.46 8.52
C ARG B 13 -22.89 -3.00 9.01
N GLU B 14 -22.51 -2.58 10.21
CA GLU B 14 -21.25 -3.01 10.85
C GLU B 14 -21.15 -4.52 10.87
N VAL B 15 -22.11 -5.18 11.51
CA VAL B 15 -22.13 -6.64 11.61
C VAL B 15 -22.13 -7.27 10.21
N LEU B 16 -22.97 -6.74 9.32
CA LEU B 16 -23.06 -7.24 7.95
C LEU B 16 -21.72 -7.09 7.22
N GLU B 17 -21.20 -5.86 7.16
CA GLU B 17 -19.94 -5.60 6.47
C GLU B 17 -18.78 -6.35 7.13
N ILE B 18 -18.78 -6.42 8.46
CA ILE B 18 -17.72 -7.12 9.20
C ILE B 18 -17.81 -8.62 8.96
N ALA B 19 -18.97 -9.22 9.27
CA ALA B 19 -19.18 -10.65 9.08
C ALA B 19 -18.84 -11.07 7.65
N LYS B 20 -19.39 -10.38 6.65
CA LYS B 20 -19.10 -10.68 5.26
C LYS B 20 -17.60 -10.50 4.93
N ALA B 21 -16.88 -9.79 5.82
CA ALA B 21 -15.46 -9.56 5.63
C ALA B 21 -14.61 -10.72 6.15
N GLU B 22 -15.11 -11.41 7.18
CA GLU B 22 -14.39 -12.55 7.78
C GLU B 22 -13.62 -13.35 6.74
N GLN B 23 -14.34 -13.83 5.71
CA GLN B 23 -13.73 -14.62 4.63
C GLN B 23 -12.43 -13.97 4.13
N GLU B 24 -12.47 -12.66 3.87
CA GLU B 24 -11.29 -11.94 3.41
C GLU B 24 -10.43 -11.51 4.60
N ALA B 25 -11.07 -11.12 5.69
CA ALA B 25 -10.38 -10.69 6.90
C ALA B 25 -9.37 -11.75 7.36
N GLU B 26 -9.79 -13.01 7.42
CA GLU B 26 -8.92 -14.10 7.85
C GLU B 26 -7.63 -14.14 7.01
N GLU B 27 -7.78 -14.12 5.69
CA GLU B 27 -6.63 -14.16 4.79
C GLU B 27 -5.98 -12.77 4.62
N ALA B 28 -6.81 -11.74 4.47
CA ALA B 28 -6.31 -10.37 4.31
C ALA B 28 -5.71 -9.81 5.61
N ALA B 29 -5.96 -10.49 6.74
CA ALA B 29 -5.43 -10.04 8.04
C ALA B 29 -4.01 -9.50 7.93
N LYS B 30 -3.11 -10.30 7.35
CA LYS B 30 -1.72 -9.89 7.19
C LYS B 30 -1.48 -9.20 5.83
N ASN B 31 -2.55 -8.72 5.19
CA ASN B 31 -2.44 -8.05 3.90
C ASN B 31 -3.19 -6.71 3.93
N ARG B 32 -4.51 -6.79 4.14
CA ARG B 32 -5.37 -5.62 4.20
C ARG B 32 -4.90 -4.63 5.29
N LEU B 33 -4.59 -5.16 6.47
CA LEU B 33 -4.13 -4.32 7.59
C LEU B 33 -2.78 -3.68 7.29
N LEU B 34 -1.79 -4.50 6.90
CA LEU B 34 -0.44 -4.03 6.59
C LEU B 34 -0.47 -2.72 5.79
N LEU B 35 -1.21 -2.70 4.69
CA LEU B 35 -1.31 -1.52 3.83
C LEU B 35 -1.94 -0.33 4.59
N GLU B 36 -2.91 -0.63 5.45
CA GLU B 36 -3.57 0.41 6.25
C GLU B 36 -2.66 0.86 7.40
N GLU B 37 -2.03 -0.11 8.07
CA GLU B 37 -1.14 0.17 9.20
C GLU B 37 0.07 1.03 8.78
N ALA B 38 0.65 0.72 7.62
CA ALA B 38 1.82 1.47 7.14
C ALA B 38 1.40 2.82 6.54
N LEU A 1 19.17 -9.38 -1.48
CA LEU A 1 19.80 -8.36 -2.36
C LEU A 1 18.76 -7.37 -2.93
N GLN A 2 17.93 -6.81 -2.05
CA GLN A 2 16.90 -5.86 -2.47
C GLN A 2 17.42 -4.43 -2.38
N ASP A 3 17.75 -3.99 -1.17
CA ASP A 3 18.27 -2.63 -0.96
C ASP A 3 19.48 -2.38 -1.87
N GLN A 4 20.45 -3.31 -1.88
CA GLN A 4 21.63 -3.17 -2.73
C GLN A 4 21.23 -2.82 -4.16
N HIS A 5 20.16 -3.45 -4.64
CA HIS A 5 19.64 -3.19 -5.99
C HIS A 5 18.99 -1.80 -5.99
N CYS A 6 18.17 -1.53 -4.97
CA CYS A 6 17.50 -0.24 -4.84
C CYS A 6 18.52 0.89 -4.72
N GLU A 7 19.49 0.74 -3.81
CA GLU A 7 20.54 1.75 -3.63
C GLU A 7 21.33 1.91 -4.91
N SER A 8 21.62 0.79 -5.59
CA SER A 8 22.34 0.82 -6.86
C SER A 8 21.62 1.77 -7.83
N LEU A 9 20.29 1.65 -7.88
CA LEU A 9 19.47 2.51 -8.72
C LEU A 9 19.61 3.99 -8.30
N SER A 10 19.97 4.21 -7.04
CA SER A 10 20.17 5.57 -6.50
C SER A 10 21.49 6.14 -7.02
N LEU A 11 22.53 5.29 -7.05
CA LEU A 11 23.86 5.65 -7.52
C LEU A 11 24.26 7.09 -7.16
N ALA A 12 24.35 7.36 -5.85
CA ALA A 12 24.72 8.69 -5.35
C ALA A 12 24.09 9.81 -6.18
N SER A 13 22.76 9.91 -6.10
CA SER A 13 22.00 10.93 -6.84
C SER A 13 22.45 12.33 -6.44
N ASN A 14 23.51 12.82 -7.06
CA ASN A 14 24.04 14.16 -6.78
C ASN A 14 23.10 15.25 -7.27
N ILE A 15 21.93 15.35 -6.65
CA ILE A 15 20.93 16.36 -7.01
C ILE A 15 20.89 17.49 -5.98
N SER A 16 21.20 17.15 -4.72
CA SER A 16 21.19 18.14 -3.64
C SER A 16 21.65 17.50 -2.32
N GLY A 17 21.32 18.12 -1.20
CA GLY A 17 21.68 17.60 0.11
C GLY A 17 20.51 16.95 0.83
N LEU A 18 19.31 17.13 0.28
CA LEU A 18 18.09 16.57 0.87
C LEU A 18 17.40 15.63 -0.10
N GLN A 19 17.65 14.32 0.05
CA GLN A 19 17.04 13.31 -0.81
C GLN A 19 16.79 12.01 -0.04
N CYS A 20 15.82 11.23 -0.51
CA CYS A 20 15.48 9.96 0.15
C CYS A 20 16.09 8.78 -0.61
N ASN A 21 16.85 7.96 0.10
CA ASN A 21 17.49 6.78 -0.50
C ASN A 21 16.48 5.66 -0.74
N ALA A 22 16.69 4.91 -1.83
CA ALA A 22 15.82 3.79 -2.20
C ALA A 22 15.84 2.70 -1.13
N SER A 23 14.67 2.10 -0.88
CA SER A 23 14.55 1.03 0.12
C SER A 23 13.09 0.56 0.24
N VAL A 24 12.82 -0.30 1.21
CA VAL A 24 11.48 -0.81 1.44
C VAL A 24 10.77 -0.10 2.59
N ASP A 25 9.45 -0.26 2.67
CA ASP A 25 8.66 0.39 3.74
C ASP A 25 8.45 -0.56 4.92
N LEU A 26 7.50 -1.49 4.78
CA LEU A 26 7.18 -2.45 5.84
C LEU A 26 7.00 -3.86 5.27
N ILE A 27 6.22 -3.97 4.19
CA ILE A 27 5.96 -5.27 3.56
C ILE A 27 7.08 -5.68 2.61
N GLY A 28 7.84 -4.68 2.10
CA GLY A 28 8.95 -4.98 1.19
C GLY A 28 8.90 -4.22 -0.13
N THR A 29 8.04 -3.20 -0.22
CA THR A 29 7.93 -2.42 -1.46
C THR A 29 9.11 -1.45 -1.60
N CYS A 30 10.00 -1.74 -2.53
CA CYS A 30 11.19 -0.90 -2.77
C CYS A 30 10.81 0.45 -3.37
N TRP A 31 11.27 1.52 -2.74
CA TRP A 31 10.99 2.89 -3.21
C TRP A 31 12.17 3.44 -4.01
N PRO A 32 11.91 4.29 -5.02
CA PRO A 32 12.95 4.87 -5.88
C PRO A 32 13.56 6.16 -5.31
N ARG A 33 14.56 6.69 -6.03
CA ARG A 33 15.24 7.91 -5.63
C ARG A 33 14.32 9.13 -5.71
N SER A 34 14.59 10.14 -4.88
CA SER A 34 13.79 11.36 -4.86
C SER A 34 14.34 12.40 -3.88
N PRO A 35 14.14 13.70 -4.17
CA PRO A 35 14.60 14.77 -3.30
C PRO A 35 13.63 15.02 -2.14
N ALA A 36 14.14 15.61 -1.06
CA ALA A 36 13.30 15.91 0.10
C ALA A 36 12.21 16.94 -0.25
N GLY A 37 10.98 16.63 0.12
CA GLY A 37 9.86 17.53 -0.17
C GLY A 37 9.14 17.19 -1.47
N GLN A 38 9.47 16.03 -2.05
CA GLN A 38 8.84 15.59 -3.31
C GLN A 38 7.73 14.56 -3.05
N LEU A 39 6.61 14.72 -3.76
CA LEU A 39 5.48 13.81 -3.64
C LEU A 39 5.60 12.67 -4.66
N VAL A 40 6.16 11.55 -4.22
CA VAL A 40 6.35 10.39 -5.09
C VAL A 40 5.06 9.58 -5.24
N VAL A 41 4.56 9.48 -6.47
CA VAL A 41 3.34 8.73 -6.75
C VAL A 41 3.66 7.35 -7.36
N ARG A 42 3.77 6.34 -6.52
CA ARG A 42 4.07 4.98 -6.97
C ARG A 42 2.87 4.05 -6.77
N PRO A 43 2.46 3.33 -7.85
CA PRO A 43 1.32 2.41 -7.79
C PRO A 43 1.53 1.22 -6.86
N CYS A 44 0.43 0.60 -6.45
CA CYS A 44 0.49 -0.57 -5.56
C CYS A 44 1.20 -1.74 -6.25
N PRO A 45 1.92 -2.59 -5.48
CA PRO A 45 2.64 -3.74 -6.04
C PRO A 45 1.71 -4.77 -6.68
N ALA A 46 2.12 -5.31 -7.83
CA ALA A 46 1.32 -6.32 -8.55
C ALA A 46 1.32 -7.69 -7.86
N PHE A 47 2.11 -7.83 -6.79
CA PHE A 47 2.19 -9.09 -6.05
C PHE A 47 2.19 -8.82 -4.54
N PHE A 48 1.69 -9.78 -3.76
CA PHE A 48 1.65 -9.63 -2.30
C PHE A 48 1.63 -11.00 -1.60
N TYR A 49 1.73 -10.98 -0.27
CA TYR A 49 1.73 -12.21 0.53
C TYR A 49 0.56 -13.12 0.14
N GLY A 50 -0.64 -12.55 0.12
CA GLY A 50 -1.84 -13.31 -0.24
C GLY A 50 -2.37 -12.89 -1.59
N VAL A 51 -3.32 -11.95 -1.59
CA VAL A 51 -3.91 -11.45 -2.83
C VAL A 51 -2.86 -10.68 -3.64
N ARG A 52 -2.83 -10.94 -4.95
CA ARG A 52 -1.86 -10.30 -5.85
C ARG A 52 -2.02 -8.78 -5.88
N TYR A 53 -3.26 -8.30 -5.80
CA TYR A 53 -3.57 -6.86 -5.84
C TYR A 53 -3.52 -6.34 -7.28
N ASN A 54 -4.69 -6.01 -7.82
CA ASN A 54 -4.81 -5.50 -9.19
C ASN A 54 -4.11 -4.14 -9.38
N THR A 55 -3.60 -3.55 -8.29
CA THR A 55 -2.90 -2.25 -8.33
C THR A 55 -3.71 -1.17 -9.06
N THR A 56 -4.55 -0.48 -8.29
CA THR A 56 -5.39 0.60 -8.85
C THR A 56 -4.96 1.97 -8.31
N ASN A 57 -4.65 2.03 -7.01
CA ASN A 57 -4.24 3.27 -6.37
C ASN A 57 -2.72 3.30 -6.15
N ASN A 58 -2.16 4.50 -6.13
CA ASN A 58 -0.73 4.69 -5.93
C ASN A 58 -0.41 5.13 -4.50
N GLY A 59 0.46 4.39 -3.82
CA GLY A 59 0.85 4.74 -2.47
C GLY A 59 1.86 5.87 -2.44
N TYR A 60 1.41 7.07 -2.08
CA TYR A 60 2.29 8.23 -2.03
C TYR A 60 2.57 8.65 -0.58
N ARG A 61 3.84 8.52 -0.17
CA ARG A 61 4.24 8.89 1.20
C ARG A 61 5.17 10.12 1.20
N GLU A 62 5.39 10.71 0.02
CA GLU A 62 6.24 11.89 -0.11
C GLU A 62 7.67 11.63 0.39
N CYS A 63 8.51 12.66 0.38
CA CYS A 63 9.89 12.54 0.81
C CYS A 63 10.23 13.54 1.92
N LEU A 64 10.31 13.04 3.16
CA LEU A 64 10.62 13.87 4.34
C LEU A 64 11.65 14.95 4.01
N ALA A 65 11.21 16.21 4.09
CA ALA A 65 12.09 17.35 3.80
C ALA A 65 13.15 17.54 4.89
N ASN A 66 14.09 16.59 4.99
CA ASN A 66 15.16 16.65 5.98
C ASN A 66 16.20 15.56 5.76
N GLY A 67 15.84 14.32 6.07
CA GLY A 67 16.76 13.19 5.90
C GLY A 67 16.11 11.86 6.19
N SER A 68 15.07 11.52 5.42
CA SER A 68 14.36 10.26 5.60
C SER A 68 13.31 10.08 4.49
N TRP A 69 12.29 9.28 4.75
CA TRP A 69 11.23 9.04 3.79
C TRP A 69 9.90 9.60 4.29
N ALA A 70 9.24 8.85 5.20
CA ALA A 70 7.96 9.26 5.78
C ALA A 70 7.29 8.10 6.53
N ALA A 71 6.51 8.42 7.55
CA ALA A 71 5.81 7.42 8.33
C ALA A 71 4.59 6.87 7.57
N ARG A 72 3.71 7.78 7.14
CA ARG A 72 2.52 7.38 6.38
C ARG A 72 2.90 6.90 4.97
N VAL A 73 3.03 5.59 4.81
CA VAL A 73 3.40 5.03 3.51
C VAL A 73 2.29 5.24 2.47
N ASN A 74 1.05 5.41 2.94
CA ASN A 74 -0.10 5.63 2.06
C ASN A 74 -0.51 4.33 1.36
N TYR A 75 -0.91 3.34 2.15
CA TYR A 75 -1.32 2.05 1.62
C TYR A 75 -2.84 1.83 1.74
N SER A 76 -3.50 2.59 2.64
CA SER A 76 -4.95 2.46 2.81
C SER A 76 -5.68 2.48 1.47
N GLU A 77 -5.20 3.33 0.56
CA GLU A 77 -5.79 3.44 -0.79
C GLU A 77 -5.91 2.05 -1.43
N CYS A 78 -4.98 1.15 -1.08
CA CYS A 78 -4.98 -0.21 -1.59
C CYS A 78 -5.90 -1.08 -0.72
N GLN A 79 -7.18 -0.73 -0.69
CA GLN A 79 -8.18 -1.46 0.11
C GLN A 79 -8.41 -2.89 -0.40
N GLU A 80 -7.74 -3.27 -1.50
CA GLU A 80 -7.86 -4.61 -2.08
C GLU A 80 -9.08 -4.71 -3.00
N ILE A 81 -9.03 -5.67 -3.92
CA ILE A 81 -10.13 -5.90 -4.86
C ILE A 81 -10.61 -7.35 -4.81
N LEU A 82 -11.93 -7.53 -4.73
CA LEU A 82 -12.51 -8.87 -4.66
C LEU A 82 -13.53 -9.10 -5.78
N ASN A 83 -13.28 -10.13 -6.59
CA ASN A 83 -14.16 -10.47 -7.70
C ASN A 83 -15.33 -11.33 -7.20
N GLU A 84 -16.19 -10.75 -6.39
CA GLU A 84 -17.35 -11.46 -5.84
C GLU A 84 -18.62 -10.61 -5.89
N PRO B 1 -42.01 0.81 -7.67
CA PRO B 1 -40.62 1.22 -7.46
C PRO B 1 -39.94 1.72 -8.76
N PRO B 2 -38.91 2.58 -8.63
CA PRO B 2 -38.19 3.13 -9.78
C PRO B 2 -37.20 2.13 -10.38
N ILE B 3 -36.53 2.53 -11.46
CA ILE B 3 -35.55 1.68 -12.14
C ILE B 3 -34.48 1.18 -11.16
N SER B 4 -34.57 -0.10 -10.80
CA SER B 4 -33.62 -0.71 -9.86
C SER B 4 -33.39 -2.18 -10.19
N LEU B 5 -32.23 -2.71 -9.77
CA LEU B 5 -31.89 -4.11 -10.01
C LEU B 5 -31.38 -4.79 -8.74
N ASP B 6 -30.26 -4.30 -8.21
CA ASP B 6 -29.66 -4.85 -6.99
C ASP B 6 -30.72 -5.08 -5.90
N LEU B 7 -31.54 -4.06 -5.65
CA LEU B 7 -32.59 -4.16 -4.64
C LEU B 7 -33.38 -5.47 -4.74
N THR B 8 -33.80 -5.81 -5.96
CA THR B 8 -34.57 -7.04 -6.20
C THR B 8 -33.80 -8.30 -5.76
N PHE B 9 -32.46 -8.21 -5.73
CA PHE B 9 -31.62 -9.33 -5.33
C PHE B 9 -30.88 -9.06 -4.02
N ASN B 10 -31.31 -8.03 -3.27
CA ASN B 10 -30.68 -7.67 -2.00
C ASN B 10 -30.51 -8.88 -1.07
N LEU B 11 -31.56 -9.70 -0.96
CA LEU B 11 -31.52 -10.90 -0.11
C LEU B 11 -30.23 -11.70 -0.33
N LEU B 12 -29.96 -12.07 -1.57
CA LEU B 12 -28.76 -12.83 -1.90
C LEU B 12 -27.55 -11.90 -2.04
N ARG B 13 -27.76 -10.72 -2.63
CA ARG B 13 -26.69 -9.74 -2.80
C ARG B 13 -25.98 -9.46 -1.47
N GLU B 14 -26.78 -9.13 -0.44
CA GLU B 14 -26.23 -8.84 0.88
C GLU B 14 -25.51 -10.06 1.44
N VAL B 15 -26.22 -11.19 1.50
CA VAL B 15 -25.63 -12.43 2.00
C VAL B 15 -24.28 -12.69 1.34
N LEU B 16 -24.24 -12.58 0.00
CA LEU B 16 -23.00 -12.79 -0.74
C LEU B 16 -21.97 -11.71 -0.40
N GLU B 17 -22.35 -10.43 -0.58
CA GLU B 17 -21.45 -9.31 -0.28
C GLU B 17 -20.93 -9.40 1.16
N ILE B 18 -21.81 -9.77 2.09
CA ILE B 18 -21.42 -9.90 3.50
C ILE B 18 -20.57 -11.16 3.72
N ALA B 19 -21.08 -12.31 3.28
CA ALA B 19 -20.37 -13.58 3.44
C ALA B 19 -18.97 -13.51 2.82
N LYS B 20 -18.86 -12.91 1.65
CA LYS B 20 -17.57 -12.79 0.96
C LYS B 20 -16.54 -12.00 1.80
N ALA B 21 -17.01 -11.18 2.74
CA ALA B 21 -16.12 -10.39 3.60
C ALA B 21 -15.28 -11.28 4.53
N GLU B 22 -15.89 -12.35 5.04
CA GLU B 22 -15.17 -13.28 5.94
C GLU B 22 -13.87 -13.76 5.30
N GLN B 23 -13.94 -14.14 4.01
CA GLN B 23 -12.76 -14.61 3.30
C GLN B 23 -11.67 -13.54 3.22
N GLU B 24 -12.05 -12.30 2.88
CA GLU B 24 -11.08 -11.21 2.78
C GLU B 24 -10.55 -10.82 4.16
N ALA B 25 -11.45 -10.78 5.16
CA ALA B 25 -11.05 -10.44 6.52
C ALA B 25 -10.09 -11.47 7.10
N GLU B 26 -10.32 -12.74 6.78
CA GLU B 26 -9.47 -13.84 7.27
C GLU B 26 -8.23 -14.04 6.38
N GLU B 27 -8.45 -14.57 5.16
CA GLU B 27 -7.35 -14.82 4.22
C GLU B 27 -6.41 -13.61 4.09
N ALA B 28 -6.99 -12.40 4.03
CA ALA B 28 -6.18 -11.18 3.90
C ALA B 28 -6.09 -10.40 5.22
N ALA B 29 -6.28 -11.10 6.34
CA ALA B 29 -6.21 -10.46 7.67
C ALA B 29 -4.85 -9.78 7.88
N LYS B 30 -3.78 -10.56 7.74
CA LYS B 30 -2.42 -10.05 7.91
C LYS B 30 -2.07 -9.00 6.85
N ASN B 31 -2.65 -9.15 5.66
CA ASN B 31 -2.42 -8.22 4.56
C ASN B 31 -3.09 -6.88 4.82
N ARG B 32 -4.40 -6.91 5.10
CA ARG B 32 -5.17 -5.68 5.37
C ARG B 32 -4.46 -4.78 6.39
N LEU B 33 -4.20 -5.31 7.59
CA LEU B 33 -3.54 -4.53 8.63
C LEU B 33 -2.18 -4.01 8.16
N LEU B 34 -1.36 -4.91 7.59
CA LEU B 34 -0.03 -4.52 7.08
C LEU B 34 -0.16 -3.29 6.17
N LEU B 35 -1.08 -3.36 5.21
CA LEU B 35 -1.32 -2.26 4.28
C LEU B 35 -1.73 -0.99 5.04
N GLU B 36 -2.80 -1.10 5.84
CA GLU B 36 -3.30 0.03 6.62
C GLU B 36 -2.24 0.57 7.60
N GLU B 37 -1.63 -0.34 8.37
CA GLU B 37 -0.60 0.04 9.34
C GLU B 37 0.47 0.92 8.70
N ALA B 38 1.03 0.46 7.57
CA ALA B 38 2.05 1.23 6.86
C ALA B 38 1.44 2.41 6.12
N LEU A 1 20.00 -7.35 0.93
CA LEU A 1 19.14 -7.62 -0.28
C LEU A 1 18.14 -6.50 -0.51
N GLN A 2 17.67 -6.36 -1.76
CA GLN A 2 16.70 -5.31 -2.13
C GLN A 2 17.32 -3.91 -2.08
N ASP A 3 17.71 -3.48 -0.87
CA ASP A 3 18.32 -2.17 -0.68
C ASP A 3 19.37 -1.88 -1.75
N GLN A 4 20.39 -2.74 -1.82
CA GLN A 4 21.47 -2.59 -2.82
C GLN A 4 20.90 -2.32 -4.21
N HIS A 5 20.07 -3.23 -4.71
CA HIS A 5 19.44 -3.05 -6.02
C HIS A 5 18.79 -1.67 -6.11
N CYS A 6 18.11 -1.27 -5.02
CA CYS A 6 17.46 0.05 -4.96
C CYS A 6 18.48 1.18 -4.93
N GLU A 7 19.39 1.15 -3.95
CA GLU A 7 20.42 2.19 -3.80
C GLU A 7 21.38 2.21 -5.00
N SER A 8 21.84 1.03 -5.41
CA SER A 8 22.77 0.92 -6.55
C SER A 8 22.24 1.70 -7.77
N LEU A 9 20.91 1.73 -7.92
CA LEU A 9 20.27 2.47 -9.02
C LEU A 9 20.68 3.95 -9.01
N SER A 10 21.15 4.44 -7.86
CA SER A 10 21.56 5.83 -7.72
C SER A 10 23.09 5.94 -7.59
N LEU A 11 23.82 5.04 -8.28
CA LEU A 11 25.28 5.05 -8.24
C LEU A 11 25.85 6.41 -8.65
N ALA A 12 25.10 7.14 -9.48
CA ALA A 12 25.54 8.47 -9.92
C ALA A 12 24.93 9.59 -9.06
N SER A 13 24.51 9.25 -7.84
CA SER A 13 23.92 10.24 -6.93
C SER A 13 24.87 10.58 -5.80
N ASN A 14 25.51 11.76 -5.88
CA ASN A 14 26.45 12.19 -4.85
C ASN A 14 25.77 12.28 -3.48
N ILE A 15 24.59 12.93 -3.46
CA ILE A 15 23.81 13.09 -2.23
C ILE A 15 24.48 14.06 -1.26
N SER A 16 23.86 15.23 -1.08
CA SER A 16 24.40 16.25 -0.17
C SER A 16 23.43 17.42 -0.03
N GLY A 17 22.76 17.49 1.13
CA GLY A 17 21.81 18.56 1.38
C GLY A 17 20.42 18.04 1.65
N LEU A 18 19.46 18.44 0.80
CA LEU A 18 18.07 17.99 0.95
C LEU A 18 17.69 17.00 -0.14
N GLN A 19 17.98 15.72 0.10
CA GLN A 19 17.67 14.65 -0.86
C GLN A 19 17.39 13.33 -0.14
N CYS A 20 16.66 12.43 -0.79
CA CYS A 20 16.32 11.12 -0.21
C CYS A 20 16.99 9.99 -1.00
N ASN A 21 17.44 8.96 -0.28
CA ASN A 21 18.10 7.80 -0.89
C ASN A 21 17.11 6.66 -1.19
N ALA A 22 17.64 5.55 -1.69
CA ALA A 22 16.83 4.37 -2.03
C ALA A 22 17.12 3.21 -1.07
N SER A 23 16.06 2.57 -0.57
CA SER A 23 16.20 1.44 0.35
C SER A 23 14.85 0.77 0.62
N VAL A 24 14.84 -0.25 1.48
CA VAL A 24 13.61 -0.96 1.83
C VAL A 24 12.79 -0.15 2.84
N ASP A 25 11.46 -0.17 2.68
CA ASP A 25 10.59 0.58 3.58
C ASP A 25 9.69 -0.35 4.38
N LEU A 26 8.67 -0.92 3.73
CA LEU A 26 7.74 -1.82 4.40
C LEU A 26 6.94 -2.63 3.37
N ILE A 27 6.10 -3.55 3.86
CA ILE A 27 5.25 -4.40 3.02
C ILE A 27 5.97 -4.86 1.74
N GLY A 28 7.29 -5.10 1.83
CA GLY A 28 8.06 -5.54 0.68
C GLY A 28 8.17 -4.50 -0.44
N THR A 29 7.84 -3.24 -0.14
CA THR A 29 7.92 -2.17 -1.14
C THR A 29 9.19 -1.35 -0.94
N CYS A 30 10.12 -1.46 -1.89
CA CYS A 30 11.38 -0.72 -1.85
C CYS A 30 11.22 0.64 -2.51
N TRP A 31 11.63 1.70 -1.81
CA TRP A 31 11.52 3.06 -2.35
C TRP A 31 12.88 3.62 -2.80
N PRO A 32 12.92 4.13 -4.05
CA PRO A 32 14.15 4.70 -4.63
C PRO A 32 14.46 6.12 -4.15
N ARG A 33 15.57 6.68 -4.65
CA ARG A 33 15.99 8.04 -4.29
C ARG A 33 14.91 9.07 -4.64
N SER A 34 14.89 10.18 -3.91
CA SER A 34 13.91 11.24 -4.15
C SER A 34 14.48 12.62 -3.84
N PRO A 35 13.86 13.68 -4.39
CA PRO A 35 14.30 15.06 -4.16
C PRO A 35 13.97 15.57 -2.76
N ALA A 36 14.21 16.87 -2.53
CA ALA A 36 13.95 17.49 -1.22
C ALA A 36 12.48 17.40 -0.82
N GLY A 37 12.11 16.29 -0.20
CA GLY A 37 10.72 16.09 0.24
C GLY A 37 9.91 15.26 -0.74
N GLN A 38 8.77 15.82 -1.16
CA GLN A 38 7.87 15.16 -2.10
C GLN A 38 7.13 13.97 -1.47
N LEU A 39 6.09 13.51 -2.16
CA LEU A 39 5.27 12.38 -1.71
C LEU A 39 5.76 11.08 -2.35
N VAL A 40 6.09 11.14 -3.65
CA VAL A 40 6.57 9.98 -4.40
C VAL A 40 5.47 8.95 -4.58
N VAL A 41 4.77 9.04 -5.72
CA VAL A 41 3.67 8.14 -6.04
C VAL A 41 4.15 6.69 -6.24
N ARG A 42 3.57 5.76 -5.49
CA ARG A 42 3.92 4.34 -5.57
C ARG A 42 2.72 3.46 -5.22
N PRO A 43 2.26 2.61 -6.16
CA PRO A 43 1.11 1.72 -5.95
C PRO A 43 1.48 0.43 -5.20
N CYS A 44 0.55 -0.54 -5.23
CA CYS A 44 0.75 -1.84 -4.57
C CYS A 44 1.56 -2.79 -5.45
N PRO A 45 2.41 -3.64 -4.85
CA PRO A 45 3.22 -4.61 -5.61
C PRO A 45 2.37 -5.64 -6.38
N ALA A 46 1.05 -5.64 -6.13
CA ALA A 46 0.11 -6.55 -6.79
C ALA A 46 0.18 -7.95 -6.17
N PHE A 47 1.10 -8.78 -6.66
CA PHE A 47 1.25 -10.15 -6.14
C PHE A 47 1.77 -10.14 -4.70
N PHE A 48 0.89 -9.77 -3.77
CA PHE A 48 1.24 -9.70 -2.35
C PHE A 48 0.76 -10.93 -1.60
N TYR A 49 1.70 -11.69 -1.03
CA TYR A 49 1.38 -12.89 -0.26
C TYR A 49 0.70 -13.95 -1.13
N GLY A 50 -0.57 -13.72 -1.46
CA GLY A 50 -1.33 -14.64 -2.29
C GLY A 50 -2.55 -14.00 -2.92
N VAL A 51 -2.37 -12.78 -3.43
CA VAL A 51 -3.46 -12.03 -4.05
C VAL A 51 -2.94 -11.14 -5.19
N ARG A 52 -3.80 -10.84 -6.16
CA ARG A 52 -3.42 -10.01 -7.30
C ARG A 52 -3.45 -8.51 -6.95
N TYR A 53 -4.50 -8.10 -6.21
CA TYR A 53 -4.67 -6.70 -5.81
C TYR A 53 -4.96 -5.80 -7.01
N ASN A 54 -6.19 -5.30 -7.09
CA ASN A 54 -6.60 -4.42 -8.19
C ASN A 54 -5.99 -3.02 -8.01
N THR A 55 -4.69 -2.90 -8.29
CA THR A 55 -3.96 -1.64 -8.15
C THR A 55 -4.51 -0.55 -9.09
N THR A 56 -5.68 -0.03 -8.74
CA THR A 56 -6.33 1.03 -9.54
C THR A 56 -5.80 2.42 -9.18
N ASN A 57 -5.22 2.55 -7.98
CA ASN A 57 -4.68 3.84 -7.53
C ASN A 57 -3.25 3.68 -7.01
N ASN A 58 -2.55 4.80 -6.88
CA ASN A 58 -1.16 4.79 -6.41
C ASN A 58 -1.03 5.44 -5.04
N GLY A 59 -0.26 4.79 -4.16
CA GLY A 59 -0.04 5.33 -2.83
C GLY A 59 1.17 6.24 -2.78
N TYR A 60 1.50 6.72 -1.59
CA TYR A 60 2.66 7.62 -1.41
C TYR A 60 3.24 7.50 -0.01
N ARG A 61 4.55 7.69 0.10
CA ARG A 61 5.26 7.60 1.37
C ARG A 61 5.65 8.97 1.93
N GLU A 62 5.97 9.90 1.03
CA GLU A 62 6.37 11.25 1.42
C GLU A 62 7.75 11.28 2.07
N CYS A 63 8.54 12.28 1.73
CA CYS A 63 9.88 12.44 2.28
C CYS A 63 9.97 13.73 3.08
N LEU A 64 10.62 13.66 4.25
CA LEU A 64 10.77 14.83 5.11
C LEU A 64 11.63 15.91 4.43
N ALA A 65 11.49 17.15 4.90
CA ALA A 65 12.25 18.27 4.35
C ALA A 65 13.74 18.18 4.73
N ASN A 66 14.38 17.10 4.29
CA ASN A 66 15.80 16.88 4.58
C ASN A 66 16.33 15.67 3.80
N GLY A 67 15.85 14.48 4.16
CA GLY A 67 16.28 13.25 3.49
C GLY A 67 15.84 12.00 4.21
N SER A 68 14.53 11.85 4.40
CA SER A 68 13.97 10.69 5.09
C SER A 68 12.48 10.54 4.81
N TRP A 69 12.06 9.31 4.55
CA TRP A 69 10.64 9.03 4.25
C TRP A 69 9.77 9.25 5.49
N ALA A 70 8.50 9.61 5.26
CA ALA A 70 7.55 9.83 6.36
C ALA A 70 7.07 8.52 6.97
N ALA A 71 6.56 8.60 8.19
CA ALA A 71 6.05 7.42 8.91
C ALA A 71 4.58 7.11 8.56
N ARG A 72 4.27 7.06 7.26
CA ARG A 72 2.91 6.78 6.79
C ARG A 72 2.86 6.66 5.26
N VAL A 73 2.15 5.63 4.78
CA VAL A 73 2.01 5.40 3.35
C VAL A 73 0.55 5.21 2.97
N ASN A 74 0.09 5.95 1.96
CA ASN A 74 -1.30 5.85 1.50
C ASN A 74 -1.49 4.57 0.69
N TYR A 75 -1.35 3.42 1.37
CA TYR A 75 -1.48 2.11 0.70
C TYR A 75 -2.92 1.57 0.73
N SER A 76 -3.84 2.30 1.36
CA SER A 76 -5.24 1.87 1.43
C SER A 76 -5.78 1.46 0.06
N GLU A 77 -5.22 2.08 -0.98
CA GLU A 77 -5.61 1.81 -2.38
C GLU A 77 -5.54 0.32 -2.75
N CYS A 78 -4.76 -0.47 -2.01
CA CYS A 78 -4.62 -1.90 -2.28
C CYS A 78 -5.94 -2.63 -2.03
N GLN A 79 -6.78 -2.75 -3.06
CA GLN A 79 -8.06 -3.42 -2.94
C GLN A 79 -8.05 -4.82 -3.57
N GLU A 80 -8.70 -5.76 -2.88
CA GLU A 80 -8.76 -7.15 -3.33
C GLU A 80 -9.61 -7.30 -4.61
N ILE A 81 -9.36 -8.37 -5.36
CA ILE A 81 -10.09 -8.65 -6.59
C ILE A 81 -11.61 -8.65 -6.38
N LEU A 82 -12.06 -9.19 -5.25
CA LEU A 82 -13.48 -9.24 -4.94
C LEU A 82 -13.89 -8.15 -3.92
N ASN A 83 -13.16 -7.04 -3.93
CA ASN A 83 -13.45 -5.93 -3.01
C ASN A 83 -14.69 -5.15 -3.46
N GLU A 84 -15.36 -4.52 -2.49
CA GLU A 84 -16.56 -3.73 -2.77
C GLU A 84 -17.00 -2.94 -1.53
N PRO B 1 -26.87 16.02 -4.85
CA PRO B 1 -27.10 16.43 -3.48
C PRO B 1 -28.50 16.02 -2.97
N PRO B 2 -28.86 14.73 -3.08
CA PRO B 2 -30.17 14.22 -2.65
C PRO B 2 -30.30 14.11 -1.12
N ILE B 3 -29.98 15.21 -0.42
CA ILE B 3 -30.06 15.28 1.05
C ILE B 3 -29.37 14.08 1.73
N SER B 4 -29.64 13.89 3.03
CA SER B 4 -29.05 12.78 3.79
C SER B 4 -30.10 11.70 4.08
N LEU B 5 -30.67 11.13 3.02
CA LEU B 5 -31.69 10.09 3.17
C LEU B 5 -31.05 8.70 3.30
N ASP B 6 -30.42 8.45 4.44
CA ASP B 6 -29.77 7.15 4.68
C ASP B 6 -29.75 6.80 6.18
N LEU B 7 -28.56 6.81 6.81
CA LEU B 7 -28.41 6.48 8.23
C LEU B 7 -28.72 5.00 8.50
N THR B 8 -29.96 4.59 8.26
CA THR B 8 -30.38 3.20 8.47
C THR B 8 -29.67 2.26 7.49
N PHE B 9 -29.56 2.67 6.22
CA PHE B 9 -28.91 1.85 5.20
C PHE B 9 -27.43 1.59 5.53
N ASN B 10 -26.73 2.60 6.04
CA ASN B 10 -25.33 2.47 6.40
C ASN B 10 -25.06 1.19 7.20
N LEU B 11 -25.91 0.95 8.22
CA LEU B 11 -25.77 -0.23 9.07
C LEU B 11 -25.76 -1.52 8.24
N LEU B 12 -26.89 -1.81 7.56
CA LEU B 12 -26.99 -3.01 6.73
C LEU B 12 -25.89 -3.03 5.66
N ARG B 13 -25.61 -1.87 5.08
CA ARG B 13 -24.57 -1.76 4.05
C ARG B 13 -23.24 -2.30 4.57
N GLU B 14 -22.79 -1.75 5.70
CA GLU B 14 -21.54 -2.19 6.32
C GLU B 14 -21.60 -3.67 6.68
N VAL B 15 -22.72 -4.08 7.29
CA VAL B 15 -22.93 -5.48 7.67
C VAL B 15 -22.78 -6.42 6.47
N LEU B 16 -23.43 -6.08 5.35
CA LEU B 16 -23.37 -6.91 4.15
C LEU B 16 -22.01 -6.82 3.46
N GLU B 17 -21.42 -5.62 3.38
CA GLU B 17 -20.12 -5.45 2.74
C GLU B 17 -19.02 -6.15 3.55
N ILE B 18 -19.00 -5.91 4.86
CA ILE B 18 -18.01 -6.55 5.73
C ILE B 18 -18.15 -8.07 5.65
N ALA B 19 -19.34 -8.58 5.96
CA ALA B 19 -19.60 -10.03 5.90
C ALA B 19 -19.12 -10.60 4.57
N LYS B 20 -19.37 -9.87 3.48
CA LYS B 20 -18.94 -10.29 2.15
C LYS B 20 -17.42 -10.31 2.05
N ALA B 21 -16.79 -9.24 2.53
CA ALA B 21 -15.32 -9.13 2.52
C ALA B 21 -14.67 -10.11 3.49
N GLU B 22 -15.39 -10.47 4.57
CA GLU B 22 -14.88 -11.40 5.58
C GLU B 22 -14.12 -12.57 4.95
N GLN B 23 -14.70 -13.18 3.90
CA GLN B 23 -14.05 -14.30 3.21
C GLN B 23 -12.58 -13.98 2.96
N GLU B 24 -12.31 -12.76 2.49
CA GLU B 24 -10.95 -12.30 2.25
C GLU B 24 -10.37 -11.74 3.54
N ALA B 25 -11.16 -10.89 4.22
CA ALA B 25 -10.75 -10.27 5.48
C ALA B 25 -10.14 -11.29 6.44
N GLU B 26 -10.82 -12.43 6.61
CA GLU B 26 -10.35 -13.50 7.50
C GLU B 26 -8.86 -13.80 7.27
N GLU B 27 -8.46 -13.85 6.00
CA GLU B 27 -7.07 -14.13 5.64
C GLU B 27 -6.30 -12.83 5.36
N ALA B 28 -6.95 -11.90 4.66
CA ALA B 28 -6.34 -10.62 4.31
C ALA B 28 -6.07 -9.72 5.52
N ALA B 29 -6.79 -9.95 6.64
CA ALA B 29 -6.65 -9.15 7.86
C ALA B 29 -5.21 -8.65 8.05
N LYS B 30 -4.27 -9.58 8.19
CA LYS B 30 -2.85 -9.24 8.37
C LYS B 30 -2.31 -8.48 7.16
N ASN B 31 -2.64 -8.98 5.95
CA ASN B 31 -2.20 -8.34 4.71
C ASN B 31 -2.74 -6.91 4.60
N ARG B 32 -4.04 -6.75 4.84
CA ARG B 32 -4.69 -5.44 4.77
C ARG B 32 -4.11 -4.48 5.82
N LEU B 33 -4.11 -4.91 7.09
CA LEU B 33 -3.58 -4.07 8.17
C LEU B 33 -2.12 -3.71 7.91
N LEU B 34 -1.31 -4.68 7.49
CA LEU B 34 0.10 -4.44 7.21
C LEU B 34 0.29 -3.34 6.16
N LEU B 35 -0.66 -3.21 5.23
CA LEU B 35 -0.58 -2.20 4.18
C LEU B 35 -1.10 -0.85 4.67
N GLU B 36 -2.23 -0.86 5.39
CA GLU B 36 -2.83 0.37 5.91
C GLU B 36 -1.97 1.00 7.02
N GLU B 37 -1.52 0.16 7.96
CA GLU B 37 -0.69 0.63 9.08
C GLU B 37 0.49 1.51 8.60
N ALA B 38 1.02 1.21 7.41
CA ALA B 38 2.14 1.96 6.84
C ALA B 38 2.03 3.45 7.15
N LEU A 1 14.12 -9.41 -3.38
CA LEU A 1 15.09 -9.22 -4.49
C LEU A 1 15.18 -7.75 -4.93
N GLN A 2 14.02 -7.07 -4.95
CA GLN A 2 13.97 -5.65 -5.31
C GLN A 2 14.84 -4.84 -4.36
N ASP A 3 14.82 -5.24 -3.08
CA ASP A 3 15.61 -4.61 -2.03
C ASP A 3 17.01 -4.24 -2.53
N GLN A 4 17.80 -5.25 -2.90
CA GLN A 4 19.15 -5.04 -3.42
C GLN A 4 19.14 -4.04 -4.58
N HIS A 5 18.20 -4.23 -5.52
CA HIS A 5 18.07 -3.34 -6.67
C HIS A 5 17.90 -1.89 -6.19
N CYS A 6 17.09 -1.71 -5.15
CA CYS A 6 16.85 -0.38 -4.58
C CYS A 6 18.05 0.06 -3.73
N GLU A 7 18.54 -0.86 -2.89
CA GLU A 7 19.70 -0.59 -2.02
C GLU A 7 20.92 -0.18 -2.85
N SER A 8 21.13 -0.86 -3.97
CA SER A 8 22.28 -0.57 -4.85
C SER A 8 22.20 0.85 -5.40
N LEU A 9 23.19 1.22 -6.22
CA LEU A 9 23.26 2.56 -6.82
C LEU A 9 23.51 3.64 -5.76
N SER A 10 22.68 3.68 -4.70
CA SER A 10 22.82 4.66 -3.62
C SER A 10 24.29 4.81 -3.19
N LEU A 11 24.95 3.68 -2.95
CA LEU A 11 26.36 3.68 -2.55
C LEU A 11 27.19 4.51 -3.53
N ALA A 12 27.97 5.45 -2.98
CA ALA A 12 28.83 6.34 -3.78
C ALA A 12 28.09 7.60 -4.26
N SER A 13 26.81 7.72 -3.91
CA SER A 13 26.02 8.89 -4.31
C SER A 13 26.52 10.14 -3.58
N ASN A 14 27.06 11.09 -4.34
CA ASN A 14 27.59 12.33 -3.76
C ASN A 14 26.48 13.21 -3.16
N ILE A 15 25.84 12.69 -2.11
CA ILE A 15 24.76 13.41 -1.43
C ILE A 15 24.87 13.25 0.08
N SER A 16 25.95 13.79 0.65
CA SER A 16 26.18 13.72 2.10
C SER A 16 25.35 14.77 2.84
N GLY A 17 24.04 14.57 2.90
CA GLY A 17 23.17 15.51 3.58
C GLY A 17 21.76 14.97 3.81
N LEU A 18 20.76 15.86 3.68
CA LEU A 18 19.36 15.47 3.86
C LEU A 18 18.74 14.99 2.55
N GLN A 19 18.61 13.67 2.41
CA GLN A 19 18.02 13.08 1.21
C GLN A 19 17.42 11.69 1.51
N CYS A 20 16.55 11.22 0.61
CA CYS A 20 15.92 9.91 0.79
C CYS A 20 16.79 8.81 0.17
N ASN A 21 17.66 8.24 1.00
CA ASN A 21 18.58 7.18 0.56
C ASN A 21 17.85 5.99 -0.08
N ALA A 22 18.52 5.33 -1.03
CA ALA A 22 17.94 4.17 -1.71
C ALA A 22 17.83 2.98 -0.75
N SER A 23 16.62 2.45 -0.60
CA SER A 23 16.39 1.30 0.29
C SER A 23 14.91 0.88 0.28
N VAL A 24 14.41 0.44 1.44
CA VAL A 24 13.02 0.00 1.57
C VAL A 24 12.31 0.75 2.70
N ASP A 25 10.99 0.87 2.62
CA ASP A 25 10.21 1.57 3.64
C ASP A 25 9.15 0.65 4.28
N LEU A 26 8.13 0.27 3.50
CA LEU A 26 7.06 -0.58 4.02
C LEU A 26 6.47 -1.50 2.94
N ILE A 27 5.72 -2.52 3.38
CA ILE A 27 5.07 -3.49 2.50
C ILE A 27 6.05 -4.12 1.49
N GLY A 28 5.51 -4.81 0.48
CA GLY A 28 6.36 -5.44 -0.53
C GLY A 28 6.77 -4.48 -1.63
N THR A 29 7.60 -3.48 -1.27
CA THR A 29 8.06 -2.49 -2.24
C THR A 29 9.21 -1.65 -1.67
N CYS A 30 10.25 -1.44 -2.48
CA CYS A 30 11.42 -0.64 -2.07
C CYS A 30 11.56 0.59 -2.96
N TRP A 31 12.43 1.53 -2.56
CA TRP A 31 12.62 2.75 -3.33
C TRP A 31 14.10 3.16 -3.44
N PRO A 32 14.44 3.92 -4.51
CA PRO A 32 15.81 4.38 -4.76
C PRO A 32 16.08 5.78 -4.20
N ARG A 33 17.35 6.20 -4.25
CA ARG A 33 17.76 7.52 -3.76
C ARG A 33 16.85 8.61 -4.33
N SER A 34 16.12 9.28 -3.44
CA SER A 34 15.19 10.33 -3.86
C SER A 34 15.36 11.61 -3.02
N PRO A 35 14.89 12.77 -3.54
CA PRO A 35 14.99 14.05 -2.83
C PRO A 35 13.89 14.26 -1.78
N ALA A 36 14.15 15.18 -0.86
CA ALA A 36 13.19 15.50 0.20
C ALA A 36 12.13 16.48 -0.31
N GLY A 37 10.92 16.38 0.24
CA GLY A 37 9.83 17.27 -0.17
C GLY A 37 9.18 16.80 -1.46
N GLN A 38 8.93 15.50 -1.56
CA GLN A 38 8.30 14.92 -2.74
C GLN A 38 7.28 13.86 -2.33
N LEU A 39 6.09 13.89 -2.96
CA LEU A 39 5.03 12.93 -2.64
C LEU A 39 5.31 11.54 -3.21
N VAL A 40 5.51 11.47 -4.53
CA VAL A 40 5.78 10.19 -5.21
C VAL A 40 4.55 9.28 -5.15
N VAL A 41 3.74 9.34 -6.21
CA VAL A 41 2.52 8.54 -6.31
C VAL A 41 2.66 7.43 -7.35
N ARG A 42 2.11 6.25 -7.04
CA ARG A 42 2.19 5.11 -7.96
C ARG A 42 1.17 4.01 -7.60
N PRO A 43 0.79 3.18 -8.58
CA PRO A 43 -0.17 2.09 -8.36
C PRO A 43 0.33 1.05 -7.36
N CYS A 44 -0.60 0.30 -6.79
CA CYS A 44 -0.25 -0.75 -5.81
C CYS A 44 0.04 -2.07 -6.52
N PRO A 45 0.61 -3.06 -5.80
CA PRO A 45 0.94 -4.37 -6.39
C PRO A 45 -0.31 -5.21 -6.68
N ALA A 46 -0.29 -5.95 -7.79
CA ALA A 46 -1.42 -6.79 -8.18
C ALA A 46 -1.62 -7.97 -7.23
N PHE A 47 -0.52 -8.52 -6.71
CA PHE A 47 -0.58 -9.65 -5.78
C PHE A 47 0.37 -9.44 -4.62
N PHE A 48 -0.11 -9.70 -3.40
CA PHE A 48 0.71 -9.54 -2.21
C PHE A 48 1.45 -10.84 -1.88
N TYR A 49 1.86 -11.01 -0.62
CA TYR A 49 2.58 -12.21 -0.19
C TYR A 49 1.83 -13.47 -0.66
N GLY A 50 0.53 -13.53 -0.37
CA GLY A 50 -0.28 -14.66 -0.78
C GLY A 50 -1.74 -14.30 -1.01
N VAL A 51 -1.99 -13.09 -1.52
CA VAL A 51 -3.35 -12.63 -1.78
C VAL A 51 -3.41 -11.63 -2.94
N ARG A 52 -4.53 -11.64 -3.66
CA ARG A 52 -4.75 -10.75 -4.80
C ARG A 52 -5.02 -9.32 -4.34
N TYR A 53 -4.39 -8.34 -5.00
CA TYR A 53 -4.57 -6.93 -4.68
C TYR A 53 -4.98 -6.15 -5.92
N ASN A 54 -6.22 -5.63 -5.92
CA ASN A 54 -6.74 -4.87 -7.06
C ASN A 54 -5.90 -3.61 -7.32
N THR A 55 -4.89 -3.75 -8.18
CA THR A 55 -4.01 -2.62 -8.52
C THR A 55 -4.71 -1.63 -9.45
N THR A 56 -5.41 -0.66 -8.86
CA THR A 56 -6.14 0.35 -9.64
C THR A 56 -6.27 1.67 -8.87
N ASN A 57 -5.25 2.01 -8.08
CA ASN A 57 -5.27 3.25 -7.29
C ASN A 57 -3.90 3.94 -7.30
N ASN A 58 -3.91 5.27 -7.14
CA ASN A 58 -2.67 6.04 -7.13
C ASN A 58 -2.16 6.25 -5.70
N GLY A 59 -1.31 5.34 -5.24
CA GLY A 59 -0.75 5.45 -3.89
C GLY A 59 0.37 6.47 -3.81
N TYR A 60 0.20 7.49 -2.96
CA TYR A 60 1.20 8.55 -2.82
C TYR A 60 1.85 8.55 -1.43
N ARG A 61 2.96 9.28 -1.31
CA ARG A 61 3.71 9.39 -0.05
C ARG A 61 4.21 10.83 0.17
N GLU A 62 5.36 10.97 0.84
CA GLU A 62 5.96 12.27 1.12
C GLU A 62 7.37 12.10 1.67
N CYS A 63 8.37 12.45 0.87
CA CYS A 63 9.77 12.33 1.29
C CYS A 63 10.12 13.40 2.33
N LEU A 64 9.67 13.16 3.57
CA LEU A 64 9.89 14.07 4.69
C LEU A 64 11.30 14.67 4.69
N ALA A 65 11.39 16.00 4.59
CA ALA A 65 12.67 16.69 4.58
C ALA A 65 13.36 16.60 5.95
N ASN A 66 13.83 15.39 6.27
CA ASN A 66 14.51 15.15 7.55
C ASN A 66 15.48 13.96 7.43
N GLY A 67 14.97 12.80 7.00
CA GLY A 67 15.80 11.62 6.86
C GLY A 67 15.00 10.33 6.86
N SER A 68 14.26 10.08 5.78
CA SER A 68 13.43 8.87 5.68
C SER A 68 12.71 8.82 4.32
N TRP A 69 12.68 7.63 3.71
CA TRP A 69 12.00 7.47 2.42
C TRP A 69 10.49 7.34 2.60
N ALA A 70 9.84 8.51 2.71
CA ALA A 70 8.38 8.59 2.89
C ALA A 70 7.95 8.27 4.33
N ALA A 71 6.88 8.93 4.77
CA ALA A 71 6.33 8.73 6.11
C ALA A 71 4.84 8.45 6.06
N ARG A 72 4.05 9.46 5.66
CA ARG A 72 2.60 9.30 5.54
C ARG A 72 2.24 8.80 4.14
N VAL A 73 2.26 7.48 3.97
CA VAL A 73 1.95 6.86 2.67
C VAL A 73 0.46 6.54 2.55
N ASN A 74 -0.07 6.68 1.34
CA ASN A 74 -1.48 6.38 1.08
C ASN A 74 -1.60 5.05 0.33
N TYR A 75 -1.48 3.94 1.07
CA TYR A 75 -1.55 2.60 0.47
C TYR A 75 -2.90 1.91 0.69
N SER A 76 -3.77 2.48 1.53
CA SER A 76 -5.09 1.87 1.79
C SER A 76 -5.98 1.87 0.55
N GLU A 77 -5.72 2.81 -0.38
CA GLU A 77 -6.49 2.94 -1.63
C GLU A 77 -7.03 1.61 -2.15
N CYS A 78 -6.13 0.64 -2.38
CA CYS A 78 -6.54 -0.68 -2.87
C CYS A 78 -6.42 -1.74 -1.77
N GLN A 79 -7.38 -1.71 -0.84
CA GLN A 79 -7.40 -2.65 0.28
C GLN A 79 -7.67 -4.09 -0.17
N GLU A 80 -6.69 -4.68 -0.86
CA GLU A 80 -6.79 -6.05 -1.36
C GLU A 80 -7.78 -6.15 -2.54
N ILE A 81 -9.08 -6.09 -2.24
CA ILE A 81 -10.13 -6.18 -3.27
C ILE A 81 -9.78 -7.17 -4.38
N LEU A 82 -9.48 -8.42 -3.98
CA LEU A 82 -9.11 -9.47 -4.93
C LEU A 82 -10.20 -9.67 -6.00
N ASN A 83 -9.76 -9.78 -7.25
CA ASN A 83 -10.70 -9.97 -8.37
C ASN A 83 -11.06 -11.45 -8.57
N GLU A 84 -11.84 -11.99 -7.63
CA GLU A 84 -12.28 -13.40 -7.70
C GLU A 84 -13.05 -13.78 -6.43
N PRO B 1 -12.77 -22.08 -24.87
CA PRO B 1 -13.69 -23.22 -24.82
C PRO B 1 -13.63 -23.97 -23.48
N PRO B 2 -14.73 -24.68 -23.13
CA PRO B 2 -14.79 -25.44 -21.87
C PRO B 2 -13.77 -26.57 -21.81
N ILE B 3 -13.66 -27.35 -22.90
CA ILE B 3 -12.73 -28.48 -23.00
C ILE B 3 -12.69 -29.34 -21.73
N SER B 4 -11.89 -28.93 -20.74
CA SER B 4 -11.78 -29.66 -19.48
C SER B 4 -11.15 -28.81 -18.37
N LEU B 5 -10.52 -29.46 -17.39
CA LEU B 5 -9.87 -28.79 -16.27
C LEU B 5 -10.88 -28.14 -15.34
N ASP B 6 -11.57 -27.10 -15.81
CA ASP B 6 -12.57 -26.39 -15.00
C ASP B 6 -13.67 -27.35 -14.50
N LEU B 7 -14.32 -28.05 -15.43
CA LEU B 7 -15.39 -28.99 -15.08
C LEU B 7 -14.93 -29.98 -14.00
N THR B 8 -13.73 -30.55 -14.19
CA THR B 8 -13.17 -31.49 -13.22
C THR B 8 -12.71 -30.78 -11.95
N PHE B 9 -12.39 -29.48 -12.06
CA PHE B 9 -11.93 -28.69 -10.93
C PHE B 9 -13.11 -28.08 -10.15
N ASN B 10 -14.25 -27.90 -10.82
CA ASN B 10 -15.45 -27.31 -10.20
C ASN B 10 -15.57 -27.68 -8.71
N LEU B 11 -15.54 -28.97 -8.41
CA LEU B 11 -15.64 -29.46 -7.02
C LEU B 11 -14.63 -28.75 -6.11
N LEU B 12 -13.41 -28.56 -6.59
CA LEU B 12 -12.38 -27.88 -5.81
C LEU B 12 -12.45 -26.37 -6.03
N ARG B 13 -12.80 -25.95 -7.27
CA ARG B 13 -12.94 -24.53 -7.58
C ARG B 13 -14.03 -23.90 -6.73
N GLU B 14 -15.19 -24.55 -6.68
CA GLU B 14 -16.31 -24.06 -5.86
C GLU B 14 -15.84 -23.87 -4.41
N VAL B 15 -15.09 -24.85 -3.91
CA VAL B 15 -14.54 -24.78 -2.55
C VAL B 15 -13.50 -23.67 -2.48
N LEU B 16 -12.62 -23.64 -3.49
CA LEU B 16 -11.58 -22.62 -3.57
C LEU B 16 -12.21 -21.23 -3.55
N GLU B 17 -13.25 -21.04 -4.37
CA GLU B 17 -13.97 -19.76 -4.42
C GLU B 17 -14.44 -19.38 -3.01
N ILE B 18 -14.95 -20.37 -2.28
CA ILE B 18 -15.40 -20.17 -0.91
C ILE B 18 -14.20 -19.88 0.00
N ALA B 19 -13.19 -20.76 -0.06
CA ALA B 19 -11.97 -20.60 0.74
C ALA B 19 -11.40 -19.19 0.56
N LYS B 20 -11.50 -18.66 -0.66
CA LYS B 20 -11.01 -17.32 -0.96
C LYS B 20 -11.61 -16.30 0.02
N ALA B 21 -12.80 -16.59 0.54
CA ALA B 21 -13.48 -15.70 1.50
C ALA B 21 -12.71 -15.61 2.83
N GLU B 22 -12.50 -16.76 3.48
CA GLU B 22 -11.77 -16.78 4.76
C GLU B 22 -10.44 -16.01 4.64
N GLN B 23 -9.82 -16.09 3.45
CA GLN B 23 -8.57 -15.38 3.19
C GLN B 23 -8.72 -13.88 3.48
N GLU B 24 -9.92 -13.35 3.25
CA GLU B 24 -10.20 -11.94 3.51
C GLU B 24 -9.95 -11.58 4.98
N ALA B 25 -10.24 -12.52 5.88
CA ALA B 25 -10.03 -12.32 7.31
C ALA B 25 -8.64 -12.80 7.76
N GLU B 26 -8.00 -13.63 6.94
CA GLU B 26 -6.68 -14.16 7.27
C GLU B 26 -5.59 -13.54 6.38
N GLU B 27 -5.46 -14.03 5.14
CA GLU B 27 -4.45 -13.52 4.20
C GLU B 27 -4.65 -12.05 3.89
N ALA B 28 -5.90 -11.65 3.63
CA ALA B 28 -6.20 -10.26 3.33
C ALA B 28 -6.07 -9.38 4.57
N ALA B 29 -6.86 -9.69 5.61
CA ALA B 29 -6.83 -8.93 6.86
C ALA B 29 -5.41 -8.67 7.36
N LYS B 30 -4.60 -9.73 7.50
CA LYS B 30 -3.22 -9.58 7.97
C LYS B 30 -2.48 -8.50 7.18
N ASN B 31 -2.73 -8.45 5.86
CA ASN B 31 -2.11 -7.45 4.99
C ASN B 31 -2.92 -6.17 4.98
N ARG B 32 -4.23 -6.28 4.73
CA ARG B 32 -5.11 -5.12 4.72
C ARG B 32 -4.96 -4.30 6.00
N LEU B 33 -4.68 -4.98 7.11
CA LEU B 33 -4.47 -4.32 8.40
C LEU B 33 -3.08 -3.69 8.47
N LEU B 34 -2.05 -4.47 8.11
CA LEU B 34 -0.67 -3.96 8.13
C LEU B 34 -0.52 -2.78 7.17
N LEU B 35 -1.22 -2.84 6.03
CA LEU B 35 -1.19 -1.77 5.03
C LEU B 35 -1.39 -0.39 5.67
N GLU B 36 -2.22 -0.34 6.73
CA GLU B 36 -2.53 0.90 7.44
C GLU B 36 -1.30 1.55 8.07
N GLU B 37 -0.35 0.74 8.54
CA GLU B 37 0.87 1.26 9.18
C GLU B 37 1.60 2.25 8.26
N ALA B 38 1.43 2.09 6.95
CA ALA B 38 2.08 2.96 5.98
C ALA B 38 1.65 4.42 6.17
N LEU A 1 18.50 -8.99 -3.58
CA LEU A 1 18.32 -8.56 -5.00
C LEU A 1 17.70 -7.16 -5.08
N GLN A 2 16.39 -7.06 -4.79
CA GLN A 2 15.71 -5.75 -4.80
C GLN A 2 16.50 -4.76 -3.94
N ASP A 3 16.97 -5.25 -2.80
CA ASP A 3 17.76 -4.46 -1.85
C ASP A 3 18.91 -3.74 -2.57
N GLN A 4 19.96 -4.49 -2.92
CA GLN A 4 21.13 -3.94 -3.61
C GLN A 4 20.71 -3.22 -4.90
N HIS A 5 19.70 -3.75 -5.59
CA HIS A 5 19.20 -3.16 -6.83
C HIS A 5 18.64 -1.76 -6.55
N CYS A 6 17.86 -1.64 -5.47
CA CYS A 6 17.27 -0.35 -5.08
C CYS A 6 18.30 0.52 -4.35
N GLU A 7 19.12 -0.09 -3.50
CA GLU A 7 20.14 0.64 -2.75
C GLU A 7 21.18 1.25 -3.70
N SER A 8 21.50 0.52 -4.77
CA SER A 8 22.46 1.00 -5.77
C SER A 8 21.99 2.31 -6.41
N LEU A 9 22.79 2.83 -7.33
CA LEU A 9 22.47 4.09 -8.02
C LEU A 9 22.53 5.28 -7.07
N SER A 10 21.71 5.25 -6.02
CA SER A 10 21.67 6.32 -5.01
C SER A 10 23.08 6.67 -4.52
N LEU A 11 23.90 5.64 -4.29
CA LEU A 11 25.28 5.84 -3.83
C LEU A 11 26.05 6.77 -4.77
N ALA A 12 25.80 6.65 -6.08
CA ALA A 12 26.45 7.49 -7.07
C ALA A 12 25.65 8.77 -7.29
N SER A 13 25.64 9.62 -6.27
CA SER A 13 24.89 10.88 -6.32
C SER A 13 25.71 12.04 -5.75
N ASN A 14 26.07 11.94 -4.46
CA ASN A 14 26.85 12.97 -3.79
C ASN A 14 26.02 14.24 -3.55
N ILE A 15 24.77 14.05 -3.11
CA ILE A 15 23.87 15.17 -2.84
C ILE A 15 24.32 15.96 -1.61
N SER A 16 24.11 17.28 -1.64
CA SER A 16 24.51 18.15 -0.52
C SER A 16 23.65 17.90 0.72
N GLY A 17 23.74 16.69 1.28
CA GLY A 17 22.97 16.34 2.48
C GLY A 17 21.47 16.57 2.34
N LEU A 18 20.88 15.99 1.30
CA LEU A 18 19.45 16.13 1.05
C LEU A 18 18.90 14.91 0.29
N GLN A 19 17.59 14.92 0.00
CA GLN A 19 16.92 13.84 -0.72
C GLN A 19 16.76 12.59 0.15
N CYS A 20 15.84 11.72 -0.24
CA CYS A 20 15.60 10.47 0.49
C CYS A 20 16.26 9.30 -0.23
N ASN A 21 17.07 8.53 0.49
CA ASN A 21 17.77 7.38 -0.07
C ASN A 21 16.80 6.22 -0.34
N ALA A 22 17.15 5.38 -1.31
CA ALA A 22 16.32 4.24 -1.68
C ALA A 22 16.31 3.19 -0.56
N SER A 23 15.16 2.54 -0.38
CA SER A 23 15.01 1.51 0.66
C SER A 23 13.83 0.58 0.38
N VAL A 24 13.90 -0.64 0.93
CA VAL A 24 12.84 -1.63 0.77
C VAL A 24 12.16 -1.92 2.11
N ASP A 25 11.17 -1.10 2.45
CA ASP A 25 10.45 -1.24 3.72
C ASP A 25 8.97 -1.62 3.52
N LEU A 26 8.29 -1.92 4.63
CA LEU A 26 6.87 -2.29 4.63
C LEU A 26 6.64 -3.67 4.00
N ILE A 27 6.77 -3.75 2.67
CA ILE A 27 6.58 -5.00 1.94
C ILE A 27 7.59 -5.11 0.80
N GLY A 28 7.47 -6.15 -0.02
CA GLY A 28 8.40 -6.35 -1.14
C GLY A 28 8.27 -5.26 -2.22
N THR A 29 8.32 -4.00 -1.80
CA THR A 29 8.21 -2.86 -2.71
C THR A 29 9.21 -1.79 -2.34
N CYS A 30 10.45 -1.95 -2.78
CA CYS A 30 11.51 -0.99 -2.47
C CYS A 30 11.23 0.39 -3.08
N TRP A 31 11.64 1.43 -2.38
CA TRP A 31 11.45 2.80 -2.83
C TRP A 31 12.78 3.38 -3.30
N PRO A 32 12.83 3.91 -4.54
CA PRO A 32 14.05 4.49 -5.10
C PRO A 32 14.36 5.86 -4.50
N ARG A 33 15.40 6.52 -5.02
CA ARG A 33 15.81 7.84 -4.55
C ARG A 33 14.72 8.88 -4.82
N SER A 34 14.84 10.05 -4.18
CA SER A 34 13.87 11.13 -4.36
C SER A 34 14.28 12.39 -3.59
N PRO A 35 14.08 13.58 -4.20
CA PRO A 35 14.43 14.86 -3.57
C PRO A 35 13.60 15.13 -2.31
N ALA A 36 14.11 16.00 -1.44
CA ALA A 36 13.41 16.33 -0.19
C ALA A 36 12.26 17.31 -0.46
N GLY A 37 11.13 17.08 0.20
CA GLY A 37 9.97 17.94 0.02
C GLY A 37 9.17 17.61 -1.23
N GLN A 38 8.59 16.42 -1.27
CA GLN A 38 7.81 16.00 -2.44
C GLN A 38 6.89 14.82 -2.09
N LEU A 39 5.71 14.80 -2.71
CA LEU A 39 4.75 13.74 -2.48
C LEU A 39 5.18 12.44 -3.19
N VAL A 40 6.08 11.71 -2.54
CA VAL A 40 6.58 10.45 -3.09
C VAL A 40 5.46 9.42 -3.13
N VAL A 41 4.92 9.19 -4.33
CA VAL A 41 3.83 8.25 -4.53
C VAL A 41 4.30 7.00 -5.28
N ARG A 42 3.77 5.84 -4.88
CA ARG A 42 4.14 4.57 -5.51
C ARG A 42 3.06 3.50 -5.32
N PRO A 43 2.50 2.96 -6.41
CA PRO A 43 1.47 1.91 -6.36
C PRO A 43 1.99 0.59 -5.81
N CYS A 44 1.08 -0.21 -5.24
CA CYS A 44 1.44 -1.51 -4.67
C CYS A 44 1.89 -2.47 -5.76
N PRO A 45 2.80 -3.42 -5.45
CA PRO A 45 3.31 -4.39 -6.41
C PRO A 45 2.25 -5.42 -6.83
N ALA A 46 2.60 -6.25 -7.80
CA ALA A 46 1.71 -7.29 -8.28
C ALA A 46 1.84 -8.58 -7.47
N PHE A 47 0.73 -9.30 -7.32
CA PHE A 47 0.71 -10.57 -6.58
C PHE A 47 1.09 -10.37 -5.11
N PHE A 48 0.16 -9.86 -4.32
CA PHE A 48 0.40 -9.63 -2.89
C PHE A 48 0.47 -10.97 -2.14
N TYR A 49 0.98 -10.91 -0.90
CA TYR A 49 1.12 -12.10 -0.05
C TYR A 49 -0.20 -12.89 0.04
N GLY A 50 -0.23 -14.06 -0.59
CA GLY A 50 -1.42 -14.90 -0.57
C GLY A 50 -2.52 -14.37 -1.48
N VAL A 51 -3.03 -13.20 -1.16
CA VAL A 51 -4.08 -12.57 -1.96
C VAL A 51 -3.50 -11.72 -3.09
N ARG A 52 -3.84 -12.09 -4.33
CA ARG A 52 -3.35 -11.39 -5.52
C ARG A 52 -3.28 -9.87 -5.33
N TYR A 53 -4.43 -9.26 -5.02
CA TYR A 53 -4.52 -7.81 -4.83
C TYR A 53 -4.33 -7.08 -6.16
N ASN A 54 -5.42 -6.60 -6.74
CA ASN A 54 -5.38 -5.90 -8.02
C ASN A 54 -4.83 -4.48 -7.87
N THR A 55 -3.50 -4.35 -7.99
CA THR A 55 -2.86 -3.03 -7.89
C THR A 55 -3.51 -2.05 -8.87
N THR A 56 -4.19 -1.04 -8.33
CA THR A 56 -4.88 -0.05 -9.15
C THR A 56 -4.55 1.39 -8.76
N ASN A 57 -4.27 1.64 -7.48
CA ASN A 57 -3.96 2.99 -7.01
C ASN A 57 -2.49 3.09 -6.58
N ASN A 58 -2.00 4.32 -6.42
CA ASN A 58 -0.62 4.54 -6.00
C ASN A 58 -0.56 5.28 -4.68
N GLY A 59 -0.01 4.61 -3.66
CA GLY A 59 0.11 5.21 -2.34
C GLY A 59 1.23 6.23 -2.25
N TYR A 60 1.09 7.20 -1.36
CA TYR A 60 2.11 8.25 -1.21
C TYR A 60 2.70 8.27 0.20
N ARG A 61 3.97 8.64 0.29
CA ARG A 61 4.68 8.72 1.57
C ARG A 61 5.07 10.17 1.89
N GLU A 62 5.69 10.83 0.90
CA GLU A 62 6.16 12.22 1.02
C GLU A 62 7.60 12.27 1.55
N CYS A 63 8.51 12.79 0.72
CA CYS A 63 9.92 12.88 1.12
C CYS A 63 10.16 14.06 2.05
N LEU A 64 10.31 13.75 3.35
CA LEU A 64 10.54 14.78 4.37
C LEU A 64 11.45 15.90 3.85
N ALA A 65 10.94 17.13 3.84
CA ALA A 65 11.69 18.29 3.37
C ALA A 65 12.88 18.61 4.27
N ASN A 66 13.88 17.72 4.25
CA ASN A 66 15.09 17.88 5.06
C ASN A 66 16.16 16.85 4.65
N GLY A 67 15.83 15.57 4.78
CA GLY A 67 16.76 14.51 4.43
C GLY A 67 16.42 13.19 5.10
N SER A 68 15.27 12.62 4.76
CA SER A 68 14.83 11.35 5.34
C SER A 68 13.53 10.88 4.69
N TRP A 69 12.88 9.88 5.29
CA TRP A 69 11.62 9.34 4.76
C TRP A 69 10.46 9.62 5.73
N ALA A 70 9.25 9.78 5.19
CA ALA A 70 8.07 10.05 6.00
C ALA A 70 7.47 8.76 6.56
N ALA A 71 7.37 8.67 7.88
CA ALA A 71 6.81 7.48 8.54
C ALA A 71 5.30 7.36 8.30
N ARG A 72 4.90 7.29 7.03
CA ARG A 72 3.48 7.15 6.67
C ARG A 72 3.31 6.98 5.16
N VAL A 73 2.46 6.02 4.78
CA VAL A 73 2.20 5.76 3.36
C VAL A 73 0.73 5.36 3.14
N ASN A 74 0.02 6.16 2.35
CA ASN A 74 -1.39 5.89 2.06
C ASN A 74 -1.54 4.77 1.02
N TYR A 75 -1.41 3.53 1.48
CA TYR A 75 -1.53 2.37 0.59
C TYR A 75 -2.94 1.75 0.61
N SER A 76 -3.80 2.20 1.53
CA SER A 76 -5.17 1.68 1.63
C SER A 76 -5.89 1.72 0.27
N GLU A 77 -5.53 2.69 -0.58
CA GLU A 77 -6.14 2.82 -1.91
C GLU A 77 -6.07 1.50 -2.69
N CYS A 78 -5.06 0.68 -2.40
CA CYS A 78 -4.89 -0.61 -3.07
C CYS A 78 -5.88 -1.64 -2.54
N GLN A 79 -7.07 -1.67 -3.15
CA GLN A 79 -8.12 -2.62 -2.74
C GLN A 79 -7.80 -4.05 -3.18
N GLU A 80 -8.57 -5.01 -2.67
CA GLU A 80 -8.37 -6.42 -3.02
C GLU A 80 -8.51 -6.66 -4.52
N ILE A 81 -9.75 -6.60 -5.03
CA ILE A 81 -10.03 -6.80 -6.46
C ILE A 81 -11.52 -6.83 -6.75
N LEU A 82 -12.28 -7.56 -5.92
CA LEU A 82 -13.73 -7.67 -6.10
C LEU A 82 -14.46 -6.54 -5.37
N ASN A 83 -15.42 -5.89 -6.06
CA ASN A 83 -16.20 -4.80 -5.47
C ASN A 83 -16.78 -5.19 -4.10
N GLU A 84 -17.18 -6.46 -3.97
CA GLU A 84 -17.74 -6.99 -2.73
C GLU A 84 -19.13 -6.42 -2.40
N PRO B 1 -40.51 -11.70 -0.75
CA PRO B 1 -39.97 -10.36 -0.49
C PRO B 1 -40.45 -9.32 -1.51
N PRO B 2 -41.78 -9.17 -1.67
CA PRO B 2 -42.36 -8.20 -2.60
C PRO B 2 -42.52 -6.80 -2.00
N ILE B 3 -42.44 -5.78 -2.85
CA ILE B 3 -42.58 -4.38 -2.43
C ILE B 3 -41.33 -3.88 -1.70
N SER B 4 -41.01 -2.59 -1.89
CA SER B 4 -39.85 -1.97 -1.25
C SER B 4 -38.54 -2.64 -1.71
N LEU B 5 -37.49 -2.46 -0.91
CA LEU B 5 -36.18 -3.03 -1.21
C LEU B 5 -35.31 -3.12 0.05
N ASP B 6 -35.07 -1.97 0.68
CA ASP B 6 -34.27 -1.90 1.91
C ASP B 6 -34.64 -2.99 2.90
N LEU B 7 -35.94 -3.13 3.18
CA LEU B 7 -36.44 -4.14 4.11
C LEU B 7 -36.59 -5.51 3.45
N THR B 8 -37.31 -5.56 2.33
CA THR B 8 -37.56 -6.81 1.62
C THR B 8 -36.27 -7.49 1.14
N PHE B 9 -35.23 -6.69 0.84
CA PHE B 9 -33.95 -7.24 0.37
C PHE B 9 -32.87 -7.20 1.47
N ASN B 10 -33.26 -7.04 2.73
CA ASN B 10 -32.30 -7.01 3.84
C ASN B 10 -31.61 -8.36 4.04
N LEU B 11 -32.29 -9.44 3.64
CA LEU B 11 -31.75 -10.81 3.78
C LEU B 11 -30.27 -10.92 3.36
N LEU B 12 -29.85 -10.12 2.38
CA LEU B 12 -28.47 -10.15 1.90
C LEU B 12 -27.63 -9.01 2.49
N ARG B 13 -28.11 -8.37 3.56
CA ARG B 13 -27.39 -7.28 4.21
C ARG B 13 -27.19 -7.55 5.70
N GLU B 14 -26.35 -6.74 6.34
CA GLU B 14 -26.04 -6.89 7.77
C GLU B 14 -25.28 -8.20 8.04
N VAL B 15 -25.91 -9.33 7.72
CA VAL B 15 -25.31 -10.65 7.93
C VAL B 15 -24.23 -10.97 6.89
N LEU B 16 -24.53 -10.72 5.61
CA LEU B 16 -23.58 -10.99 4.52
C LEU B 16 -22.22 -10.34 4.78
N GLU B 17 -22.22 -9.02 4.96
CA GLU B 17 -20.99 -8.27 5.22
C GLU B 17 -20.19 -8.90 6.37
N ILE B 18 -20.88 -9.33 7.42
CA ILE B 18 -20.24 -9.97 8.56
C ILE B 18 -19.55 -11.27 8.14
N ALA B 19 -20.20 -12.03 7.26
CA ALA B 19 -19.64 -13.30 6.77
C ALA B 19 -18.61 -13.05 5.66
N LYS B 20 -18.97 -12.23 4.67
CA LYS B 20 -18.06 -11.92 3.56
C LYS B 20 -16.75 -11.29 4.06
N ALA B 21 -16.74 -10.80 5.30
CA ALA B 21 -15.55 -10.21 5.90
C ALA B 21 -14.54 -11.29 6.31
N GLU B 22 -15.03 -12.52 6.51
CA GLU B 22 -14.17 -13.64 6.91
C GLU B 22 -13.07 -13.87 5.87
N GLN B 23 -13.47 -14.09 4.60
CA GLN B 23 -12.51 -14.32 3.52
C GLN B 23 -11.44 -13.22 3.51
N GLU B 24 -11.86 -11.97 3.73
CA GLU B 24 -10.92 -10.84 3.77
C GLU B 24 -10.01 -10.95 4.99
N ALA B 25 -10.58 -11.41 6.11
CA ALA B 25 -9.82 -11.57 7.36
C ALA B 25 -8.93 -12.81 7.31
N GLU B 26 -9.46 -13.91 6.78
CA GLU B 26 -8.71 -15.17 6.68
C GLU B 26 -7.41 -14.95 5.91
N GLU B 27 -6.30 -14.92 6.65
CA GLU B 27 -4.96 -14.72 6.06
C GLU B 27 -4.76 -13.28 5.59
N ALA B 28 -5.68 -12.80 4.75
CA ALA B 28 -5.61 -11.44 4.19
C ALA B 28 -5.67 -10.35 5.28
N ALA B 29 -6.21 -10.67 6.46
CA ALA B 29 -6.32 -9.71 7.56
C ALA B 29 -5.04 -8.87 7.71
N LYS B 30 -3.92 -9.55 7.96
CA LYS B 30 -2.64 -8.86 8.11
C LYS B 30 -2.32 -8.01 6.87
N ASN B 31 -2.58 -8.58 5.69
CA ASN B 31 -2.36 -7.87 4.44
C ASN B 31 -3.18 -6.57 4.41
N ARG B 32 -4.50 -6.71 4.52
CA ARG B 32 -5.39 -5.56 4.54
C ARG B 32 -4.98 -4.58 5.64
N LEU B 33 -4.67 -5.13 6.83
CA LEU B 33 -4.24 -4.30 7.96
C LEU B 33 -3.01 -3.49 7.57
N LEU B 34 -1.96 -4.19 7.11
CA LEU B 34 -0.72 -3.53 6.69
C LEU B 34 -1.00 -2.48 5.60
N LEU B 35 -1.91 -2.81 4.68
CA LEU B 35 -2.28 -1.90 3.59
C LEU B 35 -2.58 -0.50 4.13
N GLU B 36 -3.32 -0.42 5.25
CA GLU B 36 -3.64 0.86 5.87
C GLU B 36 -2.67 1.20 7.00
N GLU B 37 -2.35 0.21 7.84
CA GLU B 37 -1.43 0.41 8.96
C GLU B 37 0.01 0.58 8.43
N ALA B 38 0.21 1.63 7.63
CA ALA B 38 1.51 1.94 7.04
C ALA B 38 1.49 3.29 6.36
N LEU A 1 18.94 -6.05 6.09
CA LEU A 1 19.57 -6.14 4.74
C LEU A 1 18.63 -5.61 3.65
N GLN A 2 18.98 -5.83 2.38
CA GLN A 2 18.17 -5.36 1.25
C GLN A 2 18.28 -3.83 1.08
N ASP A 3 17.96 -3.09 2.14
CA ASP A 3 18.04 -1.62 2.11
C ASP A 3 19.36 -1.14 1.49
N GLN A 4 20.47 -1.76 1.90
CA GLN A 4 21.79 -1.42 1.37
C GLN A 4 21.77 -1.41 -0.16
N HIS A 5 21.15 -2.44 -0.75
CA HIS A 5 21.03 -2.53 -2.20
C HIS A 5 19.99 -1.50 -2.68
N CYS A 6 18.90 -1.40 -1.92
CA CYS A 6 17.82 -0.47 -2.22
C CYS A 6 18.36 0.94 -2.44
N GLU A 7 19.18 1.42 -1.51
CA GLU A 7 19.77 2.75 -1.61
C GLU A 7 21.04 2.78 -2.47
N SER A 8 21.35 1.66 -3.14
CA SER A 8 22.53 1.58 -3.99
C SER A 8 22.31 2.35 -5.30
N LEU A 9 23.25 2.18 -6.25
CA LEU A 9 23.19 2.85 -7.55
C LEU A 9 23.34 4.39 -7.40
N SER A 10 23.73 4.85 -6.21
CA SER A 10 23.91 6.28 -5.97
C SER A 10 25.37 6.65 -5.72
N LEU A 11 26.25 5.63 -5.66
CA LEU A 11 27.69 5.86 -5.45
C LEU A 11 28.22 7.03 -6.29
N ALA A 12 27.72 7.14 -7.52
CA ALA A 12 28.12 8.21 -8.43
C ALA A 12 26.95 9.16 -8.72
N SER A 13 26.00 9.24 -7.78
CA SER A 13 24.83 10.11 -7.93
C SER A 13 25.23 11.60 -7.93
N ASN A 14 26.23 11.94 -7.10
CA ASN A 14 26.71 13.32 -7.00
C ASN A 14 25.58 14.29 -6.65
N ILE A 15 24.68 13.88 -5.76
CA ILE A 15 23.56 14.73 -5.35
C ILE A 15 24.02 15.82 -4.39
N SER A 16 24.66 16.86 -4.95
CA SER A 16 25.16 17.98 -4.14
C SER A 16 24.00 18.82 -3.58
N GLY A 17 23.18 18.20 -2.74
CA GLY A 17 22.05 18.88 -2.15
C GLY A 17 21.40 18.10 -1.03
N LEU A 18 20.13 17.74 -1.19
CA LEU A 18 19.40 16.97 -0.18
C LEU A 18 18.44 15.97 -0.82
N GLN A 19 18.61 14.70 -0.48
CA GLN A 19 17.75 13.63 -1.02
C GLN A 19 17.57 12.50 -0.01
N CYS A 20 16.62 11.61 -0.29
CA CYS A 20 16.35 10.47 0.59
C CYS A 20 16.69 9.15 -0.10
N ASN A 21 17.66 8.43 0.45
CA ASN A 21 18.10 7.15 -0.11
C ASN A 21 16.93 6.17 -0.23
N ALA A 22 16.99 5.32 -1.25
CA ALA A 22 15.95 4.33 -1.49
C ALA A 22 15.98 3.23 -0.42
N SER A 23 14.85 3.00 0.24
CA SER A 23 14.77 1.99 1.30
C SER A 23 13.49 1.17 1.19
N VAL A 24 13.42 0.09 1.98
CA VAL A 24 12.24 -0.79 1.99
C VAL A 24 11.16 -0.27 2.92
N ASP A 25 9.90 -0.60 2.62
CA ASP A 25 8.77 -0.19 3.44
C ASP A 25 8.32 -1.32 4.39
N LEU A 26 7.12 -1.17 4.98
CA LEU A 26 6.58 -2.18 5.89
C LEU A 26 6.14 -3.44 5.13
N ILE A 27 6.26 -3.42 3.80
CA ILE A 27 5.88 -4.55 2.96
C ILE A 27 7.01 -4.90 1.99
N GLY A 28 6.89 -6.06 1.33
CA GLY A 28 7.91 -6.50 0.38
C GLY A 28 8.02 -5.58 -0.84
N THR A 29 8.46 -4.35 -0.64
CA THR A 29 8.61 -3.38 -1.72
C THR A 29 9.55 -2.25 -1.32
N CYS A 30 10.27 -1.71 -2.30
CA CYS A 30 11.23 -0.63 -2.07
C CYS A 30 10.78 0.70 -2.69
N TRP A 31 11.38 1.79 -2.20
CA TRP A 31 11.09 3.13 -2.70
C TRP A 31 12.27 3.67 -3.52
N PRO A 32 12.01 4.43 -4.59
CA PRO A 32 13.08 4.98 -5.45
C PRO A 32 13.75 6.22 -4.83
N ARG A 33 15.01 6.45 -5.22
CA ARG A 33 15.77 7.61 -4.72
C ARG A 33 15.00 8.91 -4.94
N SER A 34 14.55 9.52 -3.86
CA SER A 34 13.78 10.76 -3.96
C SER A 34 14.56 11.97 -3.41
N PRO A 35 14.30 13.17 -3.98
CA PRO A 35 14.95 14.40 -3.56
C PRO A 35 14.23 15.06 -2.38
N ALA A 36 14.98 15.79 -1.54
CA ALA A 36 14.40 16.46 -0.38
C ALA A 36 13.26 17.39 -0.78
N GLY A 37 12.09 17.18 -0.18
CA GLY A 37 10.93 17.99 -0.50
C GLY A 37 10.22 17.52 -1.75
N GLN A 38 9.90 16.23 -1.79
CA GLN A 38 9.23 15.63 -2.96
C GLN A 38 8.29 14.49 -2.54
N LEU A 39 7.19 14.33 -3.26
CA LEU A 39 6.23 13.27 -2.97
C LEU A 39 6.38 12.12 -3.96
N VAL A 40 6.86 10.98 -3.47
CA VAL A 40 7.05 9.80 -4.31
C VAL A 40 5.80 8.92 -4.29
N VAL A 41 5.24 8.64 -5.47
CA VAL A 41 4.04 7.82 -5.60
C VAL A 41 4.38 6.39 -6.02
N ARG A 42 3.65 5.42 -5.44
CA ARG A 42 3.87 4.01 -5.76
C ARG A 42 2.54 3.27 -5.92
N PRO A 43 2.24 2.78 -7.13
CA PRO A 43 0.99 2.05 -7.42
C PRO A 43 0.94 0.64 -6.78
N CYS A 44 1.33 0.56 -5.51
CA CYS A 44 1.31 -0.71 -4.78
C CYS A 44 2.28 -1.75 -5.38
N PRO A 45 2.39 -2.94 -4.73
CA PRO A 45 3.27 -4.01 -5.18
C PRO A 45 2.57 -4.98 -6.14
N ALA A 46 3.32 -5.50 -7.10
CA ALA A 46 2.75 -6.45 -8.07
C ALA A 46 2.39 -7.78 -7.39
N PHE A 47 1.16 -7.84 -6.84
CA PHE A 47 0.68 -9.05 -6.15
C PHE A 47 1.21 -9.11 -4.71
N PHE A 48 0.35 -9.52 -3.78
CA PHE A 48 0.74 -9.63 -2.38
C PHE A 48 0.06 -10.82 -1.71
N TYR A 49 0.87 -11.62 -1.01
CA TYR A 49 0.40 -12.81 -0.30
C TYR A 49 -0.32 -13.78 -1.25
N GLY A 50 -1.61 -13.57 -1.47
CA GLY A 50 -2.38 -14.42 -2.37
C GLY A 50 -3.28 -13.64 -3.31
N VAL A 51 -3.06 -12.32 -3.42
CA VAL A 51 -3.87 -11.48 -4.30
C VAL A 51 -3.02 -10.51 -5.11
N ARG A 52 -3.44 -10.27 -6.36
CA ARG A 52 -2.71 -9.36 -7.26
C ARG A 52 -2.80 -7.90 -6.79
N TYR A 53 -3.93 -7.54 -6.18
CA TYR A 53 -4.17 -6.18 -5.68
C TYR A 53 -4.45 -5.20 -6.83
N ASN A 54 -5.40 -4.30 -6.60
CA ASN A 54 -5.77 -3.31 -7.62
C ASN A 54 -4.64 -2.29 -7.82
N THR A 55 -4.11 -2.23 -9.04
CA THR A 55 -3.03 -1.29 -9.37
C THR A 55 -3.54 0.14 -9.54
N THR A 56 -4.86 0.34 -9.48
CA THR A 56 -5.44 1.68 -9.63
C THR A 56 -5.06 2.59 -8.46
N ASN A 57 -4.80 1.98 -7.29
CA ASN A 57 -4.42 2.74 -6.11
C ASN A 57 -2.89 2.88 -6.01
N ASN A 58 -2.44 3.99 -5.44
CA ASN A 58 -1.00 4.23 -5.28
C ASN A 58 -0.69 4.98 -3.98
N GLY A 59 0.30 4.49 -3.25
CA GLY A 59 0.72 5.12 -2.00
C GLY A 59 1.81 6.14 -2.22
N TYR A 60 2.25 6.79 -1.14
CA TYR A 60 3.30 7.79 -1.21
C TYR A 60 4.10 7.87 0.08
N ARG A 61 5.42 7.81 -0.01
CA ARG A 61 6.28 7.87 1.17
C ARG A 61 6.68 9.31 1.49
N GLU A 62 6.75 10.15 0.45
CA GLU A 62 7.11 11.57 0.62
C GLU A 62 8.56 11.74 1.11
N CYS A 63 9.32 12.58 0.41
CA CYS A 63 10.70 12.86 0.78
C CYS A 63 10.76 14.14 1.60
N LEU A 64 10.85 13.98 2.93
CA LEU A 64 10.92 15.12 3.86
C LEU A 64 11.70 16.30 3.30
N ALA A 65 11.12 17.50 3.37
CA ALA A 65 11.77 18.71 2.87
C ALA A 65 13.20 18.82 3.38
N ASN A 66 13.41 18.46 4.65
CA ASN A 66 14.74 18.50 5.27
C ASN A 66 15.69 17.46 4.64
N GLY A 67 15.14 16.50 3.89
CA GLY A 67 15.96 15.47 3.26
C GLY A 67 15.83 14.11 3.94
N SER A 68 14.69 13.46 3.73
CA SER A 68 14.43 12.14 4.34
C SER A 68 13.12 11.52 3.81
N TRP A 69 12.61 10.52 4.54
CA TRP A 69 11.37 9.84 4.15
C TRP A 69 10.25 10.09 5.18
N ALA A 70 9.02 10.26 4.70
CA ALA A 70 7.88 10.50 5.59
C ALA A 70 7.37 9.19 6.21
N ALA A 71 6.90 9.30 7.46
CA ALA A 71 6.38 8.15 8.20
C ALA A 71 5.16 7.53 7.51
N ARG A 72 4.11 8.32 7.31
CA ARG A 72 2.89 7.84 6.67
C ARG A 72 3.12 7.55 5.18
N VAL A 73 2.88 6.31 4.77
CA VAL A 73 3.06 5.90 3.38
C VAL A 73 1.72 5.81 2.65
N ASN A 74 0.62 5.68 3.42
CA ASN A 74 -0.72 5.56 2.86
C ASN A 74 -0.84 4.34 1.94
N TYR A 75 -0.20 3.25 2.32
CA TYR A 75 -0.24 2.01 1.53
C TYR A 75 -1.63 1.37 1.54
N SER A 76 -2.49 1.79 2.49
CA SER A 76 -3.87 1.27 2.57
C SER A 76 -4.53 1.27 1.20
N GLU A 77 -4.11 2.20 0.35
CA GLU A 77 -4.62 2.32 -1.02
C GLU A 77 -4.77 0.95 -1.69
N CYS A 78 -3.83 0.04 -1.42
CA CYS A 78 -3.86 -1.31 -1.99
C CYS A 78 -5.26 -1.93 -1.90
N GLN A 79 -6.00 -1.88 -3.01
CA GLN A 79 -7.35 -2.41 -3.04
C GLN A 79 -7.39 -3.89 -3.41
N GLU A 80 -7.98 -4.69 -2.51
CA GLU A 80 -8.12 -6.13 -2.73
C GLU A 80 -9.27 -6.39 -3.71
N ILE A 81 -10.18 -5.40 -3.85
CA ILE A 81 -11.32 -5.50 -4.75
C ILE A 81 -12.42 -6.39 -4.18
N LEU A 82 -12.17 -7.71 -4.12
CA LEU A 82 -13.15 -8.66 -3.59
C LEU A 82 -14.41 -8.68 -4.47
N ASN A 83 -15.27 -9.68 -4.27
CA ASN A 83 -16.51 -9.78 -5.05
C ASN A 83 -17.51 -8.70 -4.60
N GLU A 84 -17.10 -7.43 -4.73
CA GLU A 84 -17.94 -6.31 -4.33
C GLU A 84 -17.98 -5.25 -5.43
N PRO B 1 -40.07 -17.46 7.39
CA PRO B 1 -41.47 -17.16 7.10
C PRO B 1 -41.73 -15.65 7.00
N PRO B 2 -43.00 -15.24 6.76
CA PRO B 2 -43.36 -13.82 6.63
C PRO B 2 -43.29 -13.08 7.98
N ILE B 3 -43.77 -11.83 7.98
CA ILE B 3 -43.77 -10.99 9.19
C ILE B 3 -42.41 -10.34 9.42
N SER B 4 -42.40 -8.99 9.44
CA SER B 4 -41.16 -8.22 9.65
C SER B 4 -40.22 -8.32 8.44
N LEU B 5 -38.99 -7.84 8.62
CA LEU B 5 -37.99 -7.88 7.56
C LEU B 5 -36.73 -8.61 8.02
N ASP B 6 -35.86 -7.90 8.76
CA ASP B 6 -34.61 -8.49 9.27
C ASP B 6 -34.88 -9.82 9.99
N LEU B 7 -35.98 -9.88 10.73
CA LEU B 7 -36.37 -11.09 11.46
C LEU B 7 -36.37 -12.32 10.54
N THR B 8 -36.74 -12.12 9.28
CA THR B 8 -36.76 -13.19 8.29
C THR B 8 -35.66 -13.00 7.23
N PHE B 9 -34.63 -12.22 7.57
CA PHE B 9 -33.53 -11.94 6.65
C PHE B 9 -32.15 -12.14 7.31
N ASN B 10 -32.04 -11.82 8.61
CA ASN B 10 -30.77 -11.95 9.35
C ASN B 10 -29.94 -13.15 8.90
N LEU B 11 -30.51 -14.35 8.98
CA LEU B 11 -29.81 -15.58 8.58
C LEU B 11 -29.17 -15.43 7.20
N LEU B 12 -30.00 -15.26 6.16
CA LEU B 12 -29.49 -15.10 4.80
C LEU B 12 -28.63 -13.84 4.68
N ARG B 13 -29.05 -12.76 5.33
CA ARG B 13 -28.32 -11.49 5.31
C ARG B 13 -26.92 -11.68 5.88
N GLU B 14 -26.83 -12.19 7.11
CA GLU B 14 -25.55 -12.42 7.77
C GLU B 14 -24.73 -13.47 7.01
N VAL B 15 -25.34 -14.62 6.73
CA VAL B 15 -24.67 -15.70 5.99
C VAL B 15 -24.03 -15.15 4.70
N LEU B 16 -24.75 -14.27 4.01
CA LEU B 16 -24.24 -13.67 2.77
C LEU B 16 -22.98 -12.82 3.03
N GLU B 17 -23.10 -11.85 3.93
CA GLU B 17 -21.96 -10.96 4.24
C GLU B 17 -20.88 -11.65 5.06
N ILE B 18 -21.27 -12.37 6.12
CA ILE B 18 -20.30 -13.07 6.98
C ILE B 18 -19.37 -13.94 6.14
N ALA B 19 -19.93 -14.95 5.47
CA ALA B 19 -19.13 -15.84 4.63
C ALA B 19 -18.34 -15.04 3.59
N LYS B 20 -18.87 -13.88 3.19
CA LYS B 20 -18.21 -13.02 2.22
C LYS B 20 -16.91 -12.44 2.80
N ALA B 21 -16.97 -11.97 4.05
CA ALA B 21 -15.79 -11.40 4.71
C ALA B 21 -14.73 -12.48 5.00
N GLU B 22 -15.19 -13.67 5.38
CA GLU B 22 -14.28 -14.79 5.70
C GLU B 22 -13.13 -14.90 4.69
N GLN B 23 -13.46 -14.97 3.39
CA GLN B 23 -12.44 -15.08 2.34
C GLN B 23 -11.38 -13.98 2.45
N GLU B 24 -11.77 -12.81 2.99
CA GLU B 24 -10.83 -11.70 3.17
C GLU B 24 -10.14 -11.78 4.54
N ALA B 25 -10.55 -12.73 5.38
CA ALA B 25 -9.97 -12.90 6.71
C ALA B 25 -9.17 -14.20 6.82
N GLU B 26 -9.72 -15.30 6.28
CA GLU B 26 -9.07 -16.61 6.32
C GLU B 26 -7.55 -16.51 6.13
N GLU B 27 -7.12 -15.66 5.20
CA GLU B 27 -5.70 -15.46 4.92
C GLU B 27 -5.34 -13.97 4.83
N ALA B 28 -6.13 -13.21 4.06
CA ALA B 28 -5.90 -11.78 3.88
C ALA B 28 -6.09 -10.96 5.16
N ALA B 29 -6.71 -11.54 6.20
CA ALA B 29 -6.96 -10.83 7.46
C ALA B 29 -5.77 -9.94 7.86
N LYS B 30 -4.63 -10.54 8.15
CA LYS B 30 -3.43 -9.81 8.55
C LYS B 30 -3.01 -8.81 7.46
N ASN B 31 -3.04 -9.24 6.20
CA ASN B 31 -2.68 -8.39 5.07
C ASN B 31 -3.60 -7.17 5.00
N ARG B 32 -4.91 -7.41 5.11
CA ARG B 32 -5.91 -6.35 5.07
C ARG B 32 -5.59 -5.27 6.09
N LEU B 33 -5.55 -5.64 7.37
CA LEU B 33 -5.24 -4.70 8.44
C LEU B 33 -3.85 -4.09 8.24
N LEU B 34 -2.86 -4.97 8.00
CA LEU B 34 -1.47 -4.53 7.77
C LEU B 34 -1.42 -3.45 6.69
N LEU B 35 -2.02 -3.74 5.53
CA LEU B 35 -2.04 -2.78 4.44
C LEU B 35 -2.84 -1.52 4.84
N GLU B 36 -3.97 -1.73 5.51
CA GLU B 36 -4.82 -0.63 5.95
C GLU B 36 -4.04 0.33 6.86
N GLU B 37 -3.45 -0.20 7.94
CA GLU B 37 -2.68 0.62 8.88
C GLU B 37 -1.34 1.06 8.26
N ALA B 38 -1.41 1.78 7.14
CA ALA B 38 -0.22 2.25 6.45
C ALA B 38 -0.35 3.73 6.07
N LEU A 1 9.68 -6.26 -8.73
CA LEU A 1 9.18 -5.04 -9.42
C LEU A 1 9.19 -3.82 -8.50
N GLN A 2 9.95 -2.79 -8.87
CA GLN A 2 10.07 -1.58 -8.06
C GLN A 2 10.73 -1.91 -6.72
N ASP A 3 11.72 -2.81 -6.76
CA ASP A 3 12.43 -3.24 -5.56
C ASP A 3 13.96 -3.15 -5.76
N GLN A 4 14.50 -4.00 -6.63
CA GLN A 4 15.94 -4.00 -6.91
C GLN A 4 16.39 -2.66 -7.48
N HIS A 5 15.66 -2.17 -8.49
CA HIS A 5 15.97 -0.90 -9.14
C HIS A 5 16.08 0.26 -8.14
N CYS A 6 15.34 0.19 -7.04
CA CYS A 6 15.37 1.26 -6.04
C CYS A 6 16.33 0.94 -4.89
N GLU A 7 16.29 -0.30 -4.39
CA GLU A 7 17.17 -0.69 -3.29
C GLU A 7 18.64 -0.76 -3.72
N SER A 8 18.90 -1.22 -4.96
CA SER A 8 20.28 -1.31 -5.46
C SER A 8 20.54 -0.27 -6.55
N LEU A 9 20.08 0.97 -6.31
CA LEU A 9 20.25 2.06 -7.26
C LEU A 9 21.48 2.93 -6.92
N SER A 10 21.70 3.17 -5.64
CA SER A 10 22.84 4.00 -5.20
C SER A 10 24.16 3.23 -5.31
N LEU A 11 24.65 3.10 -6.53
CA LEU A 11 25.91 2.38 -6.79
C LEU A 11 26.67 3.01 -7.96
N ALA A 12 26.19 2.80 -9.18
CA ALA A 12 26.83 3.35 -10.37
C ALA A 12 26.51 4.85 -10.53
N SER A 13 26.96 5.65 -9.55
CA SER A 13 26.72 7.10 -9.57
C SER A 13 27.37 7.77 -8.34
N ASN A 14 26.76 8.84 -7.85
CA ASN A 14 27.28 9.55 -6.69
C ASN A 14 26.14 9.97 -5.76
N ILE A 15 25.40 11.02 -6.15
CA ILE A 15 24.27 11.52 -5.37
C ILE A 15 24.68 11.87 -3.92
N SER A 16 25.28 13.04 -3.76
CA SER A 16 25.72 13.50 -2.43
C SER A 16 25.16 14.88 -2.11
N GLY A 17 25.36 15.33 -0.87
CA GLY A 17 24.88 16.63 -0.45
C GLY A 17 23.46 16.59 0.10
N LEU A 18 22.50 16.22 -0.75
CA LEU A 18 21.10 16.15 -0.36
C LEU A 18 20.37 14.99 -1.08
N GLN A 19 19.03 15.03 -1.06
CA GLN A 19 18.19 14.01 -1.69
C GLN A 19 17.97 12.81 -0.76
N CYS A 20 16.76 12.25 -0.81
CA CYS A 20 16.42 11.09 0.03
C CYS A 20 17.23 9.86 -0.36
N ASN A 21 17.53 9.01 0.63
CA ASN A 21 18.29 7.79 0.38
C ASN A 21 17.42 6.70 -0.27
N ALA A 22 16.16 6.60 0.18
CA ALA A 22 15.21 5.61 -0.35
C ALA A 22 15.48 4.21 0.21
N SER A 23 14.43 3.40 0.26
CA SER A 23 14.53 2.03 0.76
C SER A 23 13.15 1.34 0.76
N VAL A 24 12.98 0.34 1.60
CA VAL A 24 11.71 -0.39 1.70
C VAL A 24 10.62 0.45 2.37
N ASP A 25 9.38 -0.02 2.27
CA ASP A 25 8.24 0.67 2.88
C ASP A 25 7.74 -0.11 4.10
N LEU A 26 7.00 -1.18 3.85
CA LEU A 26 6.45 -2.02 4.91
C LEU A 26 5.86 -3.31 4.34
N ILE A 27 4.91 -3.15 3.42
CA ILE A 27 4.27 -4.30 2.77
C ILE A 27 5.18 -4.88 1.68
N GLY A 28 6.34 -5.38 2.08
CA GLY A 28 7.30 -5.96 1.14
C GLY A 28 7.45 -5.12 -0.11
N THR A 29 7.56 -3.80 0.06
CA THR A 29 7.70 -2.88 -1.07
C THR A 29 8.85 -1.89 -0.82
N CYS A 30 9.32 -1.25 -1.90
CA CYS A 30 10.44 -0.30 -1.80
C CYS A 30 10.10 1.04 -2.47
N TRP A 31 10.78 2.11 -2.03
CA TRP A 31 10.57 3.46 -2.57
C TRP A 31 11.74 3.92 -3.46
N PRO A 32 11.44 4.72 -4.50
CA PRO A 32 12.47 5.24 -5.43
C PRO A 32 13.16 6.52 -4.92
N ARG A 33 14.37 6.78 -5.45
CA ARG A 33 15.14 7.96 -5.06
C ARG A 33 14.62 9.21 -5.77
N SER A 34 13.81 10.00 -5.05
CA SER A 34 13.23 11.22 -5.61
C SER A 34 13.83 12.48 -4.96
N PRO A 35 13.69 13.63 -5.63
CA PRO A 35 14.22 14.91 -5.12
C PRO A 35 13.55 15.36 -3.82
N ALA A 36 14.19 16.28 -3.11
CA ALA A 36 13.66 16.80 -1.85
C ALA A 36 12.34 17.56 -2.06
N GLY A 37 11.29 17.12 -1.37
CA GLY A 37 9.98 17.76 -1.48
C GLY A 37 9.07 17.10 -2.50
N GLN A 38 9.18 15.78 -2.64
CA GLN A 38 8.35 15.04 -3.59
C GLN A 38 7.75 13.79 -2.94
N LEU A 39 6.45 13.58 -3.15
CA LEU A 39 5.74 12.43 -2.59
C LEU A 39 6.01 11.16 -3.39
N VAL A 40 6.03 11.28 -4.73
CA VAL A 40 6.28 10.15 -5.63
C VAL A 40 5.13 9.13 -5.60
N VAL A 41 4.35 9.08 -6.69
CA VAL A 41 3.24 8.16 -6.79
C VAL A 41 3.62 6.88 -7.56
N ARG A 42 2.85 5.81 -7.37
CA ARG A 42 3.11 4.53 -8.03
C ARG A 42 1.80 3.73 -8.18
N PRO A 43 1.69 2.89 -9.24
CA PRO A 43 0.50 2.08 -9.50
C PRO A 43 0.21 1.03 -8.41
N CYS A 44 1.26 0.64 -7.67
CA CYS A 44 1.13 -0.37 -6.60
C CYS A 44 1.21 -1.79 -7.16
N PRO A 45 1.95 -2.69 -6.47
CA PRO A 45 2.10 -4.09 -6.90
C PRO A 45 0.83 -4.91 -6.68
N ALA A 46 0.33 -5.51 -7.76
CA ALA A 46 -0.88 -6.34 -7.69
C ALA A 46 -0.60 -7.68 -7.00
N PHE A 47 0.61 -8.19 -7.16
CA PHE A 47 0.99 -9.47 -6.56
C PHE A 47 1.39 -9.31 -5.10
N PHE A 48 0.60 -9.91 -4.21
CA PHE A 48 0.87 -9.86 -2.77
C PHE A 48 0.85 -11.28 -2.18
N TYR A 49 0.71 -11.38 -0.86
CA TYR A 49 0.70 -12.68 -0.19
C TYR A 49 -0.61 -13.44 -0.45
N GLY A 50 -0.61 -14.27 -1.49
CA GLY A 50 -1.79 -15.07 -1.84
C GLY A 50 -2.85 -14.26 -2.58
N VAL A 51 -3.48 -13.32 -1.88
CA VAL A 51 -4.52 -12.49 -2.48
C VAL A 51 -3.92 -11.50 -3.48
N ARG A 52 -4.57 -11.36 -4.64
CA ARG A 52 -4.12 -10.44 -5.69
C ARG A 52 -4.71 -9.05 -5.49
N TYR A 53 -3.85 -8.02 -5.54
CA TYR A 53 -4.27 -6.64 -5.33
C TYR A 53 -4.42 -5.88 -6.65
N ASN A 54 -5.12 -4.74 -6.61
CA ASN A 54 -5.33 -3.93 -7.79
C ASN A 54 -4.22 -2.88 -7.97
N THR A 55 -3.85 -2.62 -9.23
CA THR A 55 -2.82 -1.64 -9.54
C THR A 55 -3.44 -0.32 -10.01
N THR A 56 -4.53 0.08 -9.34
CA THR A 56 -5.24 1.32 -9.67
C THR A 56 -5.14 2.34 -8.53
N ASN A 57 -5.30 1.87 -7.29
CA ASN A 57 -5.21 2.74 -6.12
C ASN A 57 -3.76 2.81 -5.62
N ASN A 58 -3.40 3.91 -4.96
CA ASN A 58 -2.04 4.08 -4.46
C ASN A 58 -2.01 4.88 -3.16
N GLY A 59 -0.94 4.69 -2.38
CA GLY A 59 -0.79 5.39 -1.11
C GLY A 59 0.28 6.48 -1.18
N TYR A 60 0.34 7.32 -0.16
CA TYR A 60 1.33 8.40 -0.11
C TYR A 60 2.12 8.39 1.19
N ARG A 61 3.39 8.79 1.11
CA ARG A 61 4.29 8.84 2.27
C ARG A 61 4.93 10.23 2.41
N GLU A 62 5.59 10.68 1.34
CA GLU A 62 6.26 11.99 1.29
C GLU A 62 7.73 11.88 1.70
N CYS A 63 8.61 12.57 0.97
CA CYS A 63 10.05 12.56 1.25
C CYS A 63 10.41 13.58 2.33
N LEU A 64 11.70 13.60 2.71
CA LEU A 64 12.18 14.53 3.73
C LEU A 64 13.11 15.58 3.13
N ALA A 65 13.37 16.66 3.89
CA ALA A 65 14.23 17.74 3.43
C ALA A 65 15.71 17.45 3.73
N ASN A 66 16.03 17.20 5.01
CA ASN A 66 17.41 16.92 5.42
C ASN A 66 17.78 15.46 5.19
N GLY A 67 17.20 14.55 5.99
CA GLY A 67 17.51 13.13 5.86
C GLY A 67 16.86 12.28 6.93
N SER A 68 15.95 11.40 6.51
CA SER A 68 15.23 10.51 7.43
C SER A 68 14.18 9.69 6.69
N TRP A 69 13.39 10.36 5.85
CA TRP A 69 12.33 9.73 5.06
C TRP A 69 11.07 9.52 5.92
N ALA A 70 9.97 10.15 5.51
CA ALA A 70 8.71 10.02 6.24
C ALA A 70 8.25 8.56 6.28
N ALA A 71 7.72 8.16 7.43
CA ALA A 71 7.24 6.78 7.61
C ALA A 71 5.75 6.67 7.30
N ARG A 72 4.94 7.51 7.94
CA ARG A 72 3.49 7.52 7.74
C ARG A 72 3.12 7.44 6.26
N VAL A 73 2.59 6.29 5.85
CA VAL A 73 2.21 6.07 4.45
C VAL A 73 0.78 5.55 4.32
N ASN A 74 -0.08 6.32 3.66
CA ASN A 74 -1.47 5.90 3.45
C ASN A 74 -1.51 4.87 2.31
N TYR A 75 -0.89 3.72 2.55
CA TYR A 75 -0.84 2.65 1.54
C TYR A 75 -2.12 1.83 1.47
N SER A 76 -3.00 1.97 2.47
CA SER A 76 -4.27 1.24 2.48
C SER A 76 -5.21 1.76 1.38
N GLU A 77 -4.75 1.69 0.14
CA GLU A 77 -5.53 2.18 -0.99
C GLU A 77 -5.69 1.08 -2.06
N CYS A 78 -4.57 0.57 -2.57
CA CYS A 78 -4.59 -0.48 -3.59
C CYS A 78 -5.15 -1.78 -3.02
N GLN A 79 -6.47 -1.93 -3.07
CA GLN A 79 -7.14 -3.11 -2.54
C GLN A 79 -7.21 -4.25 -3.57
N GLU A 80 -7.62 -5.42 -3.09
CA GLU A 80 -7.74 -6.62 -3.91
C GLU A 80 -9.12 -6.72 -4.55
N ILE A 81 -9.20 -7.42 -5.68
CA ILE A 81 -10.46 -7.61 -6.40
C ILE A 81 -10.47 -8.93 -7.19
N LEU A 82 -11.67 -9.37 -7.54
CA LEU A 82 -11.84 -10.61 -8.31
C LEU A 82 -12.75 -10.38 -9.52
N ASN A 83 -12.84 -11.38 -10.40
CA ASN A 83 -13.67 -11.29 -11.61
C ASN A 83 -15.08 -10.77 -11.29
N GLU A 84 -15.69 -11.30 -10.22
CA GLU A 84 -17.04 -10.89 -9.82
C GLU A 84 -17.98 -10.80 -11.01
N PRO B 1 -21.37 0.41 -23.04
CA PRO B 1 -21.86 -0.93 -22.69
C PRO B 1 -23.29 -0.91 -22.15
N PRO B 2 -24.28 -1.28 -23.00
CA PRO B 2 -25.69 -1.31 -22.62
C PRO B 2 -26.04 -2.50 -21.72
N ILE B 3 -27.13 -2.36 -20.96
CA ILE B 3 -27.61 -3.41 -20.06
C ILE B 3 -26.73 -3.52 -18.80
N SER B 4 -27.36 -3.77 -17.65
CA SER B 4 -26.64 -3.91 -16.39
C SER B 4 -27.39 -4.81 -15.41
N LEU B 5 -26.90 -4.87 -14.17
CA LEU B 5 -27.52 -5.70 -13.13
C LEU B 5 -27.48 -5.00 -11.78
N ASP B 6 -27.59 -3.67 -11.78
CA ASP B 6 -27.58 -2.89 -10.55
C ASP B 6 -28.98 -2.37 -10.21
N LEU B 7 -29.05 -1.38 -9.30
CA LEU B 7 -30.32 -0.78 -8.87
C LEU B 7 -31.23 -1.82 -8.21
N THR B 8 -31.86 -2.68 -9.00
CA THR B 8 -32.76 -3.71 -8.48
C THR B 8 -32.01 -4.84 -7.76
N PHE B 9 -30.74 -5.04 -8.10
CA PHE B 9 -29.93 -6.09 -7.47
C PHE B 9 -29.19 -5.61 -6.21
N ASN B 10 -29.49 -4.39 -5.76
CA ASN B 10 -28.84 -3.80 -4.58
C ASN B 10 -28.78 -4.80 -3.40
N LEU B 11 -29.93 -5.39 -3.05
CA LEU B 11 -30.01 -6.35 -1.94
C LEU B 11 -29.06 -7.54 -2.14
N LEU B 12 -28.74 -7.85 -3.40
CA LEU B 12 -27.85 -8.95 -3.71
C LEU B 12 -26.40 -8.47 -3.87
N ARG B 13 -26.22 -7.42 -4.68
CA ARG B 13 -24.88 -6.86 -4.92
C ARG B 13 -24.19 -6.46 -3.62
N GLU B 14 -24.72 -5.43 -2.96
CA GLU B 14 -24.16 -4.93 -1.70
C GLU B 14 -23.90 -6.07 -0.71
N VAL B 15 -24.88 -6.97 -0.57
CA VAL B 15 -24.73 -8.11 0.34
C VAL B 15 -23.59 -9.01 -0.11
N LEU B 16 -23.62 -9.45 -1.38
CA LEU B 16 -22.58 -10.32 -1.92
C LEU B 16 -21.23 -9.62 -1.84
N GLU B 17 -21.17 -8.38 -2.33
CA GLU B 17 -19.95 -7.58 -2.31
C GLU B 17 -19.35 -7.50 -0.90
N ILE B 18 -20.20 -7.16 0.08
CA ILE B 18 -19.76 -7.06 1.47
C ILE B 18 -19.53 -8.43 2.11
N ALA B 19 -20.45 -9.37 1.88
CA ALA B 19 -20.34 -10.71 2.45
C ALA B 19 -19.03 -11.40 2.04
N LYS B 20 -18.76 -11.46 0.74
CA LYS B 20 -17.54 -12.11 0.22
C LYS B 20 -16.28 -11.53 0.88
N ALA B 21 -16.33 -10.25 1.27
CA ALA B 21 -15.18 -9.60 1.91
C ALA B 21 -14.69 -10.36 3.15
N GLU B 22 -15.62 -10.98 3.89
CA GLU B 22 -15.27 -11.74 5.09
C GLU B 22 -14.22 -12.81 4.76
N GLN B 23 -14.54 -13.68 3.80
CA GLN B 23 -13.62 -14.74 3.40
C GLN B 23 -12.33 -14.15 2.81
N GLU B 24 -12.45 -13.00 2.16
CA GLU B 24 -11.28 -12.33 1.57
C GLU B 24 -10.35 -11.82 2.69
N ALA B 25 -10.95 -11.29 3.77
CA ALA B 25 -10.19 -10.78 4.90
C ALA B 25 -9.64 -11.91 5.79
N GLU B 26 -10.40 -13.02 5.87
CA GLU B 26 -9.99 -14.18 6.67
C GLU B 26 -8.50 -14.48 6.49
N GLU B 27 -7.76 -14.53 7.59
CA GLU B 27 -6.31 -14.79 7.56
C GLU B 27 -5.55 -13.60 6.97
N ALA B 28 -5.88 -13.24 5.73
CA ALA B 28 -5.24 -12.12 5.03
C ALA B 28 -5.25 -10.83 5.87
N ALA B 29 -6.31 -10.61 6.64
CA ALA B 29 -6.45 -9.42 7.48
C ALA B 29 -5.13 -9.03 8.16
N LYS B 30 -4.38 -10.02 8.64
CA LYS B 30 -3.08 -9.78 9.30
C LYS B 30 -2.13 -8.98 8.41
N ASN B 31 -2.26 -9.16 7.09
CA ASN B 31 -1.43 -8.45 6.13
C ASN B 31 -1.99 -7.05 5.86
N ARG B 32 -3.32 -6.95 5.81
CA ARG B 32 -3.98 -5.66 5.57
C ARG B 32 -3.72 -4.68 6.70
N LEU B 33 -3.81 -5.14 7.95
CA LEU B 33 -3.57 -4.29 9.13
C LEU B 33 -2.28 -3.49 8.99
N LEU B 34 -1.23 -4.13 8.45
CA LEU B 34 0.06 -3.47 8.27
C LEU B 34 -0.06 -2.17 7.46
N LEU B 35 -1.05 -2.11 6.58
CA LEU B 35 -1.28 -0.92 5.75
C LEU B 35 -1.62 0.29 6.62
N GLU B 36 -2.50 0.06 7.61
CA GLU B 36 -2.91 1.13 8.53
C GLU B 36 -2.01 1.19 9.77
N GLU B 37 -1.51 0.03 10.20
CA GLU B 37 -0.62 -0.05 11.37
C GLU B 37 0.62 0.84 11.19
N ALA B 38 1.14 0.88 9.96
CA ALA B 38 2.32 1.69 9.65
C ALA B 38 2.12 3.15 10.06
N LEU A 1 18.12 -8.94 -1.30
CA LEU A 1 17.44 -8.77 -2.61
C LEU A 1 16.29 -7.75 -2.52
N GLN A 2 15.68 -7.43 -3.66
CA GLN A 2 14.57 -6.47 -3.71
C GLN A 2 15.05 -5.04 -3.45
N ASP A 3 15.51 -4.78 -2.23
CA ASP A 3 16.02 -3.45 -1.86
C ASP A 3 17.19 -3.05 -2.75
N GLN A 4 18.24 -3.88 -2.74
CA GLN A 4 19.46 -3.65 -3.53
C GLN A 4 19.14 -3.23 -4.97
N HIS A 5 18.14 -3.89 -5.58
CA HIS A 5 17.75 -3.58 -6.95
C HIS A 5 17.50 -2.07 -7.12
N CYS A 6 16.85 -1.46 -6.13
CA CYS A 6 16.57 -0.02 -6.16
C CYS A 6 17.86 0.78 -6.31
N GLU A 7 18.91 0.32 -5.63
CA GLU A 7 20.22 0.98 -5.70
C GLU A 7 20.98 0.51 -6.93
N SER A 8 21.02 -0.82 -7.13
CA SER A 8 21.69 -1.43 -8.26
C SER A 8 21.24 -0.82 -9.59
N LEU A 9 19.95 -0.49 -9.68
CA LEU A 9 19.39 0.13 -10.88
C LEU A 9 19.22 1.64 -10.71
N SER A 10 20.00 2.24 -9.80
CA SER A 10 19.93 3.68 -9.55
C SER A 10 21.29 4.34 -9.74
N LEU A 11 22.25 3.97 -8.88
CA LEU A 11 23.61 4.51 -8.94
C LEU A 11 23.63 6.03 -9.22
N ALA A 12 23.88 6.42 -10.48
CA ALA A 12 23.92 7.83 -10.87
C ALA A 12 22.65 8.57 -10.46
N SER A 13 22.81 9.62 -9.66
CA SER A 13 21.66 10.41 -9.19
C SER A 13 22.10 11.79 -8.69
N ASN A 14 22.88 11.81 -7.61
CA ASN A 14 23.36 13.06 -7.00
C ASN A 14 22.22 13.84 -6.35
N ILE A 15 21.30 14.34 -7.18
CA ILE A 15 20.15 15.10 -6.70
C ILE A 15 20.61 16.43 -6.05
N SER A 16 19.66 17.31 -5.74
CA SER A 16 19.99 18.60 -5.13
C SER A 16 20.37 18.46 -3.65
N GLY A 17 21.32 17.56 -3.36
CA GLY A 17 21.77 17.34 -1.99
C GLY A 17 20.69 16.82 -1.06
N LEU A 18 19.68 17.65 -0.79
CA LEU A 18 18.58 17.27 0.09
C LEU A 18 17.68 16.22 -0.56
N GLN A 19 18.03 14.95 -0.37
CA GLN A 19 17.27 13.85 -0.94
C GLN A 19 17.30 12.62 -0.03
N CYS A 20 16.35 11.71 -0.25
CA CYS A 20 16.27 10.49 0.54
C CYS A 20 16.69 9.29 -0.32
N ASN A 21 17.78 8.65 0.08
CA ASN A 21 18.32 7.49 -0.63
C ASN A 21 17.27 6.39 -0.84
N ALA A 22 17.49 5.55 -1.85
CA ALA A 22 16.58 4.44 -2.15
C ALA A 22 16.48 3.48 -0.96
N SER A 23 15.26 3.13 -0.59
CA SER A 23 15.04 2.21 0.54
C SER A 23 13.59 1.71 0.60
N VAL A 24 13.34 0.74 1.49
CA VAL A 24 12.00 0.16 1.65
C VAL A 24 11.39 0.56 3.00
N ASP A 25 10.05 0.59 3.07
CA ASP A 25 9.36 0.95 4.30
C ASP A 25 8.56 -0.23 4.86
N LEU A 26 7.60 -0.73 4.09
CA LEU A 26 6.76 -1.85 4.52
C LEU A 26 6.53 -2.84 3.37
N ILE A 27 6.08 -4.05 3.73
CA ILE A 27 5.80 -5.12 2.76
C ILE A 27 6.88 -5.20 1.67
N GLY A 28 6.50 -5.58 0.44
CA GLY A 28 7.47 -5.69 -0.65
C GLY A 28 7.42 -4.52 -1.59
N THR A 29 7.49 -3.30 -1.05
CA THR A 29 7.46 -2.08 -1.88
C THR A 29 8.67 -1.19 -1.60
N CYS A 30 9.68 -1.28 -2.48
CA CYS A 30 10.89 -0.48 -2.33
C CYS A 30 10.72 0.92 -2.93
N TRP A 31 11.28 1.92 -2.25
CA TRP A 31 11.19 3.31 -2.72
C TRP A 31 12.57 3.83 -3.15
N PRO A 32 12.71 4.23 -4.43
CA PRO A 32 13.98 4.73 -4.97
C PRO A 32 14.35 6.12 -4.44
N ARG A 33 15.62 6.47 -4.59
CA ARG A 33 16.14 7.78 -4.14
C ARG A 33 15.31 8.93 -4.70
N SER A 34 15.01 9.92 -3.87
CA SER A 34 14.23 11.08 -4.28
C SER A 34 14.56 12.32 -3.46
N PRO A 35 14.42 13.53 -4.05
CA PRO A 35 14.72 14.79 -3.36
C PRO A 35 13.71 15.16 -2.27
N ALA A 36 14.18 15.93 -1.28
CA ALA A 36 13.33 16.36 -0.18
C ALA A 36 12.14 17.19 -0.68
N GLY A 37 10.95 16.92 -0.13
CA GLY A 37 9.76 17.66 -0.55
C GLY A 37 9.00 16.98 -1.69
N GLN A 38 9.66 16.08 -2.42
CA GLN A 38 9.03 15.39 -3.54
C GLN A 38 7.96 14.41 -3.05
N LEU A 39 6.71 14.69 -3.37
CA LEU A 39 5.59 13.83 -2.97
C LEU A 39 5.62 12.50 -3.74
N VAL A 40 6.56 11.64 -3.35
CA VAL A 40 6.72 10.33 -3.99
C VAL A 40 5.47 9.46 -3.81
N VAL A 41 5.09 8.76 -4.88
CA VAL A 41 3.92 7.88 -4.88
C VAL A 41 4.16 6.63 -5.73
N ARG A 42 3.56 5.51 -5.35
CA ARG A 42 3.75 4.26 -6.11
C ARG A 42 2.52 3.35 -6.07
N PRO A 43 2.18 2.72 -7.21
CA PRO A 43 1.03 1.81 -7.31
C PRO A 43 1.35 0.42 -6.75
N CYS A 44 0.30 -0.29 -6.33
CA CYS A 44 0.45 -1.63 -5.77
C CYS A 44 1.10 -2.60 -6.76
N PRO A 45 1.84 -3.62 -6.27
CA PRO A 45 2.51 -4.61 -7.12
C PRO A 45 1.58 -5.76 -7.56
N ALA A 46 0.26 -5.52 -7.51
CA ALA A 46 -0.73 -6.53 -7.90
C ALA A 46 -0.75 -7.73 -6.95
N PHE A 47 0.39 -8.40 -6.81
CA PHE A 47 0.51 -9.57 -5.94
C PHE A 47 0.98 -9.19 -4.54
N PHE A 48 0.10 -9.36 -3.54
CA PHE A 48 0.43 -9.04 -2.16
C PHE A 48 0.50 -10.33 -1.33
N TYR A 49 1.71 -10.86 -1.16
CA TYR A 49 1.93 -12.10 -0.41
C TYR A 49 1.22 -13.27 -1.12
N GLY A 50 -0.06 -13.45 -0.80
CA GLY A 50 -0.86 -14.51 -1.41
C GLY A 50 -2.23 -14.01 -1.87
N VAL A 51 -2.44 -12.69 -1.81
CA VAL A 51 -3.71 -12.09 -2.21
C VAL A 51 -3.53 -11.13 -3.39
N ARG A 52 -4.54 -11.08 -4.26
CA ARG A 52 -4.49 -10.21 -5.44
C ARG A 52 -5.12 -8.86 -5.14
N TYR A 53 -4.32 -7.80 -5.25
CA TYR A 53 -4.81 -6.44 -5.01
C TYR A 53 -4.87 -5.67 -6.33
N ASN A 54 -5.91 -4.86 -6.49
CA ASN A 54 -6.08 -4.07 -7.71
C ASN A 54 -5.13 -2.87 -7.74
N THR A 55 -4.11 -2.93 -8.59
CA THR A 55 -3.13 -1.83 -8.69
C THR A 55 -3.73 -0.62 -9.42
N THR A 56 -4.83 -0.10 -8.87
CA THR A 56 -5.51 1.06 -9.44
C THR A 56 -5.21 2.35 -8.66
N ASN A 57 -4.55 2.23 -7.51
CA ASN A 57 -4.22 3.39 -6.69
C ASN A 57 -2.71 3.50 -6.48
N ASN A 58 -2.25 4.65 -6.01
CA ASN A 58 -0.83 4.89 -5.78
C ASN A 58 -0.56 5.33 -4.35
N GLY A 59 0.37 4.64 -3.69
CA GLY A 59 0.73 4.97 -2.32
C GLY A 59 1.84 5.99 -2.25
N TYR A 60 1.53 7.16 -1.71
CA TYR A 60 2.52 8.24 -1.58
C TYR A 60 2.98 8.39 -0.13
N ARG A 61 4.05 9.14 0.06
CA ARG A 61 4.60 9.38 1.41
C ARG A 61 5.43 10.68 1.48
N GLU A 62 6.06 11.07 0.38
CA GLU A 62 6.87 12.30 0.31
C GLU A 62 8.26 12.11 0.90
N CYS A 63 9.18 12.98 0.50
CA CYS A 63 10.56 12.94 0.99
C CYS A 63 10.80 14.01 2.03
N LEU A 64 11.03 13.59 3.28
CA LEU A 64 11.26 14.51 4.40
C LEU A 64 12.24 15.62 4.05
N ALA A 65 11.79 16.87 4.15
CA ALA A 65 12.62 18.03 3.85
C ALA A 65 13.76 18.18 4.88
N ASN A 66 14.76 17.33 4.76
CA ASN A 66 15.92 17.34 5.67
C ASN A 66 16.92 16.25 5.29
N GLY A 67 16.42 15.06 4.95
CA GLY A 67 17.29 13.95 4.56
C GLY A 67 16.85 12.63 5.15
N SER A 68 15.58 12.27 4.92
CA SER A 68 15.02 11.02 5.44
C SER A 68 13.69 10.69 4.76
N TRP A 69 13.21 9.47 4.97
CA TRP A 69 11.94 9.03 4.37
C TRP A 69 10.76 9.21 5.32
N ALA A 70 9.58 9.44 4.74
CA ALA A 70 8.36 9.62 5.53
C ALA A 70 7.83 8.28 6.07
N ALA A 71 7.24 8.31 7.26
CA ALA A 71 6.71 7.10 7.90
C ALA A 71 5.36 6.68 7.31
N ARG A 72 4.37 7.57 7.39
CA ARG A 72 3.03 7.27 6.87
C ARG A 72 3.03 7.12 5.34
N VAL A 73 2.83 5.90 4.86
CA VAL A 73 2.79 5.62 3.43
C VAL A 73 1.36 5.27 3.00
N ASN A 74 0.87 5.93 1.95
CA ASN A 74 -0.50 5.68 1.47
C ASN A 74 -0.65 4.28 0.86
N TYR A 75 -0.37 3.25 1.65
CA TYR A 75 -0.48 1.87 1.20
C TYR A 75 -1.93 1.37 1.27
N SER A 76 -2.70 1.90 2.24
CA SER A 76 -4.12 1.52 2.41
C SER A 76 -4.86 1.54 1.07
N GLU A 77 -4.43 2.42 0.16
CA GLU A 77 -5.02 2.54 -1.17
C GLU A 77 -5.09 1.18 -1.89
N CYS A 78 -4.23 0.24 -1.48
CA CYS A 78 -4.19 -1.10 -2.08
C CYS A 78 -5.43 -1.91 -1.69
N GLN A 79 -6.38 -2.02 -2.61
CA GLN A 79 -7.61 -2.77 -2.34
C GLN A 79 -7.60 -4.14 -3.02
N GLU A 80 -8.02 -5.16 -2.27
CA GLU A 80 -8.07 -6.53 -2.76
C GLU A 80 -8.95 -6.62 -4.02
N ILE A 81 -8.65 -7.60 -4.89
CA ILE A 81 -9.42 -7.79 -6.12
C ILE A 81 -10.92 -8.01 -5.82
N LEU A 82 -11.20 -8.73 -4.73
CA LEU A 82 -12.57 -9.02 -4.31
C LEU A 82 -13.34 -9.81 -5.38
N ASN A 83 -12.79 -10.97 -5.76
CA ASN A 83 -13.44 -11.82 -6.76
C ASN A 83 -14.58 -12.62 -6.13
N GLU A 84 -15.55 -11.89 -5.59
CA GLU A 84 -16.72 -12.51 -4.95
C GLU A 84 -17.97 -11.66 -5.14
N PRO B 1 -42.64 3.97 -13.10
CA PRO B 1 -42.52 2.87 -12.15
C PRO B 1 -42.38 3.35 -10.70
N PRO B 2 -42.84 2.53 -9.73
CA PRO B 2 -42.77 2.87 -8.30
C PRO B 2 -41.36 2.73 -7.71
N ILE B 3 -40.53 1.88 -8.33
CA ILE B 3 -39.15 1.62 -7.89
C ILE B 3 -38.99 1.68 -6.36
N SER B 4 -39.79 0.88 -5.65
CA SER B 4 -39.73 0.85 -4.18
C SER B 4 -39.24 -0.50 -3.66
N LEU B 5 -38.29 -1.12 -4.37
CA LEU B 5 -37.74 -2.41 -3.97
C LEU B 5 -36.24 -2.31 -3.65
N ASP B 6 -35.91 -1.44 -2.69
CA ASP B 6 -34.51 -1.24 -2.29
C ASP B 6 -34.31 -1.47 -0.79
N LEU B 7 -34.89 -0.59 0.03
CA LEU B 7 -34.77 -0.70 1.50
C LEU B 7 -35.04 -2.11 2.00
N THR B 8 -35.98 -2.81 1.37
CA THR B 8 -36.34 -4.18 1.75
C THR B 8 -35.14 -5.13 1.58
N PHE B 9 -34.76 -5.38 0.32
CA PHE B 9 -33.65 -6.26 0.00
C PHE B 9 -32.38 -5.89 0.79
N ASN B 10 -32.21 -4.59 1.07
CA ASN B 10 -31.04 -4.12 1.82
C ASN B 10 -30.86 -4.91 3.12
N LEU B 11 -31.97 -5.30 3.75
CA LEU B 11 -31.93 -6.06 5.00
C LEU B 11 -31.03 -7.29 4.87
N LEU B 12 -31.24 -8.09 3.81
CA LEU B 12 -30.44 -9.28 3.56
C LEU B 12 -29.10 -8.91 2.90
N ARG B 13 -29.12 -7.85 2.09
CA ARG B 13 -27.92 -7.38 1.40
C ARG B 13 -26.76 -7.21 2.37
N GLU B 14 -26.99 -6.45 3.45
CA GLU B 14 -25.94 -6.23 4.46
C GLU B 14 -25.47 -7.55 5.06
N VAL B 15 -26.40 -8.39 5.49
CA VAL B 15 -26.07 -9.69 6.06
C VAL B 15 -25.20 -10.48 5.09
N LEU B 16 -25.65 -10.55 3.83
CA LEU B 16 -24.90 -11.25 2.79
C LEU B 16 -23.51 -10.64 2.59
N GLU B 17 -23.47 -9.32 2.37
CA GLU B 17 -22.18 -8.63 2.18
C GLU B 17 -21.31 -8.75 3.44
N ILE B 18 -21.91 -8.55 4.62
CA ILE B 18 -21.18 -8.66 5.88
C ILE B 18 -20.52 -10.03 5.99
N ALA B 19 -21.30 -11.08 5.73
CA ALA B 19 -20.78 -12.45 5.76
C ALA B 19 -19.74 -12.67 4.66
N LYS B 20 -20.07 -12.26 3.43
CA LYS B 20 -19.16 -12.39 2.29
C LYS B 20 -17.73 -11.96 2.65
N ALA B 21 -17.61 -10.82 3.34
CA ALA B 21 -16.30 -10.30 3.76
C ALA B 21 -15.42 -11.39 4.38
N GLU B 22 -16.04 -12.36 5.04
CA GLU B 22 -15.31 -13.47 5.65
C GLU B 22 -14.40 -14.18 4.65
N GLN B 23 -14.86 -14.27 3.39
CA GLN B 23 -14.07 -14.93 2.33
C GLN B 23 -12.64 -14.40 2.27
N GLU B 24 -12.48 -13.10 2.48
CA GLU B 24 -11.14 -12.50 2.47
C GLU B 24 -10.59 -12.33 3.89
N ALA B 25 -11.47 -11.91 4.82
CA ALA B 25 -11.08 -11.72 6.22
C ALA B 25 -10.20 -12.85 6.75
N GLU B 26 -10.47 -14.09 6.32
CA GLU B 26 -9.70 -15.24 6.77
C GLU B 26 -8.22 -15.16 6.40
N GLU B 27 -7.90 -14.64 5.21
CA GLU B 27 -6.50 -14.54 4.77
C GLU B 27 -6.07 -13.12 4.38
N ALA B 28 -7.03 -12.27 3.98
CA ALA B 28 -6.73 -10.89 3.59
C ALA B 28 -6.66 -9.94 4.78
N ALA B 29 -7.42 -10.23 5.84
CA ALA B 29 -7.43 -9.38 7.04
C ALA B 29 -6.01 -8.98 7.47
N LYS B 30 -5.14 -9.98 7.64
CA LYS B 30 -3.75 -9.73 8.03
C LYS B 30 -3.07 -8.71 7.11
N ASN B 31 -3.40 -8.78 5.81
CA ASN B 31 -2.85 -7.85 4.83
C ASN B 31 -3.51 -6.48 4.98
N ARG B 32 -4.85 -6.47 4.99
CA ARG B 32 -5.62 -5.23 5.14
C ARG B 32 -5.26 -4.54 6.45
N LEU B 33 -5.25 -5.31 7.54
CA LEU B 33 -4.92 -4.77 8.86
C LEU B 33 -3.55 -4.09 8.85
N LEU B 34 -2.54 -4.79 8.33
CA LEU B 34 -1.19 -4.25 8.23
C LEU B 34 -1.15 -3.06 7.27
N LEU B 35 -1.82 -3.20 6.12
CA LEU B 35 -1.87 -2.15 5.10
C LEU B 35 -2.18 -0.79 5.72
N GLU B 36 -3.23 -0.73 6.54
CA GLU B 36 -3.65 0.51 7.20
C GLU B 36 -2.52 1.08 8.09
N GLU B 37 -1.78 0.18 8.73
CA GLU B 37 -0.67 0.58 9.61
C GLU B 37 0.50 1.16 8.80
N ALA B 38 0.68 0.66 7.57
CA ALA B 38 1.76 1.12 6.70
C ALA B 38 1.42 2.47 6.08
N LEU A 1 13.27 -9.31 -7.65
CA LEU A 1 14.22 -8.48 -8.46
C LEU A 1 13.77 -7.02 -8.53
N GLN A 2 14.58 -6.17 -9.16
CA GLN A 2 14.28 -4.74 -9.30
C GLN A 2 14.32 -4.01 -7.95
N ASP A 3 13.48 -4.44 -7.01
CA ASP A 3 13.43 -3.81 -5.69
C ASP A 3 14.84 -3.66 -5.09
N GLN A 4 15.57 -4.77 -5.00
CA GLN A 4 16.93 -4.76 -4.46
C GLN A 4 17.77 -3.63 -5.06
N HIS A 5 17.60 -3.38 -6.37
CA HIS A 5 18.34 -2.31 -7.05
C HIS A 5 18.10 -0.97 -6.37
N CYS A 6 16.85 -0.71 -5.94
CA CYS A 6 16.52 0.54 -5.26
C CYS A 6 17.36 0.70 -4.00
N GLU A 7 17.64 -0.42 -3.33
CA GLU A 7 18.45 -0.43 -2.11
C GLU A 7 19.93 -0.54 -2.47
N SER A 8 20.29 -1.62 -3.16
CA SER A 8 21.67 -1.88 -3.60
C SER A 8 22.70 -1.54 -2.51
N LEU A 9 22.33 -1.74 -1.25
CA LEU A 9 23.22 -1.43 -0.12
C LEU A 9 23.65 0.05 -0.15
N SER A 10 22.83 0.89 -0.80
CA SER A 10 23.11 2.32 -0.92
C SER A 10 24.53 2.58 -1.46
N LEU A 11 25.09 1.61 -2.18
CA LEU A 11 26.43 1.74 -2.74
C LEU A 11 26.42 2.64 -3.97
N ALA A 12 25.72 2.21 -5.02
CA ALA A 12 25.62 2.98 -6.26
C ALA A 12 24.74 4.22 -6.06
N SER A 13 25.22 5.17 -5.27
CA SER A 13 24.47 6.40 -5.00
C SER A 13 25.35 7.51 -4.42
N ASN A 14 26.06 7.20 -3.33
CA ASN A 14 26.94 8.18 -2.67
C ASN A 14 26.15 9.31 -2.01
N ILE A 15 25.37 10.04 -2.82
CA ILE A 15 24.55 11.18 -2.34
C ILE A 15 25.37 12.47 -2.30
N SER A 16 24.73 13.58 -2.66
CA SER A 16 25.40 14.89 -2.66
C SER A 16 24.38 16.04 -2.65
N GLY A 17 23.36 15.92 -1.80
CA GLY A 17 22.33 16.95 -1.72
C GLY A 17 21.20 16.57 -0.78
N LEU A 18 20.30 17.52 -0.53
CA LEU A 18 19.15 17.31 0.34
C LEU A 18 18.16 16.32 -0.27
N GLN A 19 18.35 15.03 0.01
CA GLN A 19 17.47 13.99 -0.53
C GLN A 19 17.34 12.82 0.45
N CYS A 20 16.41 11.90 0.16
CA CYS A 20 16.19 10.73 1.00
C CYS A 20 16.73 9.48 0.31
N ASN A 21 17.68 8.82 0.95
CA ASN A 21 18.29 7.61 0.40
C ASN A 21 17.22 6.60 -0.01
N ALA A 22 17.42 5.97 -1.17
CA ALA A 22 16.48 4.97 -1.66
C ALA A 22 16.44 3.78 -0.69
N SER A 23 15.23 3.35 -0.29
CA SER A 23 15.10 2.23 0.65
C SER A 23 13.67 1.69 0.73
N VAL A 24 13.39 0.93 1.79
CA VAL A 24 12.06 0.33 1.98
C VAL A 24 11.30 1.00 3.14
N ASP A 25 10.12 0.45 3.45
CA ASP A 25 9.28 0.97 4.54
C ASP A 25 8.36 -0.11 5.10
N LEU A 26 7.60 -0.78 4.22
CA LEU A 26 6.69 -1.84 4.65
C LEU A 26 6.03 -2.53 3.44
N ILE A 27 5.24 -3.57 3.74
CA ILE A 27 4.52 -4.36 2.72
C ILE A 27 5.40 -4.72 1.51
N GLY A 28 6.72 -4.80 1.73
CA GLY A 28 7.63 -5.14 0.65
C GLY A 28 7.73 -4.04 -0.39
N THR A 29 8.04 -2.82 0.06
CA THR A 29 8.16 -1.67 -0.85
C THR A 29 9.57 -1.11 -0.87
N CYS A 30 9.96 -0.59 -2.04
CA CYS A 30 11.27 0.03 -2.20
C CYS A 30 11.13 1.39 -2.89
N TRP A 31 11.58 2.44 -2.20
CA TRP A 31 11.48 3.80 -2.72
C TRP A 31 12.82 4.27 -3.30
N PRO A 32 12.82 4.66 -4.60
CA PRO A 32 14.04 5.10 -5.30
C PRO A 32 14.55 6.46 -4.82
N ARG A 33 15.79 6.77 -5.21
CA ARG A 33 16.44 8.04 -4.85
C ARG A 33 15.47 9.21 -4.98
N SER A 34 15.06 9.75 -3.84
CA SER A 34 14.11 10.86 -3.83
C SER A 34 14.71 12.09 -3.14
N PRO A 35 14.42 13.31 -3.66
CA PRO A 35 14.92 14.56 -3.09
C PRO A 35 14.07 15.04 -1.91
N ALA A 36 14.53 16.11 -1.24
CA ALA A 36 13.80 16.66 -0.11
C ALA A 36 12.32 16.94 -0.49
N GLY A 37 11.44 16.04 -0.07
CA GLY A 37 10.02 16.18 -0.38
C GLY A 37 9.59 15.27 -1.54
N GLN A 38 8.84 15.83 -2.48
CA GLN A 38 8.36 15.07 -3.64
C GLN A 38 7.45 13.91 -3.24
N LEU A 39 6.14 14.12 -3.38
CA LEU A 39 5.14 13.10 -3.04
C LEU A 39 5.22 11.91 -4.00
N VAL A 40 6.33 11.18 -3.96
CA VAL A 40 6.53 10.01 -4.83
C VAL A 40 5.50 8.92 -4.53
N VAL A 41 4.91 8.36 -5.60
CA VAL A 41 3.90 7.32 -5.45
C VAL A 41 4.41 5.96 -5.96
N ARG A 42 3.82 4.88 -5.45
CA ARG A 42 4.22 3.53 -5.84
C ARG A 42 3.02 2.69 -6.32
N PRO A 43 3.13 2.10 -7.53
CA PRO A 43 2.07 1.26 -8.09
C PRO A 43 2.09 -0.17 -7.54
N CYS A 44 0.93 -0.67 -7.14
CA CYS A 44 0.82 -2.03 -6.59
C CYS A 44 0.78 -3.08 -7.69
N PRO A 45 1.59 -4.15 -7.56
CA PRO A 45 1.63 -5.24 -8.56
C PRO A 45 0.33 -6.07 -8.57
N ALA A 46 0.20 -6.93 -9.58
CA ALA A 46 -0.98 -7.78 -9.71
C ALA A 46 -0.84 -9.09 -8.90
N PHE A 47 0.20 -9.17 -8.06
CA PHE A 47 0.43 -10.36 -7.25
C PHE A 47 1.00 -10.00 -5.87
N PHE A 48 0.12 -9.79 -4.90
CA PHE A 48 0.55 -9.45 -3.54
C PHE A 48 0.38 -10.65 -2.62
N TYR A 49 1.51 -11.23 -2.18
CA TYR A 49 1.49 -12.41 -1.31
C TYR A 49 0.92 -13.61 -2.04
N GLY A 50 -0.38 -13.52 -2.35
CA GLY A 50 -1.08 -14.57 -3.07
C GLY A 50 -2.43 -14.11 -3.61
N VAL A 51 -2.55 -12.80 -3.88
CA VAL A 51 -3.80 -12.22 -4.40
C VAL A 51 -3.53 -11.29 -5.58
N ARG A 52 -4.57 -11.05 -6.38
CA ARG A 52 -4.47 -10.17 -7.56
C ARG A 52 -4.27 -8.70 -7.17
N TYR A 53 -5.00 -8.25 -6.14
CA TYR A 53 -4.91 -6.86 -5.66
C TYR A 53 -5.63 -5.89 -6.61
N ASN A 54 -6.37 -4.95 -6.03
CA ASN A 54 -7.10 -3.95 -6.82
C ASN A 54 -6.14 -2.93 -7.47
N THR A 55 -5.12 -2.51 -6.71
CA THR A 55 -4.10 -1.56 -7.18
C THR A 55 -4.71 -0.38 -7.98
N THR A 56 -5.83 0.16 -7.48
CA THR A 56 -6.50 1.29 -8.15
C THR A 56 -5.59 2.52 -8.22
N ASN A 57 -5.04 2.91 -7.07
CA ASN A 57 -4.17 4.09 -6.99
C ASN A 57 -2.78 3.69 -6.50
N ASN A 58 -1.82 4.61 -6.63
CA ASN A 58 -0.44 4.36 -6.22
C ASN A 58 -0.21 4.79 -4.76
N GLY A 59 0.46 3.93 -4.00
CA GLY A 59 0.74 4.24 -2.60
C GLY A 59 1.82 5.30 -2.46
N TYR A 60 1.72 6.14 -1.42
CA TYR A 60 2.70 7.20 -1.21
C TYR A 60 3.11 7.33 0.25
N ARG A 61 4.41 7.46 0.48
CA ARG A 61 4.97 7.61 1.82
C ARG A 61 5.47 9.05 2.03
N GLU A 62 6.01 9.64 0.95
CA GLU A 62 6.52 11.00 0.98
C GLU A 62 7.93 11.07 1.58
N CYS A 63 8.58 12.22 1.43
CA CYS A 63 9.94 12.42 1.94
C CYS A 63 10.00 13.62 2.88
N LEU A 64 10.94 13.59 3.83
CA LEU A 64 11.11 14.69 4.78
C LEU A 64 11.94 15.82 4.19
N ALA A 65 11.53 17.06 4.45
CA ALA A 65 12.23 18.25 3.95
C ALA A 65 13.57 18.47 4.67
N ASN A 66 14.48 17.51 4.50
CA ASN A 66 15.80 17.58 5.13
C ASN A 66 16.72 16.44 4.67
N GLY A 67 16.19 15.21 4.71
CA GLY A 67 16.96 14.05 4.29
C GLY A 67 16.55 12.79 5.03
N SER A 68 15.34 12.32 4.77
CA SER A 68 14.82 11.12 5.42
C SER A 68 13.41 10.77 4.92
N TRP A 69 12.99 9.53 5.15
CA TRP A 69 11.68 9.07 4.73
C TRP A 69 10.65 9.23 5.86
N ALA A 70 9.38 9.33 5.50
CA ALA A 70 8.31 9.49 6.47
C ALA A 70 7.86 8.16 7.07
N ALA A 71 7.38 8.21 8.31
CA ALA A 71 6.89 7.02 9.00
C ALA A 71 5.49 6.63 8.52
N ARG A 72 4.81 7.55 7.82
CA ARG A 72 3.47 7.31 7.29
C ARG A 72 3.50 7.01 5.79
N VAL A 73 2.62 6.11 5.36
CA VAL A 73 2.50 5.73 3.96
C VAL A 73 1.07 5.31 3.63
N ASN A 74 0.53 5.84 2.53
CA ASN A 74 -0.84 5.53 2.12
C ASN A 74 -0.91 4.29 1.22
N TYR A 75 -1.31 3.16 1.81
CA TYR A 75 -1.45 1.90 1.08
C TYR A 75 -2.90 1.46 0.95
N SER A 76 -3.84 2.31 1.38
CA SER A 76 -5.28 2.01 1.30
C SER A 76 -5.68 1.63 -0.12
N GLU A 77 -5.01 2.22 -1.11
CA GLU A 77 -5.29 1.94 -2.52
C GLU A 77 -4.93 0.49 -2.90
N CYS A 78 -4.03 -0.12 -2.11
CA CYS A 78 -3.62 -1.51 -2.37
C CYS A 78 -4.53 -2.49 -1.64
N GLN A 79 -5.82 -2.47 -1.99
CA GLN A 79 -6.80 -3.35 -1.36
C GLN A 79 -6.86 -4.70 -2.07
N GLU A 80 -7.25 -5.74 -1.32
CA GLU A 80 -7.36 -7.10 -1.86
C GLU A 80 -8.67 -7.29 -2.62
N ILE A 81 -9.80 -7.23 -1.90
CA ILE A 81 -11.14 -7.41 -2.49
C ILE A 81 -11.15 -8.46 -3.61
N LEU A 82 -10.80 -9.70 -3.26
CA LEU A 82 -10.76 -10.78 -4.24
C LEU A 82 -12.18 -11.27 -4.58
N ASN A 83 -12.50 -11.29 -5.87
CA ASN A 83 -13.81 -11.74 -6.32
C ASN A 83 -14.01 -13.23 -6.07
N GLU A 84 -15.10 -13.58 -5.39
CA GLU A 84 -15.41 -14.98 -5.07
C GLU A 84 -14.21 -15.70 -4.46
N PRO B 1 -47.14 -23.60 8.18
CA PRO B 1 -46.11 -24.37 8.88
C PRO B 1 -45.31 -25.27 7.92
N PRO B 2 -44.46 -24.68 7.07
CA PRO B 2 -43.64 -25.42 6.11
C PRO B 2 -42.52 -26.21 6.79
N ILE B 3 -42.15 -27.35 6.18
CA ILE B 3 -41.08 -28.20 6.72
C ILE B 3 -39.70 -27.58 6.48
N SER B 4 -38.71 -28.04 7.25
CA SER B 4 -37.33 -27.54 7.14
C SER B 4 -36.91 -27.41 5.67
N LEU B 5 -37.02 -28.51 4.92
CA LEU B 5 -36.65 -28.54 3.50
C LEU B 5 -35.28 -27.90 3.25
N ASP B 6 -35.25 -26.60 2.91
CA ASP B 6 -34.01 -25.90 2.66
C ASP B 6 -33.31 -25.49 3.97
N LEU B 7 -34.07 -25.43 5.07
CA LEU B 7 -33.51 -25.04 6.37
C LEU B 7 -32.18 -25.75 6.66
N THR B 8 -32.10 -27.04 6.29
CA THR B 8 -30.88 -27.83 6.49
C THR B 8 -29.70 -27.26 5.70
N PHE B 9 -29.99 -26.51 4.62
CA PHE B 9 -28.94 -25.91 3.80
C PHE B 9 -28.23 -24.78 4.54
N ASN B 10 -29.01 -23.93 5.22
CA ASN B 10 -28.46 -22.81 5.98
C ASN B 10 -27.31 -23.27 6.89
N LEU B 11 -27.50 -24.42 7.55
CA LEU B 11 -26.49 -24.99 8.43
C LEU B 11 -25.10 -24.97 7.77
N LEU B 12 -25.01 -25.57 6.58
CA LEU B 12 -23.75 -25.60 5.84
C LEU B 12 -23.53 -24.27 5.09
N ARG B 13 -24.63 -23.67 4.64
CA ARG B 13 -24.56 -22.39 3.93
C ARG B 13 -23.78 -21.37 4.73
N GLU B 14 -24.14 -21.21 6.02
CA GLU B 14 -23.44 -20.27 6.90
C GLU B 14 -21.94 -20.55 6.88
N VAL B 15 -21.57 -21.79 7.19
CA VAL B 15 -20.17 -22.21 7.20
C VAL B 15 -19.52 -21.97 5.83
N LEU B 16 -20.19 -22.45 4.77
CA LEU B 16 -19.71 -22.28 3.41
C LEU B 16 -19.52 -20.79 3.08
N GLU B 17 -20.53 -20.00 3.40
CA GLU B 17 -20.50 -18.56 3.17
C GLU B 17 -19.37 -17.90 3.98
N ILE B 18 -19.33 -18.20 5.28
CA ILE B 18 -18.30 -17.65 6.16
C ILE B 18 -16.90 -18.05 5.69
N ALA B 19 -16.69 -19.35 5.49
CA ALA B 19 -15.39 -19.85 5.01
C ALA B 19 -14.94 -19.10 3.76
N LYS B 20 -15.88 -18.82 2.86
CA LYS B 20 -15.59 -18.07 1.64
C LYS B 20 -15.01 -16.69 1.96
N ALA B 21 -15.53 -16.08 3.02
CA ALA B 21 -15.07 -14.75 3.45
C ALA B 21 -13.77 -14.83 4.27
N GLU B 22 -13.54 -15.98 4.93
CA GLU B 22 -12.34 -16.19 5.75
C GLU B 22 -11.09 -15.54 5.14
N GLN B 23 -10.82 -15.82 3.86
CA GLN B 23 -9.66 -15.23 3.17
C GLN B 23 -9.68 -13.70 3.26
N GLU B 24 -10.85 -13.11 3.03
CA GLU B 24 -11.00 -11.66 3.11
C GLU B 24 -11.08 -11.22 4.58
N ALA B 25 -11.69 -12.05 5.42
CA ALA B 25 -11.83 -11.76 6.84
C ALA B 25 -10.47 -11.82 7.56
N GLU B 26 -9.65 -12.80 7.22
CA GLU B 26 -8.33 -12.97 7.86
C GLU B 26 -7.18 -12.46 6.97
N GLU B 27 -6.78 -13.27 5.98
CA GLU B 27 -5.67 -12.91 5.08
C GLU B 27 -5.79 -11.47 4.54
N ALA B 28 -6.87 -11.18 3.82
CA ALA B 28 -7.07 -9.83 3.27
C ALA B 28 -7.00 -8.77 4.37
N ALA B 29 -7.79 -8.97 5.43
CA ALA B 29 -7.80 -8.03 6.56
C ALA B 29 -6.40 -7.84 7.15
N LYS B 30 -5.74 -8.96 7.47
CA LYS B 30 -4.38 -8.91 8.02
C LYS B 30 -3.41 -8.27 7.02
N ASN B 31 -3.63 -8.53 5.73
CA ASN B 31 -2.79 -7.97 4.68
C ASN B 31 -3.02 -6.46 4.57
N ARG B 32 -4.28 -6.06 4.51
CA ARG B 32 -4.65 -4.64 4.41
C ARG B 32 -4.18 -3.86 5.64
N LEU B 33 -4.47 -4.37 6.84
CA LEU B 33 -4.06 -3.69 8.07
C LEU B 33 -2.56 -3.38 8.02
N LEU B 34 -1.77 -4.32 7.52
CA LEU B 34 -0.31 -4.14 7.38
C LEU B 34 -0.01 -2.94 6.47
N LEU B 35 -0.83 -2.78 5.43
CA LEU B 35 -0.67 -1.69 4.48
C LEU B 35 -1.25 -0.38 5.03
N GLU B 36 -2.45 -0.46 5.62
CA GLU B 36 -3.12 0.72 6.19
C GLU B 36 -2.37 1.28 7.40
N GLU B 37 -1.93 0.39 8.31
CA GLU B 37 -1.20 0.82 9.51
C GLU B 37 0.02 1.68 9.14
N ALA B 38 0.78 1.24 8.14
CA ALA B 38 1.96 1.98 7.71
C ALA B 38 1.57 3.34 7.13
N LEU A 1 15.65 -8.70 -1.93
CA LEU A 1 15.57 -8.49 -3.40
C LEU A 1 14.91 -7.16 -3.73
N GLN A 2 15.29 -6.55 -4.85
CA GLN A 2 14.74 -5.25 -5.27
C GLN A 2 15.36 -4.11 -4.43
N ASP A 3 15.34 -4.29 -3.11
CA ASP A 3 15.90 -3.32 -2.16
C ASP A 3 17.15 -2.61 -2.73
N GLN A 4 18.23 -3.38 -2.94
CA GLN A 4 19.47 -2.85 -3.48
C GLN A 4 19.26 -2.19 -4.84
N HIS A 5 18.53 -2.86 -5.74
CA HIS A 5 18.25 -2.32 -7.08
C HIS A 5 17.75 -0.88 -6.97
N CYS A 6 16.98 -0.59 -5.92
CA CYS A 6 16.44 0.75 -5.70
C CYS A 6 17.55 1.79 -5.50
N GLU A 7 18.71 1.36 -4.99
CA GLU A 7 19.84 2.28 -4.76
C GLU A 7 21.02 1.97 -5.70
N SER A 8 21.27 0.68 -5.95
CA SER A 8 22.37 0.24 -6.83
C SER A 8 23.74 0.63 -6.26
N LEU A 9 24.06 0.09 -5.08
CA LEU A 9 25.35 0.37 -4.42
C LEU A 9 25.65 1.87 -4.41
N SER A 10 24.67 2.66 -3.96
CA SER A 10 24.81 4.12 -3.90
C SER A 10 25.33 4.68 -5.24
N LEU A 11 24.72 4.22 -6.33
CA LEU A 11 25.11 4.65 -7.69
C LEU A 11 25.11 6.18 -7.80
N ALA A 12 26.03 6.70 -8.62
CA ALA A 12 26.16 8.15 -8.85
C ALA A 12 24.82 8.87 -8.70
N SER A 13 24.81 9.92 -7.87
CA SER A 13 23.58 10.67 -7.61
C SER A 13 23.85 12.18 -7.55
N ASN A 14 24.38 12.64 -6.42
CA ASN A 14 24.66 14.06 -6.20
C ASN A 14 23.35 14.80 -5.97
N ILE A 15 22.55 14.97 -7.03
CA ILE A 15 21.24 15.63 -6.96
C ILE A 15 21.37 17.10 -6.52
N SER A 16 21.78 17.32 -5.28
CA SER A 16 21.95 18.67 -4.73
C SER A 16 22.47 18.61 -3.29
N GLY A 17 21.90 17.72 -2.47
CA GLY A 17 22.31 17.59 -1.09
C GLY A 17 21.23 16.98 -0.21
N LEU A 18 20.23 17.78 0.13
CA LEU A 18 19.11 17.31 0.94
C LEU A 18 18.19 16.40 0.13
N GLN A 19 18.40 15.10 0.24
CA GLN A 19 17.61 14.13 -0.51
C GLN A 19 17.36 12.85 0.31
N CYS A 20 16.40 12.03 -0.14
CA CYS A 20 16.07 10.78 0.52
C CYS A 20 16.51 9.59 -0.33
N ASN A 21 17.28 8.69 0.28
CA ASN A 21 17.78 7.50 -0.43
C ASN A 21 16.68 6.47 -0.69
N ALA A 22 17.08 5.35 -1.30
CA ALA A 22 16.14 4.29 -1.61
C ALA A 22 16.12 3.22 -0.50
N SER A 23 14.92 2.77 -0.15
CA SER A 23 14.74 1.77 0.89
C SER A 23 13.40 1.06 0.72
N VAL A 24 13.03 0.23 1.69
CA VAL A 24 11.76 -0.50 1.63
C VAL A 24 10.82 -0.06 2.75
N ASP A 25 9.52 -0.04 2.45
CA ASP A 25 8.52 0.36 3.42
C ASP A 25 8.09 -0.83 4.31
N LEU A 26 6.88 -0.78 4.87
CA LEU A 26 6.39 -1.85 5.74
C LEU A 26 6.28 -3.21 5.02
N ILE A 27 6.19 -3.19 3.68
CA ILE A 27 6.11 -4.43 2.90
C ILE A 27 7.31 -4.56 1.96
N GLY A 28 7.39 -5.66 1.22
CA GLY A 28 8.50 -5.88 0.30
C GLY A 28 8.47 -4.94 -0.91
N THR A 29 8.42 -3.64 -0.63
CA THR A 29 8.40 -2.63 -1.70
C THR A 29 9.40 -1.52 -1.39
N CYS A 30 10.29 -1.25 -2.35
CA CYS A 30 11.30 -0.21 -2.17
C CYS A 30 10.90 1.10 -2.85
N TRP A 31 11.47 2.20 -2.37
CA TRP A 31 11.18 3.53 -2.92
C TRP A 31 12.45 4.18 -3.48
N PRO A 32 12.37 4.73 -4.71
CA PRO A 32 13.52 5.38 -5.37
C PRO A 32 13.96 6.66 -4.66
N ARG A 33 15.27 6.95 -4.75
CA ARG A 33 15.84 8.14 -4.12
C ARG A 33 15.23 9.42 -4.70
N SER A 34 14.93 10.39 -3.82
CA SER A 34 14.32 11.65 -4.25
C SER A 34 14.89 12.84 -3.46
N PRO A 35 14.71 14.07 -3.99
CA PRO A 35 15.20 15.29 -3.34
C PRO A 35 14.24 15.79 -2.24
N ALA A 36 14.77 16.55 -1.30
CA ALA A 36 13.97 17.09 -0.20
C ALA A 36 12.81 17.95 -0.72
N GLY A 37 11.61 17.68 -0.22
CA GLY A 37 10.44 18.43 -0.65
C GLY A 37 9.82 17.90 -1.93
N GLN A 38 9.49 16.61 -1.94
CA GLN A 38 8.90 15.96 -3.12
C GLN A 38 8.03 14.77 -2.70
N LEU A 39 6.92 14.58 -3.42
CA LEU A 39 6.01 13.47 -3.16
C LEU A 39 6.18 12.38 -4.22
N VAL A 40 6.40 11.15 -3.78
CA VAL A 40 6.59 10.02 -4.69
C VAL A 40 5.48 8.99 -4.52
N VAL A 41 5.12 8.31 -5.61
CA VAL A 41 4.07 7.30 -5.57
C VAL A 41 4.58 5.94 -6.06
N ARG A 42 4.17 4.88 -5.37
CA ARG A 42 4.58 3.52 -5.71
C ARG A 42 3.35 2.64 -5.96
N PRO A 43 3.15 2.18 -7.22
CA PRO A 43 2.00 1.33 -7.58
C PRO A 43 2.08 -0.07 -6.98
N CYS A 44 0.92 -0.69 -6.78
CA CYS A 44 0.87 -2.05 -6.22
C CYS A 44 1.23 -3.10 -7.27
N PRO A 45 1.93 -4.18 -6.85
CA PRO A 45 2.35 -5.25 -7.76
C PRO A 45 1.18 -5.92 -8.50
N ALA A 46 0.43 -6.77 -7.80
CA ALA A 46 -0.73 -7.48 -8.38
C ALA A 46 -1.16 -8.66 -7.51
N PHE A 47 -0.23 -9.59 -7.27
CA PHE A 47 -0.51 -10.77 -6.45
C PHE A 47 0.18 -10.68 -5.09
N PHE A 48 -0.61 -10.70 -4.02
CA PHE A 48 -0.07 -10.62 -2.67
C PHE A 48 0.08 -12.02 -2.07
N TYR A 49 1.19 -12.69 -2.43
CA TYR A 49 1.48 -14.03 -1.93
C TYR A 49 0.45 -15.06 -2.44
N GLY A 50 -0.76 -14.98 -1.90
CA GLY A 50 -1.83 -15.91 -2.31
C GLY A 50 -3.10 -15.23 -2.80
N VAL A 51 -3.20 -13.91 -2.64
CA VAL A 51 -4.39 -13.17 -3.08
C VAL A 51 -4.02 -12.01 -4.01
N ARG A 52 -4.88 -11.73 -5.00
CA ARG A 52 -4.64 -10.63 -5.94
C ARG A 52 -5.10 -9.30 -5.35
N TYR A 53 -4.26 -8.28 -5.48
CA TYR A 53 -4.58 -6.95 -4.97
C TYR A 53 -4.70 -5.90 -6.09
N ASN A 54 -4.98 -6.37 -7.32
CA ASN A 54 -5.15 -5.50 -8.50
C ASN A 54 -4.05 -4.43 -8.61
N THR A 55 -4.27 -3.44 -9.48
CA THR A 55 -3.31 -2.35 -9.69
C THR A 55 -4.02 -1.08 -10.14
N THR A 56 -5.06 -0.68 -9.40
CA THR A 56 -5.83 0.52 -9.74
C THR A 56 -5.36 1.73 -8.93
N ASN A 57 -5.05 1.51 -7.65
CA ASN A 57 -4.59 2.58 -6.78
C ASN A 57 -3.15 2.34 -6.30
N ASN A 58 -2.40 3.42 -6.08
CA ASN A 58 -1.00 3.31 -5.65
C ASN A 58 -0.76 4.04 -4.32
N GLY A 59 0.37 3.74 -3.68
CA GLY A 59 0.72 4.39 -2.44
C GLY A 59 1.73 5.51 -2.66
N TYR A 60 1.56 6.62 -1.93
CA TYR A 60 2.47 7.75 -2.07
C TYR A 60 3.29 8.02 -0.81
N ARG A 61 4.47 8.61 -1.01
CA ARG A 61 5.38 8.96 0.08
C ARG A 61 5.97 10.36 -0.14
N GLU A 62 6.47 10.96 0.93
CA GLU A 62 7.04 12.30 0.83
C GLU A 62 8.52 12.34 1.27
N CYS A 63 9.29 13.20 0.59
CA CYS A 63 10.71 13.36 0.91
C CYS A 63 10.92 14.53 1.87
N LEU A 64 10.88 14.23 3.17
CA LEU A 64 11.05 15.24 4.21
C LEU A 64 12.29 16.09 3.98
N ALA A 65 12.09 17.38 3.73
CA ALA A 65 13.20 18.31 3.50
C ALA A 65 14.01 18.55 4.79
N ASN A 66 14.72 17.52 5.23
CA ASN A 66 15.54 17.59 6.44
C ASN A 66 16.32 16.29 6.66
N GLY A 67 15.63 15.16 6.50
CA GLY A 67 16.27 13.85 6.68
C GLY A 67 15.28 12.78 7.09
N SER A 68 14.39 12.41 6.18
CA SER A 68 13.38 11.38 6.45
C SER A 68 12.68 10.94 5.15
N TRP A 69 11.77 9.96 5.29
CA TRP A 69 11.01 9.44 4.14
C TRP A 69 9.51 9.43 4.44
N ALA A 70 9.04 10.43 5.18
CA ALA A 70 7.63 10.54 5.55
C ALA A 70 7.25 9.50 6.61
N ALA A 71 6.47 9.94 7.60
CA ALA A 71 6.04 9.05 8.69
C ALA A 71 4.86 8.17 8.27
N ARG A 72 3.81 8.78 7.73
CA ARG A 72 2.62 8.03 7.30
C ARG A 72 2.61 7.81 5.78
N VAL A 73 2.38 6.57 5.37
CA VAL A 73 2.32 6.22 3.95
C VAL A 73 0.93 5.71 3.59
N ASN A 74 0.36 6.24 2.51
CA ASN A 74 -0.96 5.83 2.07
C ASN A 74 -0.91 4.55 1.24
N TYR A 75 -0.89 3.42 1.91
CA TYR A 75 -0.88 2.11 1.23
C TYR A 75 -2.29 1.53 1.13
N SER A 76 -3.24 2.16 1.81
CA SER A 76 -4.65 1.75 1.80
C SER A 76 -5.14 1.51 0.38
N GLU A 77 -4.61 2.30 -0.56
CA GLU A 77 -4.98 2.21 -1.97
C GLU A 77 -4.85 0.78 -2.52
N CYS A 78 -3.91 0.00 -1.96
CA CYS A 78 -3.72 -1.39 -2.39
C CYS A 78 -4.88 -2.27 -1.95
N GLN A 79 -6.07 -1.98 -2.49
CA GLN A 79 -7.29 -2.74 -2.14
C GLN A 79 -7.37 -4.06 -2.89
N GLU A 80 -8.12 -5.00 -2.32
CA GLU A 80 -8.30 -6.33 -2.92
C GLU A 80 -9.37 -6.32 -4.01
N ILE A 81 -9.40 -7.37 -4.83
CA ILE A 81 -10.39 -7.49 -5.92
C ILE A 81 -11.79 -7.81 -5.39
N LEU A 82 -12.44 -6.83 -4.78
CA LEU A 82 -13.78 -7.03 -4.23
C LEU A 82 -14.57 -5.71 -4.17
N ASN A 83 -14.33 -4.90 -3.14
CA ASN A 83 -15.02 -3.62 -2.97
C ASN A 83 -16.55 -3.79 -3.08
N GLU A 84 -17.10 -4.64 -2.22
CA GLU A 84 -18.55 -4.89 -2.22
C GLU A 84 -19.31 -3.71 -1.63
N PRO B 1 -23.15 4.29 21.81
CA PRO B 1 -23.68 4.97 20.62
C PRO B 1 -25.20 4.88 20.51
N PRO B 2 -25.94 5.30 21.57
CA PRO B 2 -27.41 5.27 21.58
C PRO B 2 -28.00 5.87 20.30
N ILE B 3 -28.69 5.03 19.53
CA ILE B 3 -29.30 5.44 18.25
C ILE B 3 -28.37 6.38 17.45
N SER B 4 -27.07 6.06 17.47
CA SER B 4 -26.08 6.86 16.74
C SER B 4 -26.22 6.69 15.23
N LEU B 5 -26.43 5.46 14.78
CA LEU B 5 -26.57 5.16 13.36
C LEU B 5 -27.19 3.78 13.14
N ASP B 6 -26.46 2.73 13.53
CA ASP B 6 -26.94 1.36 13.38
C ASP B 6 -27.45 0.83 14.73
N LEU B 7 -26.64 0.02 15.43
CA LEU B 7 -27.02 -0.55 16.72
C LEU B 7 -28.13 -1.60 16.57
N THR B 8 -29.28 -1.17 16.05
CA THR B 8 -30.43 -2.06 15.87
C THR B 8 -30.19 -3.14 14.79
N PHE B 9 -29.14 -2.99 13.99
CA PHE B 9 -28.84 -3.95 12.93
C PHE B 9 -27.64 -4.86 13.29
N ASN B 10 -27.01 -4.62 14.45
CA ASN B 10 -25.87 -5.41 14.90
C ASN B 10 -26.10 -6.92 14.70
N LEU B 11 -27.28 -7.40 15.09
CA LEU B 11 -27.64 -8.81 14.98
C LEU B 11 -27.25 -9.39 13.61
N LEU B 12 -27.75 -8.77 12.54
CA LEU B 12 -27.44 -9.24 11.19
C LEU B 12 -26.10 -8.68 10.70
N ARG B 13 -25.80 -7.43 11.04
CA ARG B 13 -24.55 -6.79 10.63
C ARG B 13 -23.34 -7.65 10.99
N GLU B 14 -23.13 -7.89 12.29
CA GLU B 14 -22.01 -8.70 12.76
C GLU B 14 -22.08 -10.12 12.19
N VAL B 15 -23.25 -10.76 12.31
CA VAL B 15 -23.45 -12.12 11.78
C VAL B 15 -23.00 -12.18 10.33
N LEU B 16 -23.43 -11.20 9.52
CA LEU B 16 -23.04 -11.14 8.12
C LEU B 16 -21.56 -10.77 8.00
N GLU B 17 -21.15 -9.74 8.76
CA GLU B 17 -19.75 -9.29 8.76
C GLU B 17 -18.81 -10.48 8.89
N ILE B 18 -19.07 -11.35 9.87
CA ILE B 18 -18.24 -12.54 10.10
C ILE B 18 -17.92 -13.24 8.77
N ALA B 19 -18.96 -13.74 8.10
CA ALA B 19 -18.80 -14.40 6.81
C ALA B 19 -18.34 -13.42 5.73
N LYS B 20 -18.93 -12.22 5.74
CA LYS B 20 -18.58 -11.18 4.76
C LYS B 20 -17.11 -10.79 4.84
N ALA B 21 -16.52 -10.87 6.04
CA ALA B 21 -15.12 -10.52 6.25
C ALA B 21 -14.20 -11.74 6.14
N GLU B 22 -14.62 -12.87 6.72
CA GLU B 22 -13.83 -14.11 6.70
C GLU B 22 -13.12 -14.31 5.36
N GLN B 23 -13.86 -14.16 4.25
CA GLN B 23 -13.30 -14.29 2.90
C GLN B 23 -11.92 -13.63 2.81
N GLU B 24 -11.80 -12.44 3.39
CA GLU B 24 -10.55 -11.69 3.41
C GLU B 24 -9.81 -11.95 4.73
N ALA B 25 -10.60 -12.10 5.81
CA ALA B 25 -10.03 -12.37 7.14
C ALA B 25 -9.05 -13.55 7.09
N GLU B 26 -9.36 -14.55 6.25
CA GLU B 26 -8.51 -15.73 6.11
C GLU B 26 -7.14 -15.34 5.52
N GLU B 27 -6.20 -15.01 6.40
CA GLU B 27 -4.85 -14.62 6.01
C GLU B 27 -4.80 -13.18 5.47
N ALA B 28 -5.56 -12.89 4.42
CA ALA B 28 -5.60 -11.56 3.82
C ALA B 28 -5.74 -10.46 4.88
N ALA B 29 -6.55 -10.71 5.92
CA ALA B 29 -6.77 -9.75 6.99
C ALA B 29 -5.46 -9.13 7.49
N LYS B 30 -4.55 -9.98 7.99
CA LYS B 30 -3.25 -9.49 8.50
C LYS B 30 -2.52 -8.70 7.41
N ASN B 31 -2.65 -9.17 6.16
CA ASN B 31 -2.04 -8.50 5.02
C ASN B 31 -2.69 -7.13 4.81
N ARG B 32 -4.02 -7.11 4.81
CA ARG B 32 -4.76 -5.85 4.63
C ARG B 32 -4.46 -4.89 5.79
N LEU B 33 -4.39 -5.43 7.01
CA LEU B 33 -4.09 -4.62 8.20
C LEU B 33 -2.78 -3.86 8.00
N LEU B 34 -1.69 -4.60 7.79
CA LEU B 34 -0.38 -3.98 7.55
C LEU B 34 -0.44 -3.06 6.33
N LEU B 35 -1.35 -3.35 5.40
CA LEU B 35 -1.53 -2.53 4.20
C LEU B 35 -2.05 -1.14 4.57
N GLU B 36 -3.06 -1.09 5.44
CA GLU B 36 -3.64 0.18 5.88
C GLU B 36 -2.85 0.77 7.06
N GLU B 37 -2.43 -0.08 7.99
CA GLU B 37 -1.65 0.36 9.16
C GLU B 37 -0.22 0.78 8.76
N ALA B 38 -0.14 1.80 7.90
CA ALA B 38 1.15 2.31 7.44
C ALA B 38 0.98 3.63 6.68
N LEU A 1 24.80 -0.57 1.84
CA LEU A 1 24.70 -1.65 0.81
C LEU A 1 23.24 -2.04 0.54
N GLN A 2 22.41 -2.14 1.58
CA GLN A 2 20.99 -2.47 1.40
C GLN A 2 20.34 -1.41 0.52
N ASP A 3 20.78 -0.17 0.70
CA ASP A 3 20.28 0.97 -0.08
C ASP A 3 20.45 0.67 -1.58
N GLN A 4 21.71 0.46 -1.99
CA GLN A 4 22.02 0.14 -3.39
C GLN A 4 21.28 -1.12 -3.84
N HIS A 5 21.26 -2.14 -2.98
CA HIS A 5 20.59 -3.41 -3.27
C HIS A 5 19.12 -3.19 -3.66
N CYS A 6 18.51 -2.14 -3.10
CA CYS A 6 17.10 -1.82 -3.37
C CYS A 6 16.90 -1.35 -4.82
N GLU A 7 17.87 -0.62 -5.36
CA GLU A 7 17.76 -0.11 -6.73
C GLU A 7 18.62 -0.93 -7.71
N SER A 8 19.89 -1.17 -7.36
CA SER A 8 20.81 -1.93 -8.22
C SER A 8 20.63 -1.58 -9.70
N LEU A 9 20.57 -0.27 -9.98
CA LEU A 9 20.38 0.20 -11.36
C LEU A 9 21.03 1.57 -11.58
N SER A 10 20.97 2.45 -10.59
CA SER A 10 21.55 3.79 -10.70
C SER A 10 22.97 3.82 -10.13
N LEU A 11 23.08 3.64 -8.81
CA LEU A 11 24.38 3.64 -8.12
C LEU A 11 25.08 5.00 -8.22
N ALA A 12 25.49 5.38 -9.43
CA ALA A 12 26.16 6.66 -9.65
C ALA A 12 25.18 7.84 -9.61
N SER A 13 24.53 8.03 -8.45
CA SER A 13 23.56 9.11 -8.29
C SER A 13 24.26 10.46 -8.25
N ASN A 14 24.15 11.22 -9.33
CA ASN A 14 24.77 12.55 -9.40
C ASN A 14 24.04 13.56 -8.50
N ILE A 15 23.99 13.25 -7.21
CA ILE A 15 23.34 14.11 -6.23
C ILE A 15 24.17 14.18 -4.94
N SER A 16 24.72 15.35 -4.66
CA SER A 16 25.56 15.54 -3.47
C SER A 16 24.99 16.61 -2.54
N GLY A 17 23.81 16.33 -1.98
CA GLY A 17 23.19 17.27 -1.07
C GLY A 17 22.07 16.66 -0.25
N LEU A 18 20.83 17.04 -0.57
CA LEU A 18 19.66 16.53 0.13
C LEU A 18 18.89 15.52 -0.74
N GLN A 19 19.17 14.24 -0.51
CA GLN A 19 18.51 13.17 -1.27
C GLN A 19 17.94 12.10 -0.33
N CYS A 20 16.82 11.48 -0.74
CA CYS A 20 16.17 10.45 0.07
C CYS A 20 16.79 9.07 -0.20
N ASN A 21 16.72 8.18 0.80
CA ASN A 21 17.27 6.83 0.66
C ASN A 21 16.26 5.88 0.02
N ALA A 22 16.73 5.02 -0.89
CA ALA A 22 15.87 4.07 -1.57
C ALA A 22 15.83 2.73 -0.83
N SER A 23 14.86 2.58 0.07
CA SER A 23 14.73 1.35 0.85
C SER A 23 13.35 0.69 0.67
N VAL A 24 13.00 -0.18 1.61
CA VAL A 24 11.72 -0.89 1.57
C VAL A 24 10.79 -0.40 2.68
N ASP A 25 9.49 -0.37 2.36
CA ASP A 25 8.48 0.06 3.30
C ASP A 25 8.16 -1.05 4.31
N LEU A 26 7.48 -0.68 5.39
CA LEU A 26 7.10 -1.65 6.44
C LEU A 26 6.44 -2.91 5.86
N ILE A 27 5.82 -2.80 4.68
CA ILE A 27 5.18 -3.95 4.05
C ILE A 27 6.15 -4.72 3.12
N GLY A 28 7.40 -4.24 3.03
CA GLY A 28 8.38 -4.91 2.19
C GLY A 28 8.48 -4.35 0.77
N THR A 29 7.81 -3.22 0.51
CA THR A 29 7.84 -2.60 -0.81
C THR A 29 9.02 -1.63 -0.94
N CYS A 30 9.87 -1.87 -1.93
CA CYS A 30 11.05 -1.01 -2.15
C CYS A 30 10.72 0.20 -3.01
N TRP A 31 11.27 1.35 -2.63
CA TRP A 31 11.07 2.61 -3.36
C TRP A 31 12.42 3.15 -3.87
N PRO A 32 12.51 3.52 -5.16
CA PRO A 32 13.76 4.04 -5.77
C PRO A 32 14.08 5.49 -5.36
N ARG A 33 13.81 5.83 -4.09
CA ARG A 33 14.09 7.16 -3.55
C ARG A 33 13.49 8.28 -4.42
N SER A 34 13.89 9.52 -4.11
CA SER A 34 13.42 10.71 -4.81
C SER A 34 14.02 11.96 -4.17
N PRO A 35 14.00 13.11 -4.87
CA PRO A 35 14.55 14.37 -4.36
C PRO A 35 13.99 14.73 -2.98
N ALA A 36 14.80 15.41 -2.16
CA ALA A 36 14.39 15.81 -0.81
C ALA A 36 13.08 16.59 -0.83
N GLY A 37 12.12 16.16 -0.01
CA GLY A 37 10.83 16.83 0.06
C GLY A 37 9.92 16.46 -1.10
N GLN A 38 9.60 15.17 -1.23
CA GLN A 38 8.75 14.69 -2.31
C GLN A 38 7.72 13.69 -1.81
N LEU A 39 6.65 13.53 -2.58
CA LEU A 39 5.59 12.59 -2.23
C LEU A 39 5.93 11.17 -2.69
N VAL A 40 6.27 11.03 -3.98
CA VAL A 40 6.62 9.73 -4.55
C VAL A 40 5.42 8.77 -4.51
N VAL A 41 4.75 8.62 -5.66
CA VAL A 41 3.57 7.76 -5.74
C VAL A 41 3.87 6.43 -6.45
N ARG A 42 3.26 5.35 -5.97
CA ARG A 42 3.45 4.01 -6.54
C ARG A 42 2.14 3.22 -6.58
N PRO A 43 1.88 2.52 -7.70
CA PRO A 43 0.65 1.71 -7.87
C PRO A 43 0.76 0.34 -7.19
N CYS A 44 1.10 0.34 -5.90
CA CYS A 44 1.24 -0.90 -5.14
C CYS A 44 2.44 -1.71 -5.62
N PRO A 45 2.84 -2.78 -4.89
CA PRO A 45 3.97 -3.62 -5.28
C PRO A 45 3.58 -4.66 -6.34
N ALA A 46 2.84 -4.22 -7.36
CA ALA A 46 2.38 -5.10 -8.45
C ALA A 46 1.37 -6.12 -7.94
N PHE A 47 1.81 -7.02 -7.06
CA PHE A 47 0.94 -8.05 -6.49
C PHE A 47 1.32 -8.33 -5.03
N PHE A 48 0.70 -9.35 -4.42
CA PHE A 48 1.01 -9.70 -3.03
C PHE A 48 1.06 -11.22 -2.82
N TYR A 49 1.33 -11.64 -1.58
CA TYR A 49 1.42 -13.06 -1.23
C TYR A 49 0.26 -13.86 -1.80
N GLY A 50 0.51 -14.57 -2.90
CA GLY A 50 -0.53 -15.38 -3.55
C GLY A 50 -1.77 -14.59 -3.92
N VAL A 51 -1.62 -13.28 -4.14
CA VAL A 51 -2.76 -12.43 -4.50
C VAL A 51 -2.35 -11.32 -5.47
N ARG A 52 -3.26 -10.96 -6.38
CA ARG A 52 -3.00 -9.92 -7.36
C ARG A 52 -3.24 -8.52 -6.78
N TYR A 53 -4.39 -8.34 -6.13
CA TYR A 53 -4.76 -7.05 -5.53
C TYR A 53 -5.20 -6.05 -6.60
N ASN A 54 -6.19 -5.22 -6.28
CA ASN A 54 -6.70 -4.24 -7.23
C ASN A 54 -5.72 -3.07 -7.41
N THR A 55 -4.63 -3.31 -8.13
CA THR A 55 -3.62 -2.27 -8.38
C THR A 55 -4.16 -1.17 -9.29
N THR A 56 -5.22 -0.49 -8.83
CA THR A 56 -5.84 0.60 -9.57
C THR A 56 -5.44 1.95 -8.97
N ASN A 57 -5.55 2.05 -7.66
CA ASN A 57 -5.19 3.27 -6.94
C ASN A 57 -3.68 3.31 -6.73
N ASN A 58 -3.15 4.52 -6.51
CA ASN A 58 -1.72 4.69 -6.30
C ASN A 58 -1.43 5.28 -4.92
N GLY A 59 -0.42 4.73 -4.26
CA GLY A 59 -0.04 5.20 -2.93
C GLY A 59 1.21 6.07 -2.97
N TYR A 60 1.41 6.89 -1.94
CA TYR A 60 2.58 7.77 -1.88
C TYR A 60 3.47 7.47 -0.66
N ARG A 61 4.78 7.65 -0.86
CA ARG A 61 5.77 7.40 0.19
C ARG A 61 5.94 8.60 1.13
N GLU A 62 6.03 9.80 0.54
CA GLU A 62 6.19 11.05 1.28
C GLU A 62 7.54 11.14 1.98
N CYS A 63 8.43 11.99 1.44
CA CYS A 63 9.76 12.18 2.01
C CYS A 63 9.89 13.56 2.66
N LEU A 64 10.50 13.61 3.83
CA LEU A 64 10.70 14.85 4.57
C LEU A 64 11.70 15.77 3.86
N ALA A 65 11.24 16.96 3.50
CA ALA A 65 12.08 17.95 2.82
C ALA A 65 13.41 18.16 3.57
N ASN A 66 13.32 18.17 4.91
CA ASN A 66 14.51 18.36 5.75
C ASN A 66 15.60 17.31 5.49
N GLY A 67 15.21 16.16 4.90
CA GLY A 67 16.18 15.12 4.61
C GLY A 67 15.92 13.83 5.37
N SER A 68 14.77 13.20 5.09
CA SER A 68 14.40 11.94 5.76
C SER A 68 13.10 11.37 5.18
N TRP A 69 12.77 10.15 5.58
CA TRP A 69 11.55 9.48 5.11
C TRP A 69 10.44 9.56 6.17
N ALA A 70 9.20 9.73 5.71
CA ALA A 70 8.06 9.82 6.62
C ALA A 70 7.56 8.43 7.04
N ALA A 71 6.91 8.36 8.20
CA ALA A 71 6.37 7.11 8.72
C ALA A 71 4.87 6.97 8.45
N ARG A 72 4.38 7.66 7.42
CA ARG A 72 2.95 7.61 7.06
C ARG A 72 2.77 7.56 5.53
N VAL A 73 2.59 6.36 5.01
CA VAL A 73 2.39 6.16 3.57
C VAL A 73 0.98 5.68 3.27
N ASN A 74 0.46 6.04 2.10
CA ASN A 74 -0.89 5.63 1.71
C ASN A 74 -0.86 4.36 0.86
N TYR A 75 -0.95 3.22 1.54
CA TYR A 75 -0.94 1.91 0.88
C TYR A 75 -2.34 1.27 0.87
N SER A 76 -3.15 1.62 1.88
CA SER A 76 -4.52 1.07 2.03
C SER A 76 -5.28 1.03 0.69
N GLU A 77 -5.00 1.99 -0.20
CA GLU A 77 -5.66 2.05 -1.51
C GLU A 77 -5.66 0.69 -2.22
N CYS A 78 -4.61 -0.10 -2.02
CA CYS A 78 -4.51 -1.43 -2.63
C CYS A 78 -5.28 -2.46 -1.81
N GLN A 79 -6.22 -3.16 -2.44
CA GLN A 79 -7.02 -4.16 -1.74
C GLN A 79 -7.25 -5.43 -2.59
N GLU A 80 -7.91 -6.41 -1.97
CA GLU A 80 -8.21 -7.68 -2.64
C GLU A 80 -9.29 -7.49 -3.71
N ILE A 81 -9.37 -8.46 -4.62
CA ILE A 81 -10.37 -8.40 -5.69
C ILE A 81 -11.69 -9.03 -5.24
N LEU A 82 -12.44 -8.32 -4.41
CA LEU A 82 -13.72 -8.82 -3.91
C LEU A 82 -14.75 -7.69 -3.78
N ASN A 83 -16.00 -8.07 -3.44
CA ASN A 83 -17.10 -7.11 -3.29
C ASN A 83 -17.70 -6.73 -4.65
N GLU A 84 -16.84 -6.28 -5.58
CA GLU A 84 -17.27 -5.90 -6.92
C GLU A 84 -18.58 -5.09 -6.89
N PRO B 1 -35.03 -0.52 12.31
CA PRO B 1 -36.10 0.31 11.74
C PRO B 1 -37.49 -0.36 11.85
N PRO B 2 -37.61 -1.64 11.44
CA PRO B 2 -38.86 -2.38 11.50
C PRO B 2 -39.04 -3.14 12.82
N ILE B 3 -40.28 -3.29 13.25
CA ILE B 3 -40.59 -4.01 14.49
C ILE B 3 -40.65 -5.53 14.30
N SER B 4 -40.59 -5.98 13.04
CA SER B 4 -40.63 -7.42 12.74
C SER B 4 -40.00 -7.72 11.38
N LEU B 5 -40.25 -8.93 10.87
CA LEU B 5 -39.72 -9.38 9.57
C LEU B 5 -38.23 -9.03 9.41
N ASP B 6 -37.92 -7.84 8.87
CA ASP B 6 -36.54 -7.41 8.68
C ASP B 6 -35.80 -7.39 10.02
N LEU B 7 -36.51 -6.99 11.09
CA LEU B 7 -35.92 -6.93 12.43
C LEU B 7 -35.27 -8.28 12.80
N THR B 8 -36.07 -9.35 12.75
CA THR B 8 -35.58 -10.69 13.06
C THR B 8 -34.62 -11.16 11.97
N PHE B 9 -34.96 -10.84 10.71
CA PHE B 9 -34.13 -11.21 9.56
C PHE B 9 -32.69 -10.68 9.72
N ASN B 10 -32.56 -9.46 10.23
CA ASN B 10 -31.25 -8.84 10.42
C ASN B 10 -30.25 -9.81 11.06
N LEU B 11 -30.72 -10.62 12.01
CA LEU B 11 -29.85 -11.60 12.69
C LEU B 11 -29.07 -12.44 11.69
N LEU B 12 -29.78 -13.12 10.77
CA LEU B 12 -29.14 -13.93 9.75
C LEU B 12 -28.35 -13.05 8.79
N ARG B 13 -28.90 -11.87 8.47
CA ARG B 13 -28.24 -10.93 7.57
C ARG B 13 -26.88 -10.54 8.13
N GLU B 14 -26.86 -10.14 9.41
CA GLU B 14 -25.62 -9.75 10.08
C GLU B 14 -24.57 -10.85 9.91
N VAL B 15 -24.91 -12.06 10.34
CA VAL B 15 -24.00 -13.20 10.22
C VAL B 15 -23.58 -13.39 8.76
N LEU B 16 -24.56 -13.40 7.86
CA LEU B 16 -24.30 -13.56 6.43
C LEU B 16 -23.35 -12.47 5.93
N GLU B 17 -23.69 -11.20 6.22
CA GLU B 17 -22.86 -10.07 5.83
C GLU B 17 -21.44 -10.23 6.39
N ILE B 18 -21.36 -10.52 7.70
CA ILE B 18 -20.08 -10.74 8.37
C ILE B 18 -19.32 -11.91 7.73
N ALA B 19 -19.98 -13.06 7.64
CA ALA B 19 -19.38 -14.26 7.04
C ALA B 19 -18.74 -13.94 5.68
N LYS B 20 -19.35 -13.02 4.95
CA LYS B 20 -18.84 -12.62 3.65
C LYS B 20 -17.73 -11.58 3.80
N ALA B 21 -18.00 -10.55 4.62
CA ALA B 21 -17.04 -9.47 4.86
C ALA B 21 -15.64 -9.99 5.23
N GLU B 22 -15.58 -11.04 6.06
CA GLU B 22 -14.30 -11.60 6.47
C GLU B 22 -13.49 -12.17 5.29
N GLN B 23 -14.15 -12.41 4.15
CA GLN B 23 -13.46 -12.93 2.96
C GLN B 23 -12.23 -12.10 2.61
N GLU B 24 -12.35 -10.77 2.72
CA GLU B 24 -11.23 -9.86 2.43
C GLU B 24 -10.17 -9.90 3.54
N ALA B 25 -10.52 -10.53 4.67
CA ALA B 25 -9.61 -10.66 5.80
C ALA B 25 -8.98 -12.05 5.88
N GLU B 26 -9.74 -13.08 5.46
CA GLU B 26 -9.25 -14.47 5.48
C GLU B 26 -7.79 -14.53 5.05
N GLU B 27 -6.88 -14.73 6.01
CA GLU B 27 -5.44 -14.80 5.76
C GLU B 27 -4.89 -13.44 5.31
N ALA B 28 -5.48 -12.87 4.26
CA ALA B 28 -5.07 -11.57 3.71
C ALA B 28 -5.17 -10.43 4.74
N ALA B 29 -5.99 -10.61 5.79
CA ALA B 29 -6.18 -9.58 6.83
C ALA B 29 -4.85 -8.95 7.27
N LYS B 30 -3.79 -9.74 7.31
CA LYS B 30 -2.47 -9.25 7.71
C LYS B 30 -1.92 -8.20 6.73
N ASN B 31 -2.41 -8.22 5.49
CA ASN B 31 -1.96 -7.26 4.47
C ASN B 31 -2.63 -5.90 4.65
N ARG B 32 -3.96 -5.88 4.72
CA ARG B 32 -4.71 -4.63 4.88
C ARG B 32 -4.14 -3.77 6.02
N LEU B 33 -4.14 -4.31 7.23
CA LEU B 33 -3.62 -3.60 8.39
C LEU B 33 -2.22 -3.04 8.12
N LEU B 34 -1.29 -3.90 7.72
CA LEU B 34 0.08 -3.48 7.43
C LEU B 34 0.12 -2.35 6.37
N LEU B 35 -0.84 -2.36 5.45
CA LEU B 35 -0.92 -1.34 4.40
C LEU B 35 -1.62 -0.07 4.89
N GLU B 36 -2.69 -0.22 5.68
CA GLU B 36 -3.44 0.93 6.19
C GLU B 36 -2.83 1.50 7.47
N GLU B 37 -2.28 0.63 8.33
CA GLU B 37 -1.65 1.08 9.57
C GLU B 37 -0.48 2.03 9.29
N ALA B 38 0.30 1.70 8.26
CA ALA B 38 1.45 2.51 7.87
C ALA B 38 1.02 3.79 7.16
N LEU A 1 15.32 -8.93 1.83
CA LEU A 1 16.67 -8.39 1.48
C LEU A 1 16.59 -7.30 0.41
N GLN A 2 15.54 -6.48 0.48
CA GLN A 2 15.33 -5.41 -0.49
C GLN A 2 16.02 -4.11 -0.07
N ASP A 3 16.04 -3.83 1.25
CA ASP A 3 16.68 -2.62 1.76
C ASP A 3 18.11 -2.51 1.22
N GLN A 4 18.97 -3.46 1.59
CA GLN A 4 20.36 -3.48 1.13
C GLN A 4 20.43 -3.55 -0.39
N HIS A 5 19.51 -4.31 -1.00
CA HIS A 5 19.46 -4.46 -2.45
C HIS A 5 19.29 -3.09 -3.12
N CYS A 6 18.22 -2.38 -2.73
CA CYS A 6 17.96 -1.05 -3.29
C CYS A 6 19.11 -0.08 -3.00
N GLU A 7 19.49 0.02 -1.73
CA GLU A 7 20.59 0.91 -1.33
C GLU A 7 21.89 0.53 -2.06
N SER A 8 22.19 -0.77 -2.11
CA SER A 8 23.40 -1.25 -2.80
C SER A 8 23.33 -0.95 -4.29
N LEU A 9 22.20 -1.28 -4.91
CA LEU A 9 22.01 -1.03 -6.34
C LEU A 9 22.12 0.47 -6.65
N SER A 10 21.62 1.30 -5.73
CA SER A 10 21.66 2.76 -5.89
C SER A 10 23.08 3.30 -5.74
N LEU A 11 24.00 2.80 -6.56
CA LEU A 11 25.40 3.24 -6.51
C LEU A 11 25.69 4.34 -7.54
N ALA A 12 24.98 4.29 -8.68
CA ALA A 12 25.17 5.29 -9.74
C ALA A 12 24.44 6.60 -9.42
N SER A 13 24.52 7.56 -10.35
CA SER A 13 23.88 8.87 -10.19
C SER A 13 24.76 9.84 -9.40
N ASN A 14 25.04 9.49 -8.13
CA ASN A 14 25.87 10.34 -7.27
C ASN A 14 25.44 11.81 -7.31
N ILE A 15 24.14 12.05 -7.13
CA ILE A 15 23.59 13.41 -7.16
C ILE A 15 24.19 14.32 -6.08
N SER A 16 24.48 13.75 -4.90
CA SER A 16 25.06 14.52 -3.79
C SER A 16 24.16 15.68 -3.36
N GLY A 17 22.86 15.40 -3.18
CA GLY A 17 21.92 16.42 -2.76
C GLY A 17 21.00 15.96 -1.65
N LEU A 18 19.92 16.71 -1.41
CA LEU A 18 18.96 16.37 -0.35
C LEU A 18 18.13 15.14 -0.75
N GLN A 19 18.79 13.99 -0.78
CA GLN A 19 18.13 12.73 -1.15
C GLN A 19 17.72 11.94 0.10
N CYS A 20 16.55 11.30 0.02
CA CYS A 20 16.04 10.50 1.14
C CYS A 20 16.58 9.06 1.08
N ASN A 21 17.42 8.76 0.10
CA ASN A 21 17.99 7.41 -0.06
C ASN A 21 16.88 6.39 -0.30
N ALA A 22 17.23 5.11 -0.34
CA ALA A 22 16.26 4.04 -0.58
C ALA A 22 15.63 3.58 0.75
N SER A 23 14.66 2.67 0.65
CA SER A 23 13.98 2.17 1.86
C SER A 23 13.06 0.99 1.54
N VAL A 24 13.32 -0.15 2.18
CA VAL A 24 12.53 -1.37 1.98
C VAL A 24 11.07 -1.18 2.40
N ASP A 25 10.86 -0.37 3.45
CA ASP A 25 9.51 -0.10 3.95
C ASP A 25 8.93 -1.34 4.65
N LEU A 26 7.62 -1.33 4.89
CA LEU A 26 6.95 -2.45 5.55
C LEU A 26 6.30 -3.40 4.53
N ILE A 27 6.70 -3.29 3.26
CA ILE A 27 6.15 -4.15 2.20
C ILE A 27 7.26 -4.79 1.36
N GLY A 28 6.87 -5.62 0.39
CA GLY A 28 7.85 -6.28 -0.47
C GLY A 28 8.29 -5.40 -1.64
N THR A 29 8.71 -4.17 -1.36
CA THR A 29 9.17 -3.25 -2.41
C THR A 29 9.92 -2.06 -1.82
N CYS A 30 11.23 -2.05 -1.99
CA CYS A 30 12.07 -0.96 -1.48
C CYS A 30 11.99 0.27 -2.39
N TRP A 31 11.89 1.44 -1.76
CA TRP A 31 11.81 2.70 -2.51
C TRP A 31 13.21 3.18 -2.93
N PRO A 32 13.29 3.91 -4.06
CA PRO A 32 14.56 4.43 -4.58
C PRO A 32 14.96 5.77 -3.96
N ARG A 33 16.24 6.13 -4.09
CA ARG A 33 16.73 7.40 -3.53
C ARG A 33 16.07 8.60 -4.22
N SER A 34 15.17 9.27 -3.50
CA SER A 34 14.45 10.43 -4.04
C SER A 34 14.80 11.69 -3.24
N PRO A 35 14.61 12.88 -3.86
CA PRO A 35 14.90 14.17 -3.23
C PRO A 35 13.85 14.56 -2.18
N ALA A 36 14.33 15.07 -1.04
CA ALA A 36 13.45 15.49 0.05
C ALA A 36 12.37 16.47 -0.46
N GLY A 37 11.12 16.05 -0.38
CA GLY A 37 10.01 16.89 -0.84
C GLY A 37 9.27 16.30 -2.03
N GLN A 38 9.91 15.37 -2.74
CA GLN A 38 9.29 14.73 -3.90
C GLN A 38 8.22 13.72 -3.46
N LEU A 39 6.99 13.96 -3.92
CA LEU A 39 5.87 13.08 -3.57
C LEU A 39 5.96 11.75 -4.34
N VAL A 40 6.88 10.89 -3.92
CA VAL A 40 7.07 9.59 -4.57
C VAL A 40 5.83 8.71 -4.43
N VAL A 41 5.13 8.50 -5.55
CA VAL A 41 3.92 7.68 -5.57
C VAL A 41 4.18 6.31 -6.20
N ARG A 42 3.49 5.28 -5.70
CA ARG A 42 3.68 3.93 -6.23
C ARG A 42 2.39 3.08 -6.09
N PRO A 43 2.01 2.38 -7.17
CA PRO A 43 0.82 1.52 -7.17
C PRO A 43 1.11 0.15 -6.55
N CYS A 44 0.11 -0.41 -5.85
CA CYS A 44 0.26 -1.71 -5.20
C CYS A 44 0.86 -2.76 -6.15
N PRO A 45 1.79 -3.60 -5.66
CA PRO A 45 2.45 -4.65 -6.48
C PRO A 45 1.53 -5.83 -6.79
N ALA A 46 0.35 -5.54 -7.35
CA ALA A 46 -0.62 -6.56 -7.73
C ALA A 46 -0.83 -7.63 -6.64
N PHE A 47 -0.29 -8.84 -6.85
CA PHE A 47 -0.44 -9.93 -5.90
C PHE A 47 0.34 -9.67 -4.60
N PHE A 48 -0.22 -8.82 -3.76
CA PHE A 48 0.40 -8.48 -2.48
C PHE A 48 0.27 -9.63 -1.49
N TYR A 49 1.34 -10.43 -1.38
CA TYR A 49 1.37 -11.59 -0.48
C TYR A 49 0.44 -12.71 -0.95
N GLY A 50 -0.86 -12.42 -1.07
CA GLY A 50 -1.80 -13.44 -1.52
C GLY A 50 -3.16 -12.89 -1.94
N VAL A 51 -3.16 -11.91 -2.83
CA VAL A 51 -4.40 -11.31 -3.32
C VAL A 51 -4.15 -10.30 -4.45
N ARG A 52 -5.04 -10.28 -5.43
CA ARG A 52 -4.93 -9.38 -6.58
C ARG A 52 -4.85 -7.91 -6.17
N TYR A 53 -5.70 -7.51 -5.20
CA TYR A 53 -5.73 -6.13 -4.70
C TYR A 53 -6.26 -5.13 -5.72
N ASN A 54 -5.77 -5.20 -6.97
CA ASN A 54 -6.18 -4.29 -8.06
C ASN A 54 -5.14 -3.20 -8.30
N THR A 55 -4.31 -3.39 -9.33
CA THR A 55 -3.27 -2.41 -9.69
C THR A 55 -3.89 -1.19 -10.36
N THR A 56 -4.70 -0.44 -9.60
CA THR A 56 -5.38 0.74 -10.12
C THR A 56 -5.02 2.01 -9.33
N ASN A 57 -4.90 1.87 -8.01
CA ASN A 57 -4.58 3.02 -7.15
C ASN A 57 -3.07 3.36 -7.19
N ASN A 58 -2.70 4.39 -6.42
CA ASN A 58 -1.31 4.84 -6.35
C ASN A 58 -1.02 5.49 -5.00
N GLY A 59 -0.16 4.87 -4.20
CA GLY A 59 0.17 5.40 -2.88
C GLY A 59 1.30 6.41 -2.90
N TYR A 60 1.11 7.53 -2.20
CA TYR A 60 2.13 8.59 -2.13
C TYR A 60 2.96 8.45 -0.84
N ARG A 61 4.23 8.07 -0.98
CA ARG A 61 5.11 7.89 0.18
C ARG A 61 5.45 9.22 0.85
N GLU A 62 5.96 10.17 0.05
CA GLU A 62 6.36 11.50 0.56
C GLU A 62 7.68 11.43 1.33
N CYS A 63 8.24 12.60 1.64
CA CYS A 63 9.50 12.69 2.39
C CYS A 63 9.74 14.12 2.86
N LEU A 64 9.88 14.28 4.18
CA LEU A 64 10.10 15.60 4.78
C LEU A 64 11.25 16.34 4.10
N ALA A 65 10.97 17.56 3.64
CA ALA A 65 11.97 18.40 2.98
C ALA A 65 13.29 18.44 3.75
N ASN A 66 13.20 18.41 5.09
CA ASN A 66 14.38 18.44 5.95
C ASN A 66 15.30 17.22 5.73
N GLY A 67 14.76 16.17 5.08
CA GLY A 67 15.55 14.97 4.84
C GLY A 67 15.15 13.82 5.74
N SER A 68 13.85 13.51 5.77
CA SER A 68 13.35 12.41 6.60
C SER A 68 12.09 11.77 5.99
N TRP A 69 12.04 10.44 6.05
CA TRP A 69 10.89 9.70 5.50
C TRP A 69 9.66 9.83 6.41
N ALA A 70 8.50 10.02 5.80
CA ALA A 70 7.24 10.16 6.54
C ALA A 70 6.81 8.83 7.16
N ALA A 71 6.03 8.90 8.24
CA ALA A 71 5.54 7.71 8.93
C ALA A 71 4.50 6.96 8.08
N ARG A 72 3.58 7.71 7.48
CA ARG A 72 2.55 7.13 6.62
C ARG A 72 2.98 7.17 5.16
N VAL A 73 3.32 6.00 4.61
CA VAL A 73 3.75 5.92 3.21
C VAL A 73 2.56 5.95 2.24
N ASN A 74 1.34 5.88 2.78
CA ASN A 74 0.11 5.92 1.99
C ASN A 74 -0.09 4.65 1.16
N TYR A 75 -0.61 3.61 1.80
CA TYR A 75 -0.87 2.34 1.12
C TYR A 75 -2.32 1.87 1.33
N SER A 76 -3.16 2.75 1.86
CA SER A 76 -4.57 2.42 2.12
C SER A 76 -5.47 2.81 0.94
N GLU A 77 -4.99 2.57 -0.28
CA GLU A 77 -5.76 2.88 -1.48
C GLU A 77 -6.19 1.61 -2.19
N CYS A 78 -5.24 0.69 -2.40
CA CYS A 78 -5.53 -0.59 -3.06
C CYS A 78 -6.26 -1.54 -2.11
N GLN A 79 -7.57 -1.67 -2.27
CA GLN A 79 -8.38 -2.54 -1.41
C GLN A 79 -8.71 -3.87 -2.10
N GLU A 80 -8.66 -4.96 -1.35
CA GLU A 80 -8.96 -6.29 -1.88
C GLU A 80 -10.34 -6.34 -2.52
N ILE A 81 -10.42 -6.95 -3.70
CA ILE A 81 -11.69 -7.08 -4.43
C ILE A 81 -12.23 -8.49 -4.32
N LEU A 82 -13.39 -8.64 -3.67
CA LEU A 82 -14.01 -9.96 -3.49
C LEU A 82 -14.38 -10.58 -4.84
N ASN A 83 -15.30 -9.93 -5.57
CA ASN A 83 -15.74 -10.42 -6.87
C ASN A 83 -16.51 -11.74 -6.75
N GLU A 84 -17.62 -11.70 -6.00
CA GLU A 84 -18.45 -12.88 -5.79
C GLU A 84 -19.84 -12.69 -6.38
N PRO B 1 -26.94 16.44 1.18
CA PRO B 1 -27.70 15.42 0.44
C PRO B 1 -28.78 14.77 1.31
N PRO B 2 -29.81 15.56 1.71
CA PRO B 2 -30.92 15.05 2.54
C PRO B 2 -31.83 14.08 1.78
N ILE B 3 -31.24 12.96 1.34
CA ILE B 3 -31.99 11.94 0.59
C ILE B 3 -31.61 10.53 1.04
N SER B 4 -30.32 10.20 0.92
CA SER B 4 -29.80 8.87 1.31
C SER B 4 -30.32 7.77 0.36
N LEU B 5 -30.10 6.50 0.72
CA LEU B 5 -30.55 5.39 -0.10
C LEU B 5 -30.51 4.07 0.67
N ASP B 6 -29.30 3.61 1.02
CA ASP B 6 -29.13 2.35 1.75
C ASP B 6 -29.51 2.50 3.22
N LEU B 7 -28.62 3.11 4.02
CA LEU B 7 -28.85 3.32 5.45
C LEU B 7 -29.08 1.99 6.19
N THR B 8 -30.28 1.45 6.07
CA THR B 8 -30.63 0.18 6.73
C THR B 8 -30.01 -1.01 5.99
N PHE B 9 -29.97 -0.95 4.66
CA PHE B 9 -29.41 -2.02 3.84
C PHE B 9 -27.99 -2.42 4.28
N ASN B 10 -27.20 -1.44 4.71
CA ASN B 10 -25.83 -1.71 5.16
C ASN B 10 -25.81 -2.76 6.27
N LEU B 11 -26.78 -2.69 7.19
CA LEU B 11 -26.87 -3.66 8.30
C LEU B 11 -26.65 -5.09 7.81
N LEU B 12 -27.40 -5.49 6.79
CA LEU B 12 -27.26 -6.83 6.21
C LEU B 12 -26.09 -6.88 5.24
N ARG B 13 -25.90 -5.78 4.50
CA ARG B 13 -24.81 -5.68 3.53
C ARG B 13 -23.45 -5.91 4.20
N GLU B 14 -23.21 -5.21 5.32
CA GLU B 14 -21.95 -5.38 6.05
C GLU B 14 -21.80 -6.81 6.54
N VAL B 15 -22.89 -7.36 7.12
CA VAL B 15 -22.90 -8.75 7.59
C VAL B 15 -22.53 -9.67 6.43
N LEU B 16 -23.21 -9.46 5.29
CA LEU B 16 -22.94 -10.24 4.08
C LEU B 16 -21.50 -9.99 3.63
N GLU B 17 -21.07 -8.73 3.70
CA GLU B 17 -19.70 -8.34 3.33
C GLU B 17 -18.68 -9.11 4.17
N ILE B 18 -18.90 -9.13 5.48
CA ILE B 18 -18.02 -9.84 6.40
C ILE B 18 -17.97 -11.33 6.05
N ALA B 19 -19.14 -11.95 5.93
CA ALA B 19 -19.24 -13.37 5.59
C ALA B 19 -18.41 -13.73 4.35
N LYS B 20 -18.66 -13.02 3.25
CA LYS B 20 -17.93 -13.27 1.99
C LYS B 20 -16.44 -12.99 2.13
N ALA B 21 -16.09 -11.85 2.71
CA ALA B 21 -14.68 -11.46 2.90
C ALA B 21 -13.95 -12.39 3.90
N GLU B 22 -14.68 -12.90 4.89
CA GLU B 22 -14.10 -13.79 5.91
C GLU B 22 -13.09 -14.79 5.30
N GLN B 23 -13.53 -15.49 4.25
CA GLN B 23 -12.68 -16.48 3.57
C GLN B 23 -11.30 -15.91 3.22
N GLU B 24 -11.26 -14.64 2.81
CA GLU B 24 -10.02 -13.98 2.44
C GLU B 24 -9.42 -13.25 3.64
N ALA B 25 -10.28 -12.67 4.46
CA ALA B 25 -9.87 -11.92 5.66
C ALA B 25 -8.64 -12.53 6.33
N GLU B 26 -8.67 -13.85 6.56
CA GLU B 26 -7.55 -14.55 7.21
C GLU B 26 -6.20 -14.16 6.59
N GLU B 27 -6.15 -14.05 5.26
CA GLU B 27 -4.91 -13.70 4.56
C GLU B 27 -4.90 -12.20 4.19
N ALA B 28 -6.06 -11.67 3.82
CA ALA B 28 -6.19 -10.27 3.44
C ALA B 28 -5.94 -9.31 4.61
N ALA B 29 -6.52 -9.61 5.78
CA ALA B 29 -6.34 -8.77 6.97
C ALA B 29 -4.87 -8.43 7.20
N LYS B 30 -4.04 -9.46 7.38
CA LYS B 30 -2.60 -9.27 7.58
C LYS B 30 -2.01 -8.41 6.46
N ASN B 31 -2.54 -8.56 5.25
CA ASN B 31 -2.09 -7.76 4.11
C ASN B 31 -2.63 -6.33 4.24
N ARG B 32 -3.95 -6.20 4.32
CA ARG B 32 -4.62 -4.91 4.46
C ARG B 32 -4.11 -4.12 5.66
N LEU B 33 -3.96 -4.80 6.80
CA LEU B 33 -3.47 -4.16 8.02
C LEU B 33 -2.03 -3.67 7.81
N LEU B 34 -1.21 -4.50 7.18
CA LEU B 34 0.18 -4.14 6.89
C LEU B 34 0.23 -2.81 6.14
N LEU B 35 -0.66 -2.64 5.17
CA LEU B 35 -0.72 -1.39 4.38
C LEU B 35 -0.90 -0.17 5.30
N GLU B 36 -1.57 -0.36 6.42
CA GLU B 36 -1.79 0.73 7.39
C GLU B 36 -0.48 1.09 8.09
N GLU B 37 0.17 0.07 8.67
CA GLU B 37 1.43 0.26 9.38
C GLU B 37 2.54 0.72 8.43
N ALA B 38 2.49 0.26 7.18
CA ALA B 38 3.49 0.64 6.17
C ALA B 38 3.60 2.16 6.03
N LEU A 1 22.85 -6.76 -1.88
CA LEU A 1 21.62 -7.04 -1.08
C LEU A 1 20.35 -6.81 -1.89
N GLN A 2 19.19 -6.92 -1.24
CA GLN A 2 17.90 -6.72 -1.91
C GLN A 2 17.70 -5.27 -2.34
N ASP A 3 17.94 -4.34 -1.41
CA ASP A 3 17.78 -2.90 -1.65
C ASP A 3 18.50 -2.44 -2.92
N GLN A 4 19.65 -3.05 -3.21
CA GLN A 4 20.45 -2.70 -4.40
C GLN A 4 19.59 -2.52 -5.66
N HIS A 5 18.62 -3.43 -5.84
CA HIS A 5 17.72 -3.36 -6.99
C HIS A 5 17.09 -1.96 -7.11
N CYS A 6 16.74 -1.37 -5.96
CA CYS A 6 16.14 -0.04 -5.92
C CYS A 6 17.11 1.02 -6.46
N GLU A 7 18.40 0.82 -6.21
CA GLU A 7 19.43 1.73 -6.69
C GLU A 7 19.78 1.40 -8.15
N SER A 8 20.01 0.11 -8.41
CA SER A 8 20.34 -0.38 -9.75
C SER A 8 21.44 0.47 -10.41
N LEU A 9 22.40 0.93 -9.60
CA LEU A 9 23.52 1.76 -10.09
C LEU A 9 23.12 3.22 -10.37
N SER A 10 21.83 3.54 -10.21
CA SER A 10 21.32 4.90 -10.45
C SER A 10 21.37 5.29 -11.92
N LEU A 11 20.28 5.88 -12.41
CA LEU A 11 20.20 6.31 -13.81
C LEU A 11 19.08 7.35 -14.00
N ALA A 12 17.83 6.92 -13.83
CA ALA A 12 16.67 7.82 -13.98
C ALA A 12 16.45 8.62 -12.70
N SER A 13 17.45 9.39 -12.31
CA SER A 13 17.39 10.21 -11.09
C SER A 13 18.47 11.29 -11.09
N ASN A 14 18.05 12.56 -11.13
CA ASN A 14 19.00 13.68 -11.15
C ASN A 14 19.67 13.87 -9.78
N ILE A 15 18.86 14.08 -8.74
CA ILE A 15 19.37 14.28 -7.37
C ILE A 15 20.04 15.65 -7.23
N SER A 16 19.63 16.41 -6.20
CA SER A 16 20.20 17.73 -5.94
C SER A 16 19.88 18.20 -4.53
N GLY A 17 20.87 18.80 -3.86
CA GLY A 17 20.68 19.30 -2.51
C GLY A 17 20.42 18.20 -1.50
N LEU A 18 19.16 17.76 -1.41
CA LEU A 18 18.77 16.71 -0.47
C LEU A 18 18.11 15.53 -1.21
N GLN A 19 18.82 14.40 -1.23
CA GLN A 19 18.31 13.20 -1.90
C GLN A 19 17.98 12.10 -0.87
N CYS A 20 16.85 11.44 -1.06
CA CYS A 20 16.44 10.37 -0.17
C CYS A 20 16.88 9.01 -0.70
N ASN A 21 17.53 8.22 0.16
CA ASN A 21 18.02 6.89 -0.21
C ASN A 21 16.90 5.96 -0.65
N ALA A 22 17.26 4.86 -1.32
CA ALA A 22 16.28 3.89 -1.80
C ALA A 22 16.20 2.67 -0.88
N SER A 23 14.97 2.22 -0.61
CA SER A 23 14.73 1.06 0.25
C SER A 23 13.23 0.77 0.40
N VAL A 24 12.85 0.10 1.49
CA VAL A 24 11.44 -0.23 1.74
C VAL A 24 10.82 0.66 2.82
N ASP A 25 9.50 0.87 2.74
CA ASP A 25 8.78 1.70 3.71
C ASP A 25 8.33 0.87 4.92
N LEU A 26 7.66 -0.25 4.66
CA LEU A 26 7.16 -1.14 5.71
C LEU A 26 6.74 -2.49 5.13
N ILE A 27 5.82 -2.44 4.17
CA ILE A 27 5.33 -3.64 3.50
C ILE A 27 6.30 -4.10 2.40
N GLY A 28 5.97 -5.21 1.73
CA GLY A 28 6.82 -5.72 0.66
C GLY A 28 6.86 -4.80 -0.55
N THR A 29 7.54 -3.65 -0.38
CA THR A 29 7.66 -2.67 -1.46
C THR A 29 8.92 -1.83 -1.28
N CYS A 30 9.66 -1.62 -2.38
CA CYS A 30 10.90 -0.84 -2.35
C CYS A 30 10.76 0.45 -3.17
N TRP A 31 11.40 1.52 -2.69
CA TRP A 31 11.36 2.82 -3.37
C TRP A 31 12.77 3.30 -3.74
N PRO A 32 12.98 3.73 -5.00
CA PRO A 32 14.28 4.21 -5.48
C PRO A 32 14.69 5.56 -4.87
N ARG A 33 15.93 5.98 -5.15
CA ARG A 33 16.47 7.24 -4.64
C ARG A 33 15.76 8.45 -5.27
N SER A 34 15.10 9.24 -4.43
CA SER A 34 14.40 10.44 -4.90
C SER A 34 14.73 11.66 -4.05
N PRO A 35 14.58 12.88 -4.61
CA PRO A 35 14.85 14.13 -3.89
C PRO A 35 13.98 14.30 -2.65
N ALA A 36 14.55 14.89 -1.59
CA ALA A 36 13.82 15.11 -0.35
C ALA A 36 12.63 16.04 -0.57
N GLY A 37 11.42 15.51 -0.44
CA GLY A 37 10.22 16.30 -0.64
C GLY A 37 9.33 15.76 -1.74
N GLN A 38 9.90 14.94 -2.63
CA GLN A 38 9.14 14.35 -3.75
C GLN A 38 8.00 13.47 -3.24
N LEU A 39 6.86 13.53 -3.93
CA LEU A 39 5.69 12.72 -3.56
C LEU A 39 5.96 11.22 -3.75
N VAL A 40 6.56 10.88 -4.89
CA VAL A 40 6.87 9.48 -5.21
C VAL A 40 5.68 8.56 -4.96
N VAL A 41 4.59 8.80 -5.69
CA VAL A 41 3.36 8.02 -5.54
C VAL A 41 3.28 6.89 -6.57
N ARG A 42 2.84 5.71 -6.13
CA ARG A 42 2.70 4.55 -7.02
C ARG A 42 1.52 3.67 -6.59
N PRO A 43 0.72 3.18 -7.56
CA PRO A 43 -0.46 2.33 -7.28
C PRO A 43 -0.09 0.93 -6.75
N CYS A 44 0.75 0.88 -5.72
CA CYS A 44 1.17 -0.39 -5.11
C CYS A 44 2.04 -1.21 -6.07
N PRO A 45 2.75 -2.23 -5.54
CA PRO A 45 3.63 -3.08 -6.36
C PRO A 45 2.85 -3.95 -7.37
N ALA A 46 2.35 -5.11 -6.93
CA ALA A 46 1.59 -6.00 -7.80
C ALA A 46 0.90 -7.11 -7.02
N PHE A 47 1.66 -8.14 -6.62
CA PHE A 47 1.10 -9.26 -5.86
C PHE A 47 1.63 -9.27 -4.44
N PHE A 48 0.71 -9.18 -3.47
CA PHE A 48 1.09 -9.18 -2.06
C PHE A 48 1.20 -10.61 -1.52
N TYR A 49 2.42 -11.16 -1.59
CA TYR A 49 2.69 -12.53 -1.11
C TYR A 49 1.98 -13.58 -1.98
N GLY A 50 0.66 -13.57 -1.97
CA GLY A 50 -0.11 -14.53 -2.75
C GLY A 50 -1.31 -13.91 -3.45
N VAL A 51 -2.11 -13.14 -2.71
CA VAL A 51 -3.31 -12.50 -3.26
C VAL A 51 -2.95 -11.41 -4.30
N ARG A 52 -3.97 -10.96 -5.05
CA ARG A 52 -3.78 -9.93 -6.07
C ARG A 52 -4.58 -8.67 -5.71
N TYR A 53 -4.01 -7.51 -6.04
CA TYR A 53 -4.67 -6.23 -5.76
C TYR A 53 -5.02 -5.51 -7.06
N ASN A 54 -5.86 -4.48 -6.96
CA ASN A 54 -6.26 -3.70 -8.12
C ASN A 54 -5.07 -2.96 -8.74
N THR A 55 -4.12 -2.56 -7.89
CA THR A 55 -2.91 -1.84 -8.32
C THR A 55 -3.24 -0.61 -9.18
N THR A 56 -4.00 0.33 -8.60
CA THR A 56 -4.38 1.55 -9.32
C THR A 56 -4.86 2.64 -8.34
N ASN A 57 -4.09 2.87 -7.28
CA ASN A 57 -4.44 3.88 -6.28
C ASN A 57 -3.27 4.87 -6.06
N ASN A 58 -3.47 5.84 -5.17
CA ASN A 58 -2.44 6.84 -4.88
C ASN A 58 -1.52 6.42 -3.74
N GLY A 59 -0.57 5.53 -4.04
CA GLY A 59 0.37 5.07 -3.02
C GLY A 59 1.50 6.06 -2.81
N TYR A 60 1.22 7.16 -2.11
CA TYR A 60 2.23 8.19 -1.85
C TYR A 60 2.64 8.22 -0.37
N ARG A 61 3.45 9.20 0.00
CA ARG A 61 3.92 9.34 1.38
C ARG A 61 4.82 10.58 1.56
N GLU A 62 5.63 10.88 0.53
CA GLU A 62 6.53 12.03 0.54
C GLU A 62 7.72 11.82 1.48
N CYS A 63 8.87 12.36 1.11
CA CYS A 63 10.08 12.24 1.92
C CYS A 63 10.30 13.51 2.73
N LEU A 64 10.77 13.35 3.97
CA LEU A 64 11.02 14.50 4.84
C LEU A 64 12.21 15.31 4.33
N ALA A 65 12.01 16.63 4.20
CA ALA A 65 13.07 17.53 3.72
C ALA A 65 14.22 17.62 4.73
N ASN A 66 14.90 16.50 4.96
CA ASN A 66 16.01 16.44 5.91
C ASN A 66 16.83 15.15 5.73
N GLY A 67 16.13 14.01 5.67
CA GLY A 67 16.83 12.73 5.49
C GLY A 67 16.05 11.53 6.00
N SER A 68 14.81 11.36 5.52
CA SER A 68 13.96 10.22 5.93
C SER A 68 12.57 10.31 5.30
N TRP A 69 11.88 9.19 5.25
CA TRP A 69 10.52 9.14 4.68
C TRP A 69 9.46 9.39 5.75
N ALA A 70 8.29 9.87 5.32
CA ALA A 70 7.19 10.16 6.24
C ALA A 70 6.63 8.88 6.87
N ALA A 71 6.05 9.00 8.06
CA ALA A 71 5.48 7.87 8.77
C ALA A 71 4.11 7.49 8.21
N ARG A 72 3.22 8.48 8.08
CA ARG A 72 1.86 8.25 7.56
C ARG A 72 1.89 8.07 6.05
N VAL A 73 1.91 6.81 5.60
CA VAL A 73 1.93 6.49 4.18
C VAL A 73 0.52 6.21 3.66
N ASN A 74 0.18 6.81 2.52
CA ASN A 74 -1.15 6.61 1.93
C ASN A 74 -1.23 5.31 1.15
N TYR A 75 -0.95 4.19 1.83
CA TYR A 75 -1.02 2.88 1.20
C TYR A 75 -2.34 2.16 1.52
N SER A 76 -3.15 2.76 2.39
CA SER A 76 -4.45 2.20 2.76
C SER A 76 -5.32 1.97 1.53
N GLU A 77 -5.18 2.86 0.53
CA GLU A 77 -5.93 2.76 -0.71
C GLU A 77 -5.75 1.37 -1.36
N CYS A 78 -4.61 0.73 -1.08
CA CYS A 78 -4.33 -0.60 -1.62
C CYS A 78 -5.25 -1.66 -1.00
N GLN A 79 -6.49 -1.67 -1.45
CA GLN A 79 -7.49 -2.61 -0.94
C GLN A 79 -7.51 -3.90 -1.76
N GLU A 80 -7.93 -4.99 -1.12
CA GLU A 80 -8.00 -6.29 -1.78
C GLU A 80 -9.14 -6.30 -2.80
N ILE A 81 -9.06 -7.20 -3.79
CA ILE A 81 -10.09 -7.31 -4.82
C ILE A 81 -10.38 -8.76 -5.15
N LEU A 82 -11.63 -9.17 -4.96
CA LEU A 82 -12.05 -10.55 -5.23
C LEU A 82 -13.39 -10.59 -5.96
N ASN A 83 -13.71 -11.74 -6.56
CA ASN A 83 -14.97 -11.91 -7.29
C ASN A 83 -16.18 -11.80 -6.36
N GLU A 84 -15.97 -12.06 -5.06
CA GLU A 84 -17.03 -11.98 -4.07
C GLU A 84 -16.60 -11.14 -2.87
N PRO B 1 -47.50 -11.29 1.71
CA PRO B 1 -46.15 -10.87 2.12
C PRO B 1 -46.05 -9.36 2.32
N PRO B 2 -46.43 -8.85 3.52
CA PRO B 2 -46.38 -7.41 3.83
C PRO B 2 -44.94 -6.90 4.00
N ILE B 3 -44.19 -6.91 2.90
CA ILE B 3 -42.80 -6.45 2.92
C ILE B 3 -42.66 -5.10 2.22
N SER B 4 -41.74 -4.27 2.70
CA SER B 4 -41.50 -2.94 2.12
C SER B 4 -40.42 -3.00 1.03
N LEU B 5 -39.16 -2.94 1.45
CA LEU B 5 -38.03 -2.97 0.52
C LEU B 5 -36.75 -3.48 1.20
N ASP B 6 -36.15 -2.63 2.04
CA ASP B 6 -34.93 -2.99 2.75
C ASP B 6 -35.23 -3.60 4.14
N LEU B 7 -34.19 -3.77 4.95
CA LEU B 7 -34.32 -4.33 6.30
C LEU B 7 -34.69 -5.82 6.26
N THR B 8 -35.84 -6.14 5.66
CA THR B 8 -36.30 -7.52 5.55
C THR B 8 -35.19 -8.45 5.02
N PHE B 9 -34.36 -7.93 4.11
CA PHE B 9 -33.27 -8.71 3.53
C PHE B 9 -31.90 -8.27 4.09
N ASN B 10 -31.85 -7.92 5.38
CA ASN B 10 -30.60 -7.50 6.01
C ASN B 10 -29.92 -8.66 6.75
N LEU B 11 -30.69 -9.37 7.59
CA LEU B 11 -30.17 -10.51 8.35
C LEU B 11 -29.37 -11.45 7.46
N LEU B 12 -29.94 -11.85 6.33
CA LEU B 12 -29.26 -12.75 5.40
C LEU B 12 -28.08 -12.05 4.73
N ARG B 13 -28.21 -10.74 4.50
CA ARG B 13 -27.14 -9.96 3.87
C ARG B 13 -25.97 -9.76 4.83
N GLU B 14 -26.25 -9.28 6.04
CA GLU B 14 -25.21 -9.05 7.04
C GLU B 14 -24.37 -10.31 7.24
N VAL B 15 -25.03 -11.46 7.34
CA VAL B 15 -24.35 -12.74 7.51
C VAL B 15 -23.51 -13.05 6.28
N LEU B 16 -24.14 -12.94 5.10
CA LEU B 16 -23.46 -13.19 3.83
C LEU B 16 -22.31 -12.20 3.66
N GLU B 17 -22.59 -10.91 3.86
CA GLU B 17 -21.58 -9.85 3.75
C GLU B 17 -20.36 -10.20 4.60
N ILE B 18 -20.61 -10.65 5.83
CA ILE B 18 -19.52 -11.02 6.72
C ILE B 18 -18.88 -12.32 6.22
N ALA B 19 -19.70 -13.36 6.02
CA ALA B 19 -19.21 -14.65 5.52
C ALA B 19 -18.31 -14.48 4.31
N LYS B 20 -18.82 -13.81 3.27
CA LYS B 20 -18.04 -13.57 2.05
C LYS B 20 -16.74 -12.81 2.35
N ALA B 21 -16.76 -11.99 3.40
CA ALA B 21 -15.58 -11.24 3.82
C ALA B 21 -14.67 -12.12 4.67
N GLU B 22 -15.26 -12.82 5.64
CA GLU B 22 -14.51 -13.71 6.54
C GLU B 22 -13.62 -14.66 5.75
N GLN B 23 -14.20 -15.36 4.77
CA GLN B 23 -13.45 -16.30 3.92
C GLN B 23 -12.15 -15.67 3.40
N GLU B 24 -12.18 -14.36 3.18
CA GLU B 24 -11.01 -13.63 2.72
C GLU B 24 -10.27 -13.02 3.90
N ALA B 25 -11.01 -12.30 4.75
CA ALA B 25 -10.45 -11.67 5.95
C ALA B 25 -9.64 -12.66 6.79
N GLU B 26 -10.15 -13.89 6.94
CA GLU B 26 -9.46 -14.93 7.71
C GLU B 26 -7.98 -14.98 7.32
N GLU B 27 -7.70 -14.89 6.03
CA GLU B 27 -6.33 -14.92 5.52
C GLU B 27 -5.82 -13.50 5.21
N ALA B 28 -6.71 -12.64 4.72
CA ALA B 28 -6.36 -11.25 4.38
C ALA B 28 -6.05 -10.40 5.63
N ALA B 29 -6.41 -10.90 6.82
CA ALA B 29 -6.16 -10.16 8.06
C ALA B 29 -4.78 -9.48 8.09
N LYS B 30 -3.75 -10.20 7.64
CA LYS B 30 -2.39 -9.66 7.61
C LYS B 30 -2.06 -8.95 6.28
N ASN B 31 -3.07 -8.70 5.45
CA ASN B 31 -2.86 -8.04 4.16
C ASN B 31 -3.19 -6.54 4.24
N ARG B 32 -4.46 -6.23 4.54
CA ARG B 32 -4.91 -4.83 4.63
C ARG B 32 -4.16 -4.05 5.70
N LEU B 33 -4.06 -4.63 6.90
CA LEU B 33 -3.38 -3.98 8.03
C LEU B 33 -2.08 -3.30 7.61
N LEU B 34 -1.10 -4.09 7.16
CA LEU B 34 0.19 -3.55 6.72
C LEU B 34 0.01 -2.40 5.72
N LEU B 35 -0.90 -2.59 4.76
CA LEU B 35 -1.18 -1.58 3.74
C LEU B 35 -1.78 -0.30 4.31
N GLU B 36 -2.75 -0.44 5.22
CA GLU B 36 -3.43 0.73 5.80
C GLU B 36 -2.75 1.24 7.09
N GLU B 37 -2.22 0.34 7.92
CA GLU B 37 -1.56 0.75 9.17
C GLU B 37 -0.44 1.75 8.91
N ALA B 38 0.39 1.47 7.90
CA ALA B 38 1.49 2.36 7.56
C ALA B 38 0.98 3.59 6.80
N LEU A 1 18.96 -5.92 1.98
CA LEU A 1 19.45 -6.10 0.58
C LEU A 1 18.71 -5.17 -0.40
N GLN A 2 17.37 -5.11 -0.31
CA GLN A 2 16.58 -4.25 -1.18
C GLN A 2 17.00 -2.79 -0.99
N ASP A 3 17.35 -2.45 0.25
CA ASP A 3 17.79 -1.11 0.61
C ASP A 3 18.88 -0.62 -0.36
N GLN A 4 19.99 -1.35 -0.42
CA GLN A 4 21.09 -1.01 -1.32
C GLN A 4 20.65 -1.11 -2.78
N HIS A 5 19.89 -2.16 -3.11
CA HIS A 5 19.41 -2.36 -4.47
C HIS A 5 18.63 -1.14 -4.95
N CYS A 6 17.72 -0.65 -4.10
CA CYS A 6 16.90 0.53 -4.44
C CYS A 6 17.77 1.73 -4.81
N GLU A 7 18.99 1.79 -4.27
CA GLU A 7 19.91 2.89 -4.57
C GLU A 7 20.90 2.50 -5.67
N SER A 8 21.51 1.32 -5.52
CA SER A 8 22.49 0.80 -6.50
C SER A 8 23.46 1.89 -6.98
N LEU A 9 24.29 2.37 -6.07
CA LEU A 9 25.28 3.42 -6.38
C LEU A 9 24.61 4.70 -6.91
N SER A 10 23.31 4.85 -6.64
CA SER A 10 22.56 6.03 -7.09
C SER A 10 22.73 6.27 -8.59
N LEU A 11 22.54 5.22 -9.39
CA LEU A 11 22.67 5.34 -10.85
C LEU A 11 21.70 6.40 -11.38
N ALA A 12 22.26 7.53 -11.81
CA ALA A 12 21.47 8.65 -12.32
C ALA A 12 20.71 9.33 -11.17
N SER A 13 21.30 10.40 -10.64
CA SER A 13 20.68 11.13 -9.52
C SER A 13 20.99 12.63 -9.59
N ASN A 14 22.26 12.98 -9.37
CA ASN A 14 22.70 14.39 -9.41
C ASN A 14 21.91 15.27 -8.44
N ILE A 15 21.36 14.66 -7.39
CA ILE A 15 20.59 15.41 -6.39
C ILE A 15 21.51 16.16 -5.42
N SER A 16 22.18 17.20 -5.94
CA SER A 16 23.09 18.01 -5.13
C SER A 16 22.33 18.85 -4.10
N GLY A 17 21.68 18.18 -3.14
CA GLY A 17 20.93 18.88 -2.11
C GLY A 17 20.22 17.94 -1.15
N LEU A 18 19.19 18.45 -0.48
CA LEU A 18 18.43 17.64 0.48
C LEU A 18 17.62 16.56 -0.24
N GLN A 19 17.72 15.32 0.26
CA GLN A 19 17.01 14.20 -0.34
C GLN A 19 16.86 13.02 0.63
N CYS A 20 16.14 11.99 0.19
CA CYS A 20 15.92 10.80 0.99
C CYS A 20 16.40 9.56 0.24
N ASN A 21 17.38 8.85 0.82
CA ASN A 21 17.95 7.65 0.19
C ASN A 21 16.97 6.47 0.16
N ALA A 22 17.28 5.49 -0.69
CA ALA A 22 16.45 4.30 -0.84
C ALA A 22 16.12 3.66 0.51
N SER A 23 14.83 3.48 0.78
CA SER A 23 14.38 2.89 2.04
C SER A 23 13.28 1.83 1.84
N VAL A 24 13.38 0.73 2.58
CA VAL A 24 12.38 -0.34 2.51
C VAL A 24 11.33 -0.15 3.59
N ASP A 25 10.09 -0.56 3.30
CA ASP A 25 9.00 -0.41 4.28
C ASP A 25 8.41 -1.76 4.68
N LEU A 26 7.26 -2.13 4.11
CA LEU A 26 6.60 -3.39 4.44
C LEU A 26 6.24 -4.18 3.17
N ILE A 27 5.74 -5.40 3.37
CA ILE A 27 5.34 -6.30 2.27
C ILE A 27 6.31 -6.27 1.09
N GLY A 28 7.60 -6.15 1.38
CA GLY A 28 8.62 -6.12 0.33
C GLY A 28 8.62 -4.83 -0.48
N THR A 29 8.00 -3.78 0.05
CA THR A 29 7.95 -2.48 -0.64
C THR A 29 9.14 -1.61 -0.25
N CYS A 30 9.71 -0.91 -1.22
CA CYS A 30 10.86 -0.03 -0.99
C CYS A 30 10.72 1.30 -1.74
N TRP A 31 11.32 2.34 -1.18
CA TRP A 31 11.27 3.67 -1.79
C TRP A 31 12.68 4.14 -2.19
N PRO A 32 12.96 4.21 -3.51
CA PRO A 32 14.27 4.64 -4.02
C PRO A 32 14.62 6.08 -3.64
N ARG A 33 15.90 6.42 -3.77
CA ARG A 33 16.38 7.76 -3.43
C ARG A 33 15.56 8.85 -4.13
N SER A 34 14.92 9.69 -3.32
CA SER A 34 14.09 10.79 -3.82
C SER A 34 14.55 12.14 -3.24
N PRO A 35 14.34 13.25 -3.99
CA PRO A 35 14.72 14.58 -3.52
C PRO A 35 13.78 15.14 -2.45
N ALA A 36 14.31 16.05 -1.63
CA ALA A 36 13.53 16.66 -0.55
C ALA A 36 12.30 17.40 -1.08
N GLY A 37 11.12 17.01 -0.60
CA GLY A 37 9.88 17.66 -1.02
C GLY A 37 9.31 17.06 -2.29
N GLN A 38 9.38 15.73 -2.42
CA GLN A 38 8.86 15.05 -3.61
C GLN A 38 7.80 14.01 -3.23
N LEU A 39 6.64 14.11 -3.86
CA LEU A 39 5.55 13.19 -3.61
C LEU A 39 5.71 11.91 -4.44
N VAL A 40 6.68 11.09 -4.06
CA VAL A 40 6.96 9.84 -4.76
C VAL A 40 5.79 8.83 -4.62
N VAL A 41 5.47 8.15 -5.72
CA VAL A 41 4.38 7.17 -5.72
C VAL A 41 4.89 5.74 -5.95
N ARG A 42 4.09 4.76 -5.51
CA ARG A 42 4.45 3.35 -5.66
C ARG A 42 3.19 2.47 -5.86
N PRO A 43 3.06 1.83 -7.03
CA PRO A 43 1.90 0.98 -7.34
C PRO A 43 2.05 -0.48 -6.85
N CYS A 44 0.91 -1.11 -6.56
CA CYS A 44 0.90 -2.49 -6.10
C CYS A 44 0.99 -3.45 -7.30
N PRO A 45 2.05 -4.28 -7.37
CA PRO A 45 2.25 -5.22 -8.50
C PRO A 45 1.20 -6.34 -8.56
N ALA A 46 -0.08 -5.97 -8.43
CA ALA A 46 -1.19 -6.93 -8.47
C ALA A 46 -1.07 -8.01 -7.40
N PHE A 47 -0.12 -8.92 -7.55
CA PHE A 47 0.09 -9.99 -6.60
C PHE A 47 0.70 -9.48 -5.30
N PHE A 48 0.09 -9.86 -4.18
CA PHE A 48 0.58 -9.45 -2.85
C PHE A 48 1.44 -10.57 -2.26
N TYR A 49 0.79 -11.64 -1.82
CA TYR A 49 1.45 -12.81 -1.25
C TYR A 49 0.55 -14.04 -1.43
N GLY A 50 0.11 -14.25 -2.67
CA GLY A 50 -0.79 -15.36 -2.98
C GLY A 50 -2.08 -14.87 -3.62
N VAL A 51 -2.51 -13.67 -3.23
CA VAL A 51 -3.73 -13.06 -3.76
C VAL A 51 -3.41 -11.87 -4.68
N ARG A 52 -4.32 -11.56 -5.60
CA ARG A 52 -4.12 -10.45 -6.53
C ARG A 52 -4.91 -9.21 -6.09
N TYR A 53 -4.18 -8.10 -5.93
CA TYR A 53 -4.79 -6.84 -5.53
C TYR A 53 -4.72 -5.82 -6.66
N ASN A 54 -5.88 -5.35 -7.10
CA ASN A 54 -5.95 -4.37 -8.19
C ASN A 54 -5.51 -2.99 -7.70
N THR A 55 -4.24 -2.65 -7.96
CA THR A 55 -3.71 -1.35 -7.56
C THR A 55 -4.29 -0.22 -8.42
N THR A 56 -5.58 0.07 -8.21
CA THR A 56 -6.28 1.12 -8.97
C THR A 56 -5.38 2.35 -9.17
N ASN A 57 -4.70 2.75 -8.09
CA ASN A 57 -3.81 3.90 -8.14
C ASN A 57 -2.44 3.55 -7.53
N ASN A 58 -1.55 4.53 -7.41
CA ASN A 58 -0.22 4.30 -6.85
C ASN A 58 -0.07 4.96 -5.47
N GLY A 59 0.37 4.19 -4.48
CA GLY A 59 0.56 4.73 -3.14
C GLY A 59 1.61 5.80 -3.09
N TYR A 60 1.55 6.66 -2.08
CA TYR A 60 2.52 7.75 -1.94
C TYR A 60 2.93 7.95 -0.47
N ARG A 61 4.24 7.93 -0.23
CA ARG A 61 4.77 8.11 1.12
C ARG A 61 5.34 9.53 1.32
N GLU A 62 5.66 10.21 0.22
CA GLU A 62 6.21 11.58 0.26
C GLU A 62 7.63 11.60 0.82
N CYS A 63 8.45 12.52 0.32
CA CYS A 63 9.84 12.65 0.77
C CYS A 63 10.06 14.02 1.44
N LEU A 64 10.14 14.01 2.77
CA LEU A 64 10.35 15.24 3.55
C LEU A 64 11.53 16.07 3.03
N ALA A 65 11.45 17.38 3.24
CA ALA A 65 12.51 18.29 2.80
C ALA A 65 13.31 18.84 3.98
N ASN A 66 13.87 17.94 4.79
CA ASN A 66 14.66 18.34 5.96
C ASN A 66 15.75 17.31 6.29
N GLY A 67 15.33 16.09 6.62
CA GLY A 67 16.29 15.04 6.96
C GLY A 67 15.65 13.69 7.24
N SER A 68 14.94 13.15 6.26
CA SER A 68 14.27 11.84 6.39
C SER A 68 13.39 11.56 5.17
N TRP A 69 12.44 10.65 5.33
CA TRP A 69 11.52 10.28 4.25
C TRP A 69 10.13 10.86 4.51
N ALA A 70 9.48 10.36 5.57
CA ALA A 70 8.13 10.81 5.94
C ALA A 70 7.54 9.95 7.06
N ALA A 71 7.84 8.64 7.04
CA ALA A 71 7.34 7.69 8.04
C ALA A 71 5.82 7.50 7.93
N ARG A 72 5.29 7.61 6.71
CA ARG A 72 3.85 7.44 6.48
C ARG A 72 3.57 7.07 5.02
N VAL A 73 3.70 5.78 4.70
CA VAL A 73 3.45 5.29 3.34
C VAL A 73 1.94 5.17 3.08
N ASN A 74 1.35 6.23 2.54
CA ASN A 74 -0.08 6.27 2.25
C ASN A 74 -0.44 5.49 0.98
N TYR A 75 -1.37 4.54 1.12
CA TYR A 75 -1.84 3.72 0.00
C TYR A 75 -3.37 3.81 -0.11
N SER A 76 -4.08 2.89 0.56
CA SER A 76 -5.56 2.88 0.56
C SER A 76 -6.18 2.30 -0.72
N GLU A 77 -5.37 1.98 -1.73
CA GLU A 77 -5.88 1.43 -3.00
C GLU A 77 -5.65 -0.08 -3.08
N CYS A 78 -4.49 -0.52 -2.59
CA CYS A 78 -4.14 -1.94 -2.60
C CYS A 78 -5.09 -2.76 -1.72
N GLN A 79 -4.76 -4.03 -1.48
CA GLN A 79 -5.57 -4.93 -0.66
C GLN A 79 -6.74 -5.51 -1.46
N GLU A 80 -7.61 -6.25 -0.77
CA GLU A 80 -8.78 -6.86 -1.40
C GLU A 80 -9.91 -5.84 -1.57
N ILE A 81 -10.01 -5.24 -2.76
CA ILE A 81 -11.05 -4.25 -3.04
C ILE A 81 -12.10 -4.80 -4.01
N LEU A 82 -12.64 -5.98 -3.70
CA LEU A 82 -13.65 -6.62 -4.54
C LEU A 82 -15.05 -6.54 -3.89
N ASN A 83 -15.71 -7.67 -3.68
CA ASN A 83 -17.04 -7.69 -3.06
C ASN A 83 -16.95 -7.35 -1.56
N GLU A 84 -16.37 -6.19 -1.25
CA GLU A 84 -16.22 -5.75 0.14
C GLU A 84 -16.55 -4.27 0.28
N PRO B 1 -29.72 13.88 21.16
CA PRO B 1 -29.06 13.68 19.86
C PRO B 1 -30.03 13.84 18.67
N PRO B 2 -29.49 14.05 17.46
CA PRO B 2 -30.31 14.22 16.24
C PRO B 2 -30.95 12.90 15.80
N ILE B 3 -32.05 13.00 15.05
CA ILE B 3 -32.77 11.81 14.56
C ILE B 3 -31.81 10.77 13.97
N SER B 4 -31.04 11.18 12.95
CA SER B 4 -30.06 10.30 12.28
C SER B 4 -30.73 9.10 11.58
N LEU B 5 -31.49 8.30 12.34
CA LEU B 5 -32.17 7.12 11.79
C LEU B 5 -31.17 6.04 11.36
N ASP B 6 -29.91 6.16 11.81
CA ASP B 6 -28.87 5.19 11.46
C ASP B 6 -28.65 4.19 12.59
N LEU B 7 -28.39 4.70 13.79
CA LEU B 7 -28.14 3.87 14.98
C LEU B 7 -29.04 2.62 15.02
N THR B 8 -30.32 2.80 14.69
CA THR B 8 -31.29 1.69 14.68
C THR B 8 -30.86 0.54 13.77
N PHE B 9 -29.98 0.81 12.80
CA PHE B 9 -29.50 -0.20 11.86
C PHE B 9 -28.08 -0.69 12.22
N ASN B 10 -27.89 -1.12 13.46
CA ASN B 10 -26.58 -1.60 13.90
C ASN B 10 -26.51 -3.13 13.87
N LEU B 11 -27.34 -3.78 14.70
CA LEU B 11 -27.37 -5.24 14.79
C LEU B 11 -27.44 -5.90 13.41
N LEU B 12 -28.46 -5.53 12.62
CA LEU B 12 -28.64 -6.09 11.28
C LEU B 12 -27.46 -5.76 10.36
N ARG B 13 -26.89 -4.56 10.51
CA ARG B 13 -25.76 -4.14 9.69
C ARG B 13 -24.49 -4.87 10.11
N GLU B 14 -24.21 -4.90 11.41
CA GLU B 14 -23.02 -5.58 11.92
C GLU B 14 -22.91 -6.99 11.34
N VAL B 15 -24.04 -7.71 11.34
CA VAL B 15 -24.09 -9.07 10.80
C VAL B 15 -23.59 -9.10 9.36
N LEU B 16 -24.27 -8.37 8.46
CA LEU B 16 -23.86 -8.32 7.06
C LEU B 16 -22.44 -7.78 6.93
N GLU B 17 -22.10 -6.77 7.74
CA GLU B 17 -20.76 -6.20 7.72
C GLU B 17 -19.70 -7.30 7.90
N ILE B 18 -19.87 -8.10 8.96
CA ILE B 18 -18.96 -9.20 9.24
C ILE B 18 -19.02 -10.23 8.11
N ALA B 19 -20.24 -10.66 7.76
CA ALA B 19 -20.43 -11.62 6.68
C ALA B 19 -19.72 -11.17 5.41
N LYS B 20 -19.83 -9.87 5.11
CA LYS B 20 -19.18 -9.29 3.93
C LYS B 20 -17.66 -9.31 4.11
N ALA B 21 -17.19 -8.84 5.26
CA ALA B 21 -15.76 -8.79 5.56
C ALA B 21 -15.15 -10.19 5.60
N GLU B 22 -15.89 -11.16 6.15
CA GLU B 22 -15.45 -12.56 6.28
C GLU B 22 -14.46 -12.98 5.17
N GLN B 23 -14.80 -12.68 3.91
CA GLN B 23 -13.96 -13.04 2.77
C GLN B 23 -12.50 -12.58 2.93
N GLU B 24 -12.26 -11.53 3.73
CA GLU B 24 -10.90 -11.03 3.95
C GLU B 24 -10.35 -11.44 5.32
N ALA B 25 -11.17 -12.11 6.14
CA ALA B 25 -10.72 -12.54 7.46
C ALA B 25 -9.51 -13.49 7.37
N GLU B 26 -9.58 -14.46 6.45
CA GLU B 26 -8.51 -15.42 6.27
C GLU B 26 -7.41 -14.89 5.32
N GLU B 27 -6.20 -14.77 5.85
CA GLU B 27 -5.03 -14.29 5.08
C GLU B 27 -5.13 -12.81 4.71
N ALA B 28 -6.19 -12.42 3.99
CA ALA B 28 -6.37 -11.04 3.55
C ALA B 28 -6.11 -10.03 4.68
N ALA B 29 -6.75 -10.26 5.83
CA ALA B 29 -6.61 -9.39 7.00
C ALA B 29 -5.16 -8.92 7.19
N LYS B 30 -4.21 -9.86 7.23
CA LYS B 30 -2.79 -9.50 7.41
C LYS B 30 -2.33 -8.57 6.29
N ASN B 31 -2.72 -8.86 5.05
CA ASN B 31 -2.37 -8.02 3.91
C ASN B 31 -3.04 -6.66 4.06
N ARG B 32 -4.31 -6.68 4.44
CA ARG B 32 -5.09 -5.46 4.66
C ARG B 32 -4.46 -4.63 5.78
N LEU B 33 -4.20 -5.27 6.92
CA LEU B 33 -3.59 -4.61 8.06
C LEU B 33 -2.22 -4.05 7.71
N LEU B 34 -1.36 -4.89 7.13
CA LEU B 34 -0.02 -4.45 6.73
C LEU B 34 -0.09 -3.23 5.81
N LEU B 35 -1.09 -3.20 4.93
CA LEU B 35 -1.27 -2.09 3.98
C LEU B 35 -1.66 -0.79 4.70
N GLU B 36 -2.51 -0.89 5.73
CA GLU B 36 -2.96 0.29 6.47
C GLU B 36 -1.98 0.66 7.59
N GLU B 37 -1.46 -0.35 8.29
CA GLU B 37 -0.51 -0.14 9.40
C GLU B 37 0.65 0.76 8.97
N ALA B 38 1.20 0.49 7.77
CA ALA B 38 2.32 1.27 7.25
C ALA B 38 1.87 2.69 6.86
N LEU A 1 15.25 -9.97 -0.37
CA LEU A 1 15.73 -9.65 -1.75
C LEU A 1 15.09 -8.37 -2.28
N GLN A 2 15.78 -7.66 -3.17
CA GLN A 2 15.28 -6.39 -3.73
C GLN A 2 15.37 -5.28 -2.67
N ASP A 3 14.80 -5.55 -1.50
CA ASP A 3 14.81 -4.62 -0.36
C ASP A 3 16.08 -3.77 -0.32
N GLN A 4 17.21 -4.41 -0.03
CA GLN A 4 18.50 -3.72 0.04
C GLN A 4 19.01 -3.33 -1.36
N HIS A 5 18.68 -4.14 -2.36
CA HIS A 5 19.09 -3.86 -3.74
C HIS A 5 18.74 -2.42 -4.14
N CYS A 6 17.62 -1.91 -3.61
CA CYS A 6 17.18 -0.55 -3.87
C CYS A 6 18.31 0.46 -3.62
N GLU A 7 19.18 0.16 -2.66
CA GLU A 7 20.30 1.01 -2.34
C GLU A 7 21.60 0.48 -2.97
N SER A 8 22.06 -0.68 -2.51
CA SER A 8 23.30 -1.29 -3.04
C SER A 8 24.43 -0.26 -3.14
N LEU A 9 24.52 0.62 -2.13
CA LEU A 9 25.55 1.67 -2.08
C LEU A 9 25.35 2.73 -3.18
N SER A 10 24.34 2.55 -4.04
CA SER A 10 24.04 3.51 -5.12
C SER A 10 25.13 3.51 -6.20
N LEU A 11 24.70 3.36 -7.46
CA LEU A 11 25.62 3.36 -8.59
C LEU A 11 25.82 4.78 -9.13
N ALA A 12 26.55 4.90 -10.25
CA ALA A 12 26.81 6.20 -10.88
C ALA A 12 25.59 7.11 -10.79
N SER A 13 25.60 8.00 -9.80
CA SER A 13 24.48 8.90 -9.56
C SER A 13 24.83 10.35 -9.89
N ASN A 14 25.96 10.83 -9.37
CA ASN A 14 26.41 12.21 -9.60
C ASN A 14 25.34 13.21 -9.13
N ILE A 15 24.65 12.85 -8.04
CA ILE A 15 23.60 13.70 -7.47
C ILE A 15 24.14 14.59 -6.35
N SER A 16 23.88 15.89 -6.45
CA SER A 16 24.31 16.84 -5.44
C SER A 16 23.13 17.54 -4.77
N GLY A 17 22.87 17.21 -3.51
CA GLY A 17 21.76 17.80 -2.79
C GLY A 17 21.32 16.96 -1.60
N LEU A 18 20.04 17.06 -1.24
CA LEU A 18 19.50 16.30 -0.11
C LEU A 18 18.42 15.30 -0.56
N GLN A 19 18.57 14.05 -0.13
CA GLN A 19 17.63 12.99 -0.48
C GLN A 19 17.40 12.07 0.72
N CYS A 20 16.29 11.31 0.68
CA CYS A 20 15.96 10.38 1.76
C CYS A 20 16.43 8.96 1.43
N ASN A 21 17.55 8.86 0.69
CA ASN A 21 18.15 7.59 0.29
C ASN A 21 17.16 6.70 -0.48
N ALA A 22 17.66 5.58 -1.03
CA ALA A 22 16.84 4.65 -1.79
C ALA A 22 16.44 3.45 -0.94
N SER A 23 15.40 3.62 -0.14
CA SER A 23 14.91 2.55 0.73
C SER A 23 13.60 1.96 0.23
N VAL A 24 13.11 0.97 0.97
CA VAL A 24 11.85 0.30 0.64
C VAL A 24 10.71 0.81 1.53
N ASP A 25 11.05 1.14 2.79
CA ASP A 25 10.08 1.67 3.75
C ASP A 25 8.95 0.68 4.07
N LEU A 26 8.13 0.37 3.07
CA LEU A 26 7.02 -0.57 3.26
C LEU A 26 7.01 -1.63 2.17
N ILE A 27 6.96 -2.91 2.58
CA ILE A 27 6.94 -4.05 1.66
C ILE A 27 7.93 -3.84 0.49
N GLY A 28 7.59 -4.33 -0.70
CA GLY A 28 8.48 -4.19 -1.85
C GLY A 28 8.32 -2.85 -2.56
N THR A 29 8.38 -1.74 -1.81
CA THR A 29 8.25 -0.42 -2.40
C THR A 29 9.63 0.20 -2.66
N CYS A 30 10.21 -0.13 -3.80
CA CYS A 30 11.54 0.39 -4.15
C CYS A 30 11.48 1.89 -4.49
N TRP A 31 12.11 2.71 -3.65
CA TRP A 31 12.14 4.17 -3.86
C TRP A 31 13.48 4.61 -4.45
N PRO A 32 13.47 5.13 -5.70
CA PRO A 32 14.71 5.60 -6.37
C PRO A 32 15.31 6.85 -5.71
N ARG A 33 15.68 6.72 -4.42
CA ARG A 33 16.28 7.81 -3.64
C ARG A 33 15.88 9.19 -4.17
N SER A 34 14.57 9.46 -4.17
CA SER A 34 14.05 10.74 -4.67
C SER A 34 14.54 11.92 -3.82
N PRO A 35 14.52 13.14 -4.41
CA PRO A 35 14.95 14.37 -3.71
C PRO A 35 14.15 14.62 -2.44
N ALA A 36 14.83 15.09 -1.39
CA ALA A 36 14.18 15.37 -0.12
C ALA A 36 13.05 16.38 -0.28
N GLY A 37 11.87 16.04 0.23
CA GLY A 37 10.70 16.91 0.12
C GLY A 37 9.82 16.57 -1.06
N GLN A 38 10.22 15.59 -1.87
CA GLN A 38 9.45 15.18 -3.03
C GLN A 38 8.44 14.08 -2.69
N LEU A 39 7.16 14.39 -2.83
CA LEU A 39 6.10 13.42 -2.55
C LEU A 39 5.97 12.43 -3.72
N VAL A 40 6.87 11.45 -3.75
CA VAL A 40 6.90 10.44 -4.80
C VAL A 40 5.64 9.58 -4.78
N VAL A 41 5.08 9.35 -5.97
CA VAL A 41 3.87 8.53 -6.11
C VAL A 41 4.20 7.15 -6.70
N ARG A 42 3.55 6.12 -6.16
CA ARG A 42 3.77 4.74 -6.61
C ARG A 42 2.58 3.85 -6.28
N PRO A 43 2.06 3.09 -7.27
CA PRO A 43 0.92 2.19 -7.07
C PRO A 43 1.29 0.90 -6.33
N CYS A 44 0.27 0.13 -5.94
CA CYS A 44 0.47 -1.14 -5.23
C CYS A 44 0.90 -2.26 -6.19
N PRO A 45 1.37 -3.40 -5.64
CA PRO A 45 1.83 -4.53 -6.45
C PRO A 45 0.67 -5.41 -6.96
N ALA A 46 1.02 -6.50 -7.65
CA ALA A 46 0.00 -7.41 -8.19
C ALA A 46 -0.58 -8.32 -7.11
N PHE A 47 0.27 -8.84 -6.22
CA PHE A 47 -0.18 -9.72 -5.14
C PHE A 47 0.33 -9.22 -3.79
N PHE A 48 -0.35 -9.63 -2.71
CA PHE A 48 0.05 -9.22 -1.36
C PHE A 48 0.06 -10.43 -0.40
N TYR A 49 1.27 -10.86 -0.04
CA TYR A 49 1.45 -11.99 0.88
C TYR A 49 0.66 -13.24 0.45
N GLY A 50 0.42 -13.38 -0.86
CA GLY A 50 -0.32 -14.53 -1.36
C GLY A 50 -1.52 -14.15 -2.20
N VAL A 51 -2.38 -13.28 -1.65
CA VAL A 51 -3.59 -12.84 -2.36
C VAL A 51 -3.26 -11.84 -3.47
N ARG A 52 -4.11 -11.82 -4.49
CA ARG A 52 -3.92 -10.90 -5.63
C ARG A 52 -4.59 -9.55 -5.37
N TYR A 53 -3.92 -8.48 -5.78
CA TYR A 53 -4.44 -7.12 -5.60
C TYR A 53 -4.66 -6.43 -6.95
N ASN A 54 -5.15 -5.20 -6.91
CA ASN A 54 -5.40 -4.42 -8.14
C ASN A 54 -4.65 -3.08 -8.09
N THR A 55 -3.54 -3.01 -8.84
CA THR A 55 -2.72 -1.80 -8.88
C THR A 55 -3.42 -0.65 -9.61
N THR A 56 -4.45 -0.10 -8.96
CA THR A 56 -5.23 1.01 -9.52
C THR A 56 -5.28 2.20 -8.57
N ASN A 57 -4.26 2.34 -7.72
CA ASN A 57 -4.18 3.43 -6.76
C ASN A 57 -2.74 3.90 -6.58
N ASN A 58 -2.54 4.89 -5.70
CA ASN A 58 -1.19 5.43 -5.46
C ASN A 58 -0.82 5.40 -3.98
N GLY A 59 0.22 4.62 -3.65
CA GLY A 59 0.69 4.54 -2.28
C GLY A 59 1.89 5.42 -2.03
N TYR A 60 1.74 6.70 -2.35
CA TYR A 60 2.83 7.68 -2.17
C TYR A 60 3.27 7.78 -0.71
N ARG A 61 4.40 8.47 -0.49
CA ARG A 61 4.94 8.65 0.86
C ARG A 61 5.54 10.06 1.04
N GLU A 62 5.84 10.41 2.28
CA GLU A 62 6.43 11.72 2.59
C GLU A 62 7.95 11.62 2.80
N CYS A 63 8.71 11.98 1.76
CA CYS A 63 10.17 11.94 1.83
C CYS A 63 10.70 13.19 2.53
N LEU A 64 10.91 13.09 3.85
CA LEU A 64 11.40 14.20 4.67
C LEU A 64 12.39 15.10 3.91
N ALA A 65 12.02 16.37 3.74
CA ALA A 65 12.88 17.33 3.03
C ALA A 65 14.12 17.69 3.86
N ASN A 66 14.96 16.68 4.12
CA ASN A 66 16.18 16.88 4.90
C ASN A 66 17.04 15.60 4.90
N GLY A 67 16.49 14.53 5.44
CA GLY A 67 17.20 13.25 5.50
C GLY A 67 16.51 12.22 6.35
N SER A 68 15.25 11.91 6.00
CA SER A 68 14.47 10.92 6.74
C SER A 68 13.25 10.47 5.94
N TRP A 69 12.27 9.87 6.62
CA TRP A 69 11.05 9.39 5.97
C TRP A 69 9.83 9.56 6.88
N ALA A 70 8.64 9.57 6.28
CA ALA A 70 7.40 9.73 7.04
C ALA A 70 6.76 8.37 7.31
N ALA A 71 6.48 8.09 8.58
CA ALA A 71 5.87 6.83 8.99
C ALA A 71 4.38 6.75 8.62
N ARG A 72 4.07 6.96 7.34
CA ARG A 72 2.69 6.89 6.87
C ARG A 72 2.62 6.60 5.37
N VAL A 73 2.28 5.35 5.04
CA VAL A 73 2.17 4.91 3.65
C VAL A 73 0.72 5.06 3.15
N ASN A 74 0.56 5.69 1.99
CA ASN A 74 -0.77 5.92 1.41
C ASN A 74 -1.20 4.80 0.44
N TYR A 75 -0.51 3.66 0.46
CA TYR A 75 -0.84 2.54 -0.45
C TYR A 75 -2.13 1.80 -0.02
N SER A 76 -2.69 2.17 1.15
CA SER A 76 -3.92 1.56 1.63
C SER A 76 -5.04 1.72 0.59
N GLU A 77 -4.93 2.78 -0.23
CA GLU A 77 -5.89 3.09 -1.29
C GLU A 77 -6.39 1.83 -2.01
N CYS A 78 -5.50 0.87 -2.23
CA CYS A 78 -5.86 -0.37 -2.93
C CYS A 78 -6.69 -1.31 -2.05
N GLN A 79 -7.96 -1.46 -2.38
CA GLN A 79 -8.87 -2.34 -1.63
C GLN A 79 -8.67 -3.79 -2.06
N GLU A 80 -9.32 -4.73 -1.34
CA GLU A 80 -9.21 -6.15 -1.66
C GLU A 80 -10.15 -6.54 -2.81
N ILE A 81 -9.75 -7.54 -3.58
CA ILE A 81 -10.54 -8.01 -4.72
C ILE A 81 -10.49 -9.53 -4.86
N LEU A 82 -10.95 -10.23 -3.82
CA LEU A 82 -10.96 -11.69 -3.82
C LEU A 82 -11.87 -12.25 -4.91
N ASN A 83 -12.89 -11.48 -5.32
CA ASN A 83 -13.84 -11.90 -6.36
C ASN A 83 -14.71 -13.04 -5.86
N GLU A 84 -15.62 -12.73 -4.95
CA GLU A 84 -16.53 -13.71 -4.37
C GLU A 84 -17.41 -14.36 -5.45
N PRO B 1 -38.48 9.69 -7.56
CA PRO B 1 -37.83 8.40 -7.83
C PRO B 1 -38.59 7.22 -7.20
N PRO B 2 -39.49 6.58 -7.96
CA PRO B 2 -40.27 5.44 -7.48
C PRO B 2 -39.47 4.14 -7.41
N ILE B 3 -40.05 3.12 -6.77
CA ILE B 3 -39.41 1.81 -6.62
C ILE B 3 -38.36 1.83 -5.50
N SER B 4 -38.29 0.74 -4.75
CA SER B 4 -37.32 0.62 -3.65
C SER B 4 -36.09 -0.18 -4.07
N LEU B 5 -34.96 0.50 -4.25
CA LEU B 5 -33.72 -0.15 -4.66
C LEU B 5 -32.85 -0.50 -3.46
N ASP B 6 -32.50 0.51 -2.65
CA ASP B 6 -31.65 0.30 -1.49
C ASP B 6 -32.47 -0.14 -0.26
N LEU B 7 -31.88 -0.02 0.94
CA LEU B 7 -32.56 -0.40 2.19
C LEU B 7 -32.79 -1.91 2.24
N THR B 8 -33.76 -2.39 1.45
CA THR B 8 -34.06 -3.82 1.39
C THR B 8 -32.88 -4.58 0.79
N PHE B 9 -32.28 -4.02 -0.26
CA PHE B 9 -31.14 -4.64 -0.91
C PHE B 9 -29.92 -4.59 0.00
N ASN B 10 -29.74 -3.46 0.69
CA ASN B 10 -28.63 -3.28 1.62
C ASN B 10 -28.63 -4.41 2.66
N LEU B 11 -29.77 -4.58 3.33
CA LEU B 11 -29.93 -5.63 4.35
C LEU B 11 -29.45 -6.99 3.83
N LEU B 12 -30.07 -7.48 2.76
CA LEU B 12 -29.67 -8.77 2.19
C LEU B 12 -28.20 -8.73 1.74
N ARG B 13 -27.77 -7.58 1.22
CA ARG B 13 -26.39 -7.41 0.77
C ARG B 13 -25.42 -7.50 1.96
N GLU B 14 -25.61 -6.64 2.97
CA GLU B 14 -24.75 -6.68 4.16
C GLU B 14 -24.83 -8.04 4.84
N VAL B 15 -26.05 -8.59 4.96
CA VAL B 15 -26.24 -9.90 5.57
C VAL B 15 -25.49 -10.97 4.77
N LEU B 16 -25.64 -10.94 3.44
CA LEU B 16 -24.97 -11.89 2.55
C LEU B 16 -23.45 -11.69 2.60
N GLU B 17 -22.99 -10.44 2.53
CA GLU B 17 -21.56 -10.14 2.57
C GLU B 17 -20.89 -10.79 3.80
N ILE B 18 -21.62 -10.88 4.91
CA ILE B 18 -21.11 -11.50 6.14
C ILE B 18 -20.57 -12.91 5.86
N ALA B 19 -21.20 -13.62 4.93
CA ALA B 19 -20.78 -14.98 4.57
C ALA B 19 -19.53 -14.98 3.67
N LYS B 20 -19.10 -13.79 3.23
CA LYS B 20 -17.92 -13.67 2.38
C LYS B 20 -16.72 -13.12 3.17
N ALA B 21 -16.99 -12.15 4.06
CA ALA B 21 -15.95 -11.55 4.89
C ALA B 21 -15.11 -12.61 5.62
N GLU B 22 -15.76 -13.69 6.02
CA GLU B 22 -15.09 -14.80 6.73
C GLU B 22 -13.68 -15.10 6.17
N GLN B 23 -13.59 -15.36 4.86
CA GLN B 23 -12.31 -15.67 4.23
C GLN B 23 -11.33 -14.48 4.32
N GLU B 24 -11.78 -13.29 3.91
CA GLU B 24 -10.93 -12.10 3.98
C GLU B 24 -10.56 -11.80 5.43
N ALA B 25 -11.48 -12.10 6.35
CA ALA B 25 -11.25 -11.90 7.78
C ALA B 25 -9.95 -12.56 8.24
N GLU B 26 -9.51 -13.59 7.51
CA GLU B 26 -8.27 -14.28 7.84
C GLU B 26 -7.18 -13.96 6.81
N GLU B 27 -7.38 -14.41 5.57
CA GLU B 27 -6.43 -14.16 4.49
C GLU B 27 -6.24 -12.67 4.25
N ALA B 28 -7.26 -12.03 3.68
CA ALA B 28 -7.21 -10.59 3.40
C ALA B 28 -6.79 -9.78 4.63
N ALA B 29 -7.41 -10.05 5.78
CA ALA B 29 -7.12 -9.34 7.03
C ALA B 29 -5.64 -8.99 7.20
N LYS B 30 -4.77 -10.01 7.18
CA LYS B 30 -3.33 -9.78 7.34
C LYS B 30 -2.81 -8.75 6.32
N ASN B 31 -3.49 -8.64 5.18
CA ASN B 31 -3.14 -7.67 4.15
C ASN B 31 -3.99 -6.40 4.34
N ARG B 32 -5.28 -6.61 4.61
CA ARG B 32 -6.22 -5.50 4.84
C ARG B 32 -5.68 -4.55 5.90
N LEU B 33 -5.29 -5.09 7.06
CA LEU B 33 -4.74 -4.27 8.14
C LEU B 33 -3.40 -3.67 7.72
N LEU B 34 -2.51 -4.51 7.18
CA LEU B 34 -1.20 -4.05 6.71
C LEU B 34 -1.33 -2.96 5.65
N LEU B 35 -2.46 -2.94 4.94
CA LEU B 35 -2.69 -1.93 3.91
C LEU B 35 -2.93 -0.57 4.55
N GLU B 36 -3.86 -0.52 5.51
CA GLU B 36 -4.19 0.73 6.21
C GLU B 36 -3.17 1.07 7.31
N GLU B 37 -2.79 0.07 8.10
CA GLU B 37 -1.83 0.28 9.19
C GLU B 37 -0.57 1.00 8.70
N ALA B 38 -0.05 0.58 7.54
CA ALA B 38 1.14 1.20 6.97
C ALA B 38 0.86 2.65 6.57
#